data_5QY0
# 
_entry.id   5QY0 
# 
_audit_conform.dict_name       mmcif_pdbx.dic 
_audit_conform.dict_version    5.387 
_audit_conform.dict_location   http://mmcif.pdb.org/dictionaries/ascii/mmcif_pdbx.dic 
# 
loop_
_database_2.database_id 
_database_2.database_code 
_database_2.pdbx_database_accession 
_database_2.pdbx_DOI 
PDB   5QY0         pdb_00005qy0 10.2210/pdb5qy0/pdb 
WWPDB D_1001402470 ?            ?                   
# 
loop_
_pdbx_audit_revision_history.ordinal 
_pdbx_audit_revision_history.data_content_type 
_pdbx_audit_revision_history.major_revision 
_pdbx_audit_revision_history.minor_revision 
_pdbx_audit_revision_history.revision_date 
1 'Structure model' 1 0 2020-04-08 
2 'Structure model' 1 1 2024-03-06 
# 
_pdbx_audit_revision_details.ordinal             1 
_pdbx_audit_revision_details.revision_ordinal    1 
_pdbx_audit_revision_details.data_content_type   'Structure model' 
_pdbx_audit_revision_details.provider            repository 
_pdbx_audit_revision_details.type                'Initial release' 
_pdbx_audit_revision_details.description         ? 
_pdbx_audit_revision_details.details             ? 
# 
loop_
_pdbx_audit_revision_group.ordinal 
_pdbx_audit_revision_group.revision_ordinal 
_pdbx_audit_revision_group.data_content_type 
_pdbx_audit_revision_group.group 
1 2 'Structure model' 'Data collection'     
2 2 'Structure model' 'Database references' 
# 
loop_
_pdbx_audit_revision_category.ordinal 
_pdbx_audit_revision_category.revision_ordinal 
_pdbx_audit_revision_category.data_content_type 
_pdbx_audit_revision_category.category 
1 2 'Structure model' chem_comp_atom 
2 2 'Structure model' chem_comp_bond 
3 2 'Structure model' database_2     
# 
loop_
_pdbx_audit_revision_item.ordinal 
_pdbx_audit_revision_item.revision_ordinal 
_pdbx_audit_revision_item.data_content_type 
_pdbx_audit_revision_item.item 
1 2 'Structure model' '_database_2.pdbx_DOI'                
2 2 'Structure model' '_database_2.pdbx_database_accession' 
# 
_pdbx_database_status.entry_id                        5QY0 
_pdbx_database_status.status_code                     REL 
_pdbx_database_status.status_code_sf                  REL 
_pdbx_database_status.status_code_mr                  ? 
_pdbx_database_status.status_code_cs                  ? 
_pdbx_database_status.recvd_initial_deposition_date   2020-03-09 
_pdbx_database_status.deposit_site                    RCSB 
_pdbx_database_status.process_site                    RCSB 
_pdbx_database_status.SG_entry                        ? 
_pdbx_database_status.pdb_format_compatible           Y 
_pdbx_database_status.methods_development_category    ? 
_pdbx_database_status.status_code_nmr_data            ? 
# 
loop_
_audit_author.name 
_audit_author.pdbx_ordinal 
_audit_author.identifier_ORCID 
'Snee, M.'         1 ? 
'Talon, R.'        2 ? 
'Fowley, D.'       3 ? 
'Collins, P.'      4 ? 
'Nelson, A.'       5 ? 
'Arrowsmith, C.H.' 6 ? 
'Bountra, C.'      7 ? 
'Edwards, A.'      8 ? 
'Von-Delft, F.'    9 ? 
# 
_citation.id                        primary 
_citation.title                     'PanDDA analysis group deposition - Bromodomain of human ATAD2 fragment screening' 
_citation.journal_abbrev            'To Be Published' 
_citation.journal_volume            ? 
_citation.page_first                ? 
_citation.page_last                 ? 
_citation.year                      ? 
_citation.journal_id_ASTM           ? 
_citation.country                   ? 
_citation.journal_id_ISSN           ? 
_citation.journal_id_CSD            0353 
_citation.book_publisher            ? 
_citation.pdbx_database_id_PubMed   ? 
_citation.pdbx_database_id_DOI      ? 
# 
loop_
_citation_author.citation_id 
_citation_author.name 
_citation_author.identifier_ORCID 
_citation_author.ordinal 
primary 'Snee, M.'         ? 1 
primary 'Talon, R.'        ? 2 
primary 'Fowley, D.'       ? 3 
primary 'Collins, P.'      ? 4 
primary 'Nelson, A.'       ? 5 
primary 'Arrowsmith, C.H.' ? 6 
primary 'Bountra, C.'      ? 7 
primary 'Edwards, A.'      ? 8 
primary 'Von-Delft, F.'    ? 9 
# 
loop_
_entity.id 
_entity.type 
_entity.src_method 
_entity.pdbx_description 
_entity.formula_weight 
_entity.pdbx_number_of_molecules 
_entity.pdbx_ec 
_entity.pdbx_mutation 
_entity.pdbx_fragment 
_entity.details 
1 polymer     man 'ATPase family AAA domain-containing protein 2' 15512.562 1   3.6.1.3 ? ? ? 
2 non-polymer syn 
"(4R,4aS,7aS,9S)-6-ethyl-3,10-dimethyl-5,6,7,7a,8,9-hexahydro-4H-4a,9-epiminopyrrolo[3',4':5,6]cyclohepta[1,2-d][1,2]oxazol-4-ol" 
263.335   2   ?       ? ? ? 
3 non-polymer syn 'SULFATE ION' 96.063    2   ?       ? ? ? 
4 non-polymer syn 1,2-ETHANEDIOL 62.068    2   ?       ? ? ? 
5 water       nat water 18.015    209 ?       ? ? ? 
# 
_entity_name_com.entity_id   1 
_entity_name_com.name        'AAA nuclear coregulator cancer-associated protein,ANCCA' 
# 
_entity_poly.entity_id                      1 
_entity_poly.type                           'polypeptide(L)' 
_entity_poly.nstd_linkage                   no 
_entity_poly.nstd_monomer                   no 
_entity_poly.pdbx_seq_one_letter_code       
;SMQEEDTFRELRIFLRNVTHRLAIDKRFRVFTKPVDPDEVPDYRTVIKEPMDLSSVISKIDLHKYLTVKDYLRDIDLICS
NALEYNPDRDPGDRLIRHRACALRDTAYAIIKEELDEDFEQLCEEIQESR
;
_entity_poly.pdbx_seq_one_letter_code_can   
;SMQEEDTFRELRIFLRNVTHRLAIDKRFRVFTKPVDPDEVPDYRTVIKEPMDLSSVISKIDLHKYLTVKDYLRDIDLICS
NALEYNPDRDPGDRLIRHRACALRDTAYAIIKEELDEDFEQLCEEIQESR
;
_entity_poly.pdbx_strand_id                 A 
_entity_poly.pdbx_target_identifier         ? 
# 
loop_
_pdbx_entity_nonpoly.entity_id 
_pdbx_entity_nonpoly.name 
_pdbx_entity_nonpoly.comp_id 
2 
"(4R,4aS,7aS,9S)-6-ethyl-3,10-dimethyl-5,6,7,7a,8,9-hexahydro-4H-4a,9-epiminopyrrolo[3',4':5,6]cyclohepta[1,2-d][1,2]oxazol-4-ol" 
RKJ 
3 'SULFATE ION' SO4 
4 1,2-ETHANEDIOL EDO 
5 water HOH 
# 
loop_
_entity_poly_seq.entity_id 
_entity_poly_seq.num 
_entity_poly_seq.mon_id 
_entity_poly_seq.hetero 
1 1   SER n 
1 2   MET n 
1 3   GLN n 
1 4   GLU n 
1 5   GLU n 
1 6   ASP n 
1 7   THR n 
1 8   PHE n 
1 9   ARG n 
1 10  GLU n 
1 11  LEU n 
1 12  ARG n 
1 13  ILE n 
1 14  PHE n 
1 15  LEU n 
1 16  ARG n 
1 17  ASN n 
1 18  VAL n 
1 19  THR n 
1 20  HIS n 
1 21  ARG n 
1 22  LEU n 
1 23  ALA n 
1 24  ILE n 
1 25  ASP n 
1 26  LYS n 
1 27  ARG n 
1 28  PHE n 
1 29  ARG n 
1 30  VAL n 
1 31  PHE n 
1 32  THR n 
1 33  LYS n 
1 34  PRO n 
1 35  VAL n 
1 36  ASP n 
1 37  PRO n 
1 38  ASP n 
1 39  GLU n 
1 40  VAL n 
1 41  PRO n 
1 42  ASP n 
1 43  TYR n 
1 44  ARG n 
1 45  THR n 
1 46  VAL n 
1 47  ILE n 
1 48  LYS n 
1 49  GLU n 
1 50  PRO n 
1 51  MET n 
1 52  ASP n 
1 53  LEU n 
1 54  SER n 
1 55  SER n 
1 56  VAL n 
1 57  ILE n 
1 58  SER n 
1 59  LYS n 
1 60  ILE n 
1 61  ASP n 
1 62  LEU n 
1 63  HIS n 
1 64  LYS n 
1 65  TYR n 
1 66  LEU n 
1 67  THR n 
1 68  VAL n 
1 69  LYS n 
1 70  ASP n 
1 71  TYR n 
1 72  LEU n 
1 73  ARG n 
1 74  ASP n 
1 75  ILE n 
1 76  ASP n 
1 77  LEU n 
1 78  ILE n 
1 79  CYS n 
1 80  SER n 
1 81  ASN n 
1 82  ALA n 
1 83  LEU n 
1 84  GLU n 
1 85  TYR n 
1 86  ASN n 
1 87  PRO n 
1 88  ASP n 
1 89  ARG n 
1 90  ASP n 
1 91  PRO n 
1 92  GLY n 
1 93  ASP n 
1 94  ARG n 
1 95  LEU n 
1 96  ILE n 
1 97  ARG n 
1 98  HIS n 
1 99  ARG n 
1 100 ALA n 
1 101 CYS n 
1 102 ALA n 
1 103 LEU n 
1 104 ARG n 
1 105 ASP n 
1 106 THR n 
1 107 ALA n 
1 108 TYR n 
1 109 ALA n 
1 110 ILE n 
1 111 ILE n 
1 112 LYS n 
1 113 GLU n 
1 114 GLU n 
1 115 LEU n 
1 116 ASP n 
1 117 GLU n 
1 118 ASP n 
1 119 PHE n 
1 120 GLU n 
1 121 GLN n 
1 122 LEU n 
1 123 CYS n 
1 124 GLU n 
1 125 GLU n 
1 126 ILE n 
1 127 GLN n 
1 128 GLU n 
1 129 SER n 
1 130 ARG n 
# 
_entity_src_gen.entity_id                          1 
_entity_src_gen.pdbx_src_id                        1 
_entity_src_gen.pdbx_alt_source_flag               sample 
_entity_src_gen.pdbx_seq_type                      'Biological sequence' 
_entity_src_gen.pdbx_beg_seq_num                   1 
_entity_src_gen.pdbx_end_seq_num                   130 
_entity_src_gen.gene_src_common_name               Human 
_entity_src_gen.gene_src_genus                     ? 
_entity_src_gen.pdbx_gene_src_gene                 'ATAD2, L16, PRO2000' 
_entity_src_gen.gene_src_species                   ? 
_entity_src_gen.gene_src_strain                    ? 
_entity_src_gen.gene_src_tissue                    ? 
_entity_src_gen.gene_src_tissue_fraction           ? 
_entity_src_gen.gene_src_details                   ? 
_entity_src_gen.pdbx_gene_src_fragment             ? 
_entity_src_gen.pdbx_gene_src_scientific_name      'Homo sapiens' 
_entity_src_gen.pdbx_gene_src_ncbi_taxonomy_id     9606 
_entity_src_gen.pdbx_gene_src_variant              ? 
_entity_src_gen.pdbx_gene_src_cell_line            ? 
_entity_src_gen.pdbx_gene_src_atcc                 ? 
_entity_src_gen.pdbx_gene_src_organ                ? 
_entity_src_gen.pdbx_gene_src_organelle            ? 
_entity_src_gen.pdbx_gene_src_cell                 ? 
_entity_src_gen.pdbx_gene_src_cellular_location    ? 
_entity_src_gen.host_org_common_name               ? 
_entity_src_gen.pdbx_host_org_scientific_name      'Escherichia coli' 
_entity_src_gen.pdbx_host_org_ncbi_taxonomy_id     562 
_entity_src_gen.host_org_genus                     ? 
_entity_src_gen.pdbx_host_org_gene                 ? 
_entity_src_gen.pdbx_host_org_organ                ? 
_entity_src_gen.host_org_species                   ? 
_entity_src_gen.pdbx_host_org_tissue               ? 
_entity_src_gen.pdbx_host_org_tissue_fraction      ? 
_entity_src_gen.pdbx_host_org_strain               ? 
_entity_src_gen.pdbx_host_org_variant              ? 
_entity_src_gen.pdbx_host_org_cell_line            ? 
_entity_src_gen.pdbx_host_org_atcc                 ? 
_entity_src_gen.pdbx_host_org_culture_collection   ? 
_entity_src_gen.pdbx_host_org_cell                 ? 
_entity_src_gen.pdbx_host_org_organelle            ? 
_entity_src_gen.pdbx_host_org_cellular_location    ? 
_entity_src_gen.pdbx_host_org_vector_type          ? 
_entity_src_gen.pdbx_host_org_vector               ? 
_entity_src_gen.host_org_details                   ? 
_entity_src_gen.expression_system_id               ? 
_entity_src_gen.plasmid_name                       ? 
_entity_src_gen.plasmid_details                    ? 
_entity_src_gen.pdbx_description                   ? 
# 
loop_
_chem_comp.id 
_chem_comp.type 
_chem_comp.mon_nstd_flag 
_chem_comp.name 
_chem_comp.pdbx_synonyms 
_chem_comp.formula 
_chem_comp.formula_weight 
ALA 'L-peptide linking' y ALANINE ?                 'C3 H7 N O2'     89.093  
ARG 'L-peptide linking' y ARGININE ?                 'C6 H15 N4 O2 1' 175.209 
ASN 'L-peptide linking' y ASPARAGINE ?                 'C4 H8 N2 O3'    132.118 
ASP 'L-peptide linking' y 'ASPARTIC ACID' ?                 'C4 H7 N O4'     133.103 
CYS 'L-peptide linking' y CYSTEINE ?                 'C3 H7 N O2 S'   121.158 
EDO non-polymer         . 1,2-ETHANEDIOL 'ETHYLENE GLYCOL' 'C2 H6 O2'       62.068  
GLN 'L-peptide linking' y GLUTAMINE ?                 'C5 H10 N2 O3'   146.144 
GLU 'L-peptide linking' y 'GLUTAMIC ACID' ?                 'C5 H9 N O4'     147.129 
GLY 'peptide linking'   y GLYCINE ?                 'C2 H5 N O2'     75.067  
HIS 'L-peptide linking' y HISTIDINE ?                 'C6 H10 N3 O2 1' 156.162 
HOH non-polymer         . WATER ?                 'H2 O'           18.015  
ILE 'L-peptide linking' y ISOLEUCINE ?                 'C6 H13 N O2'    131.173 
LEU 'L-peptide linking' y LEUCINE ?                 'C6 H13 N O2'    131.173 
LYS 'L-peptide linking' y LYSINE ?                 'C6 H15 N2 O2 1' 147.195 
MET 'L-peptide linking' y METHIONINE ?                 'C5 H11 N O2 S'  149.211 
PHE 'L-peptide linking' y PHENYLALANINE ?                 'C9 H11 N O2'    165.189 
PRO 'L-peptide linking' y PROLINE ?                 'C5 H9 N O2'     115.130 
RKJ non-polymer         . 
"(4R,4aS,7aS,9S)-6-ethyl-3,10-dimethyl-5,6,7,7a,8,9-hexahydro-4H-4a,9-epiminopyrrolo[3',4':5,6]cyclohepta[1,2-d][1,2]oxazol-4-ol" 
?                 'C14 H21 N3 O2'  263.335 
SER 'L-peptide linking' y SERINE ?                 'C3 H7 N O3'     105.093 
SO4 non-polymer         . 'SULFATE ION' ?                 'O4 S -2'        96.063  
THR 'L-peptide linking' y THREONINE ?                 'C4 H9 N O3'     119.119 
TYR 'L-peptide linking' y TYROSINE ?                 'C9 H11 N O3'    181.189 
VAL 'L-peptide linking' y VALINE ?                 'C5 H11 N O2'    117.146 
# 
loop_
_pdbx_poly_seq_scheme.asym_id 
_pdbx_poly_seq_scheme.entity_id 
_pdbx_poly_seq_scheme.seq_id 
_pdbx_poly_seq_scheme.mon_id 
_pdbx_poly_seq_scheme.ndb_seq_num 
_pdbx_poly_seq_scheme.pdb_seq_num 
_pdbx_poly_seq_scheme.auth_seq_num 
_pdbx_poly_seq_scheme.pdb_mon_id 
_pdbx_poly_seq_scheme.auth_mon_id 
_pdbx_poly_seq_scheme.pdb_strand_id 
_pdbx_poly_seq_scheme.pdb_ins_code 
_pdbx_poly_seq_scheme.hetero 
A 1 1   SER 1   979  979  SER SER A . n 
A 1 2   MET 2   980  980  MET MET A . n 
A 1 3   GLN 3   981  981  GLN GLN A . n 
A 1 4   GLU 4   982  982  GLU GLU A . n 
A 1 5   GLU 5   983  983  GLU GLU A . n 
A 1 6   ASP 6   984  984  ASP ASP A . n 
A 1 7   THR 7   985  985  THR THR A . n 
A 1 8   PHE 8   986  986  PHE PHE A . n 
A 1 9   ARG 9   987  987  ARG ARG A . n 
A 1 10  GLU 10  988  988  GLU GLU A . n 
A 1 11  LEU 11  989  989  LEU LEU A . n 
A 1 12  ARG 12  990  990  ARG ARG A . n 
A 1 13  ILE 13  991  991  ILE ILE A . n 
A 1 14  PHE 14  992  992  PHE PHE A . n 
A 1 15  LEU 15  993  993  LEU LEU A . n 
A 1 16  ARG 16  994  994  ARG ARG A . n 
A 1 17  ASN 17  995  995  ASN ASN A . n 
A 1 18  VAL 18  996  996  VAL VAL A . n 
A 1 19  THR 19  997  997  THR THR A . n 
A 1 20  HIS 20  998  998  HIS HIS A . n 
A 1 21  ARG 21  999  999  ARG ARG A . n 
A 1 22  LEU 22  1000 1000 LEU LEU A . n 
A 1 23  ALA 23  1001 1001 ALA ALA A . n 
A 1 24  ILE 24  1002 1002 ILE ILE A . n 
A 1 25  ASP 25  1003 1003 ASP ASP A . n 
A 1 26  LYS 26  1004 1004 LYS LYS A . n 
A 1 27  ARG 27  1005 1005 ARG ARG A . n 
A 1 28  PHE 28  1006 1006 PHE PHE A . n 
A 1 29  ARG 29  1007 1007 ARG ARG A . n 
A 1 30  VAL 30  1008 1008 VAL VAL A . n 
A 1 31  PHE 31  1009 1009 PHE PHE A . n 
A 1 32  THR 32  1010 1010 THR THR A . n 
A 1 33  LYS 33  1011 1011 LYS LYS A . n 
A 1 34  PRO 34  1012 1012 PRO PRO A . n 
A 1 35  VAL 35  1013 1013 VAL VAL A . n 
A 1 36  ASP 36  1014 1014 ASP ASP A . n 
A 1 37  PRO 37  1015 1015 PRO PRO A . n 
A 1 38  ASP 38  1016 1016 ASP ASP A . n 
A 1 39  GLU 39  1017 1017 GLU GLU A . n 
A 1 40  VAL 40  1018 1018 VAL VAL A . n 
A 1 41  PRO 41  1019 1019 PRO PRO A . n 
A 1 42  ASP 42  1020 1020 ASP ASP A . n 
A 1 43  TYR 43  1021 1021 TYR TYR A . n 
A 1 44  ARG 44  1022 1022 ARG ARG A . n 
A 1 45  THR 45  1023 1023 THR THR A . n 
A 1 46  VAL 46  1024 1024 VAL VAL A . n 
A 1 47  ILE 47  1025 1025 ILE ILE A . n 
A 1 48  LYS 48  1026 1026 LYS LYS A . n 
A 1 49  GLU 49  1027 1027 GLU GLU A . n 
A 1 50  PRO 50  1028 1028 PRO PRO A . n 
A 1 51  MET 51  1029 1029 MET MET A . n 
A 1 52  ASP 52  1030 1030 ASP ASP A . n 
A 1 53  LEU 53  1031 1031 LEU LEU A . n 
A 1 54  SER 54  1032 1032 SER SER A . n 
A 1 55  SER 55  1033 1033 SER SER A . n 
A 1 56  VAL 56  1034 1034 VAL VAL A . n 
A 1 57  ILE 57  1035 1035 ILE ILE A . n 
A 1 58  SER 58  1036 1036 SER SER A . n 
A 1 59  LYS 59  1037 1037 LYS LYS A . n 
A 1 60  ILE 60  1038 1038 ILE ILE A . n 
A 1 61  ASP 61  1039 1039 ASP ASP A . n 
A 1 62  LEU 62  1040 1040 LEU LEU A . n 
A 1 63  HIS 63  1041 1041 HIS HIS A . n 
A 1 64  LYS 64  1042 1042 LYS LYS A . n 
A 1 65  TYR 65  1043 1043 TYR TYR A . n 
A 1 66  LEU 66  1044 1044 LEU LEU A . n 
A 1 67  THR 67  1045 1045 THR THR A . n 
A 1 68  VAL 68  1046 1046 VAL VAL A . n 
A 1 69  LYS 69  1047 1047 LYS LYS A . n 
A 1 70  ASP 70  1048 1048 ASP ASP A . n 
A 1 71  TYR 71  1049 1049 TYR TYR A . n 
A 1 72  LEU 72  1050 1050 LEU LEU A . n 
A 1 73  ARG 73  1051 1051 ARG ARG A . n 
A 1 74  ASP 74  1052 1052 ASP ASP A . n 
A 1 75  ILE 75  1053 1053 ILE ILE A . n 
A 1 76  ASP 76  1054 1054 ASP ASP A . n 
A 1 77  LEU 77  1055 1055 LEU LEU A . n 
A 1 78  ILE 78  1056 1056 ILE ILE A . n 
A 1 79  CYS 79  1057 1057 CYS CYS A . n 
A 1 80  SER 80  1058 1058 SER SER A . n 
A 1 81  ASN 81  1059 1059 ASN ASN A . n 
A 1 82  ALA 82  1060 1060 ALA ALA A . n 
A 1 83  LEU 83  1061 1061 LEU LEU A . n 
A 1 84  GLU 84  1062 1062 GLU GLU A . n 
A 1 85  TYR 85  1063 1063 TYR TYR A . n 
A 1 86  ASN 86  1064 1064 ASN ASN A . n 
A 1 87  PRO 87  1065 1065 PRO PRO A . n 
A 1 88  ASP 88  1066 1066 ASP ASP A . n 
A 1 89  ARG 89  1067 1067 ARG ARG A . n 
A 1 90  ASP 90  1068 1068 ASP ASP A . n 
A 1 91  PRO 91  1069 1069 PRO PRO A . n 
A 1 92  GLY 92  1070 1070 GLY GLY A . n 
A 1 93  ASP 93  1071 1071 ASP ASP A . n 
A 1 94  ARG 94  1072 1072 ARG ARG A . n 
A 1 95  LEU 95  1073 1073 LEU LEU A . n 
A 1 96  ILE 96  1074 1074 ILE ILE A . n 
A 1 97  ARG 97  1075 1075 ARG ARG A . n 
A 1 98  HIS 98  1076 1076 HIS HIS A . n 
A 1 99  ARG 99  1077 1077 ARG ARG A . n 
A 1 100 ALA 100 1078 1078 ALA ALA A . n 
A 1 101 CYS 101 1079 1079 CYS CYS A . n 
A 1 102 ALA 102 1080 1080 ALA ALA A . n 
A 1 103 LEU 103 1081 1081 LEU LEU A . n 
A 1 104 ARG 104 1082 1082 ARG ARG A . n 
A 1 105 ASP 105 1083 1083 ASP ASP A . n 
A 1 106 THR 106 1084 1084 THR THR A . n 
A 1 107 ALA 107 1085 1085 ALA ALA A . n 
A 1 108 TYR 108 1086 1086 TYR TYR A . n 
A 1 109 ALA 109 1087 1087 ALA ALA A . n 
A 1 110 ILE 110 1088 1088 ILE ILE A . n 
A 1 111 ILE 111 1089 1089 ILE ILE A . n 
A 1 112 LYS 112 1090 1090 LYS LYS A . n 
A 1 113 GLU 113 1091 1091 GLU GLU A . n 
A 1 114 GLU 114 1092 1092 GLU GLU A . n 
A 1 115 LEU 115 1093 1093 LEU LEU A . n 
A 1 116 ASP 116 1094 1094 ASP ASP A . n 
A 1 117 GLU 117 1095 1095 GLU GLU A . n 
A 1 118 ASP 118 1096 1096 ASP ASP A . n 
A 1 119 PHE 119 1097 1097 PHE PHE A . n 
A 1 120 GLU 120 1098 1098 GLU GLU A . n 
A 1 121 GLN 121 1099 1099 GLN GLN A . n 
A 1 122 LEU 122 1100 1100 LEU LEU A . n 
A 1 123 CYS 123 1101 1101 CYS CYS A . n 
A 1 124 GLU 124 1102 1102 GLU GLU A . n 
A 1 125 GLU 125 1103 1103 GLU GLU A . n 
A 1 126 ILE 126 1104 1104 ILE ILE A . n 
A 1 127 GLN 127 1105 1105 GLN GLN A . n 
A 1 128 GLU 128 1106 1106 GLU GLU A . n 
A 1 129 SER 129 1107 1107 SER SER A . n 
A 1 130 ARG 130 1108 1108 ARG ARG A . n 
# 
loop_
_pdbx_nonpoly_scheme.asym_id 
_pdbx_nonpoly_scheme.entity_id 
_pdbx_nonpoly_scheme.mon_id 
_pdbx_nonpoly_scheme.ndb_seq_num 
_pdbx_nonpoly_scheme.pdb_seq_num 
_pdbx_nonpoly_scheme.auth_seq_num 
_pdbx_nonpoly_scheme.pdb_mon_id 
_pdbx_nonpoly_scheme.auth_mon_id 
_pdbx_nonpoly_scheme.pdb_strand_id 
_pdbx_nonpoly_scheme.pdb_ins_code 
B 2 RKJ 1   1201 1201 RKJ LIG A . 
C 2 RKJ 1   1202 1301 RKJ LIG A . 
D 3 SO4 1   1203 1    SO4 SO4 A . 
E 3 SO4 1   1204 2    SO4 SO4 A . 
F 4 EDO 1   1205 3    EDO EDO A . 
G 4 EDO 1   1206 6    EDO EDO A . 
H 5 HOH 1   1301 161  HOH HOH A . 
H 5 HOH 2   1302 158  HOH HOH A . 
H 5 HOH 3   1303 128  HOH HOH A . 
H 5 HOH 4   1304 32   HOH HOH A . 
H 5 HOH 5   1305 256  HOH HOH A . 
H 5 HOH 6   1306 134  HOH HOH A . 
H 5 HOH 7   1307 79   HOH HOH A . 
H 5 HOH 8   1308 34   HOH HOH A . 
H 5 HOH 9   1309 59   HOH HOH A . 
H 5 HOH 10  1310 68   HOH HOH A . 
H 5 HOH 11  1311 118  HOH HOH A . 
H 5 HOH 12  1312 76   HOH HOH A . 
H 5 HOH 13  1313 184  HOH HOH A . 
H 5 HOH 14  1314 106  HOH HOH A . 
H 5 HOH 15  1315 27   HOH HOH A . 
H 5 HOH 16  1316 20   HOH HOH A . 
H 5 HOH 17  1317 5    HOH HOH A . 
H 5 HOH 18  1318 191  HOH HOH A . 
H 5 HOH 19  1319 129  HOH HOH A . 
H 5 HOH 20  1320 75   HOH HOH A . 
H 5 HOH 21  1321 13   HOH HOH A . 
H 5 HOH 22  1322 50   HOH HOH A . 
H 5 HOH 23  1323 200  HOH HOH A . 
H 5 HOH 24  1324 107  HOH HOH A . 
H 5 HOH 25  1325 19   HOH HOH A . 
H 5 HOH 26  1326 17   HOH HOH A . 
H 5 HOH 27  1327 147  HOH HOH A . 
H 5 HOH 28  1328 189  HOH HOH A . 
H 5 HOH 29  1329 58   HOH HOH A . 
H 5 HOH 30  1330 56   HOH HOH A . 
H 5 HOH 31  1331 171  HOH HOH A . 
H 5 HOH 32  1332 139  HOH HOH A . 
H 5 HOH 33  1333 109  HOH HOH A . 
H 5 HOH 34  1334 87   HOH HOH A . 
H 5 HOH 35  1335 111  HOH HOH A . 
H 5 HOH 36  1336 33   HOH HOH A . 
H 5 HOH 37  1337 131  HOH HOH A . 
H 5 HOH 38  1338 165  HOH HOH A . 
H 5 HOH 39  1339 25   HOH HOH A . 
H 5 HOH 40  1340 100  HOH HOH A . 
H 5 HOH 41  1341 163  HOH HOH A . 
H 5 HOH 42  1342 1    HOH HOH A . 
H 5 HOH 43  1343 47   HOH HOH A . 
H 5 HOH 44  1344 77   HOH HOH A . 
H 5 HOH 45  1345 162  HOH HOH A . 
H 5 HOH 46  1346 92   HOH HOH A . 
H 5 HOH 47  1347 141  HOH HOH A . 
H 5 HOH 48  1348 16   HOH HOH A . 
H 5 HOH 49  1349 9    HOH HOH A . 
H 5 HOH 50  1350 221  HOH HOH A . 
H 5 HOH 51  1351 61   HOH HOH A . 
H 5 HOH 52  1352 201  HOH HOH A . 
H 5 HOH 53  1353 23   HOH HOH A . 
H 5 HOH 54  1354 99   HOH HOH A . 
H 5 HOH 55  1355 70   HOH HOH A . 
H 5 HOH 56  1356 154  HOH HOH A . 
H 5 HOH 57  1357 176  HOH HOH A . 
H 5 HOH 58  1358 28   HOH HOH A . 
H 5 HOH 59  1359 54   HOH HOH A . 
H 5 HOH 60  1360 94   HOH HOH A . 
H 5 HOH 61  1361 144  HOH HOH A . 
H 5 HOH 62  1362 22   HOH HOH A . 
H 5 HOH 63  1363 2    HOH HOH A . 
H 5 HOH 64  1364 142  HOH HOH A . 
H 5 HOH 65  1365 175  HOH HOH A . 
H 5 HOH 66  1366 80   HOH HOH A . 
H 5 HOH 67  1367 6    HOH HOH A . 
H 5 HOH 68  1368 160  HOH HOH A . 
H 5 HOH 69  1369 31   HOH HOH A . 
H 5 HOH 70  1370 197  HOH HOH A . 
H 5 HOH 71  1371 64   HOH HOH A . 
H 5 HOH 72  1372 21   HOH HOH A . 
H 5 HOH 73  1373 46   HOH HOH A . 
H 5 HOH 74  1374 30   HOH HOH A . 
H 5 HOH 75  1375 67   HOH HOH A . 
H 5 HOH 76  1376 203  HOH HOH A . 
H 5 HOH 77  1377 236  HOH HOH A . 
H 5 HOH 78  1378 45   HOH HOH A . 
H 5 HOH 79  1379 7    HOH HOH A . 
H 5 HOH 80  1380 43   HOH HOH A . 
H 5 HOH 81  1381 206  HOH HOH A . 
H 5 HOH 82  1382 181  HOH HOH A . 
H 5 HOH 83  1383 15   HOH HOH A . 
H 5 HOH 84  1384 247  HOH HOH A . 
H 5 HOH 85  1385 24   HOH HOH A . 
H 5 HOH 86  1386 113  HOH HOH A . 
H 5 HOH 87  1387 14   HOH HOH A . 
H 5 HOH 88  1388 102  HOH HOH A . 
H 5 HOH 89  1389 42   HOH HOH A . 
H 5 HOH 90  1390 104  HOH HOH A . 
H 5 HOH 91  1391 82   HOH HOH A . 
H 5 HOH 92  1392 49   HOH HOH A . 
H 5 HOH 93  1393 204  HOH HOH A . 
H 5 HOH 94  1394 40   HOH HOH A . 
H 5 HOH 95  1395 88   HOH HOH A . 
H 5 HOH 96  1396 85   HOH HOH A . 
H 5 HOH 97  1397 36   HOH HOH A . 
H 5 HOH 98  1398 12   HOH HOH A . 
H 5 HOH 99  1399 3    HOH HOH A . 
H 5 HOH 100 1400 78   HOH HOH A . 
H 5 HOH 101 1401 4    HOH HOH A . 
H 5 HOH 102 1402 202  HOH HOH A . 
H 5 HOH 103 1403 130  HOH HOH A . 
H 5 HOH 104 1404 196  HOH HOH A . 
H 5 HOH 105 1405 120  HOH HOH A . 
H 5 HOH 106 1406 172  HOH HOH A . 
H 5 HOH 107 1407 216  HOH HOH A . 
H 5 HOH 108 1408 95   HOH HOH A . 
H 5 HOH 109 1409 83   HOH HOH A . 
H 5 HOH 110 1410 10   HOH HOH A . 
H 5 HOH 111 1411 51   HOH HOH A . 
H 5 HOH 112 1412 53   HOH HOH A . 
H 5 HOH 113 1413 11   HOH HOH A . 
H 5 HOH 114 1414 101  HOH HOH A . 
H 5 HOH 115 1415 18   HOH HOH A . 
H 5 HOH 116 1416 97   HOH HOH A . 
H 5 HOH 117 1417 57   HOH HOH A . 
H 5 HOH 118 1418 105  HOH HOH A . 
H 5 HOH 119 1419 215  HOH HOH A . 
H 5 HOH 120 1420 26   HOH HOH A . 
H 5 HOH 121 1421 194  HOH HOH A . 
H 5 HOH 122 1422 207  HOH HOH A . 
H 5 HOH 123 1423 123  HOH HOH A . 
H 5 HOH 124 1424 140  HOH HOH A . 
H 5 HOH 125 1425 73   HOH HOH A . 
H 5 HOH 126 1426 179  HOH HOH A . 
H 5 HOH 127 1427 90   HOH HOH A . 
H 5 HOH 128 1428 145  HOH HOH A . 
H 5 HOH 129 1429 72   HOH HOH A . 
H 5 HOH 130 1430 89   HOH HOH A . 
H 5 HOH 131 1431 96   HOH HOH A . 
H 5 HOH 132 1432 240  HOH HOH A . 
H 5 HOH 133 1433 178  HOH HOH A . 
H 5 HOH 134 1434 122  HOH HOH A . 
H 5 HOH 135 1435 209  HOH HOH A . 
H 5 HOH 136 1436 254  HOH HOH A . 
H 5 HOH 137 1437 86   HOH HOH A . 
H 5 HOH 138 1438 237  HOH HOH A . 
H 5 HOH 139 1439 38   HOH HOH A . 
H 5 HOH 140 1440 41   HOH HOH A . 
H 5 HOH 141 1441 246  HOH HOH A . 
H 5 HOH 142 1442 188  HOH HOH A . 
H 5 HOH 143 1443 93   HOH HOH A . 
H 5 HOH 144 1444 180  HOH HOH A . 
H 5 HOH 145 1445 224  HOH HOH A . 
H 5 HOH 146 1446 39   HOH HOH A . 
H 5 HOH 147 1447 114  HOH HOH A . 
H 5 HOH 148 1448 199  HOH HOH A . 
H 5 HOH 149 1449 66   HOH HOH A . 
H 5 HOH 150 1450 230  HOH HOH A . 
H 5 HOH 151 1451 234  HOH HOH A . 
H 5 HOH 152 1452 81   HOH HOH A . 
H 5 HOH 153 1453 164  HOH HOH A . 
H 5 HOH 154 1454 177  HOH HOH A . 
H 5 HOH 155 1455 91   HOH HOH A . 
H 5 HOH 156 1456 152  HOH HOH A . 
H 5 HOH 157 1457 217  HOH HOH A . 
H 5 HOH 158 1458 135  HOH HOH A . 
H 5 HOH 159 1459 110  HOH HOH A . 
H 5 HOH 160 1460 167  HOH HOH A . 
H 5 HOH 161 1461 69   HOH HOH A . 
H 5 HOH 162 1462 186  HOH HOH A . 
H 5 HOH 163 1463 60   HOH HOH A . 
H 5 HOH 164 1464 155  HOH HOH A . 
H 5 HOH 165 1465 103  HOH HOH A . 
H 5 HOH 166 1466 220  HOH HOH A . 
H 5 HOH 167 1467 151  HOH HOH A . 
H 5 HOH 168 1468 225  HOH HOH A . 
H 5 HOH 169 1469 115  HOH HOH A . 
H 5 HOH 170 1470 150  HOH HOH A . 
H 5 HOH 171 1471 157  HOH HOH A . 
H 5 HOH 172 1472 112  HOH HOH A . 
H 5 HOH 173 1473 210  HOH HOH A . 
H 5 HOH 174 1474 174  HOH HOH A . 
H 5 HOH 175 1475 37   HOH HOH A . 
H 5 HOH 176 1476 8    HOH HOH A . 
H 5 HOH 177 1477 233  HOH HOH A . 
H 5 HOH 178 1478 132  HOH HOH A . 
H 5 HOH 179 1479 146  HOH HOH A . 
H 5 HOH 180 1480 159  HOH HOH A . 
H 5 HOH 181 1481 250  HOH HOH A . 
H 5 HOH 182 1482 84   HOH HOH A . 
H 5 HOH 183 1483 119  HOH HOH A . 
H 5 HOH 184 1484 125  HOH HOH A . 
H 5 HOH 185 1485 44   HOH HOH A . 
H 5 HOH 186 1486 149  HOH HOH A . 
H 5 HOH 187 1487 185  HOH HOH A . 
H 5 HOH 188 1488 248  HOH HOH A . 
H 5 HOH 189 1489 71   HOH HOH A . 
H 5 HOH 190 1490 127  HOH HOH A . 
H 5 HOH 191 1491 117  HOH HOH A . 
H 5 HOH 192 1492 137  HOH HOH A . 
H 5 HOH 193 1493 148  HOH HOH A . 
H 5 HOH 194 1494 168  HOH HOH A . 
H 5 HOH 195 1495 251  HOH HOH A . 
H 5 HOH 196 1496 74   HOH HOH A . 
H 5 HOH 197 1497 35   HOH HOH A . 
H 5 HOH 198 1498 63   HOH HOH A . 
H 5 HOH 199 1499 244  HOH HOH A . 
H 5 HOH 200 1500 205  HOH HOH A . 
H 5 HOH 201 1501 249  HOH HOH A . 
H 5 HOH 202 1502 183  HOH HOH A . 
H 5 HOH 203 1503 211  HOH HOH A . 
H 5 HOH 204 1504 255  HOH HOH A . 
H 5 HOH 205 1505 219  HOH HOH A . 
H 5 HOH 206 1506 213  HOH HOH A . 
H 5 HOH 207 1507 121  HOH HOH A . 
H 5 HOH 208 1508 136  HOH HOH A . 
H 5 HOH 209 1509 214  HOH HOH A . 
# 
loop_
_pdbx_unobs_or_zero_occ_atoms.id 
_pdbx_unobs_or_zero_occ_atoms.PDB_model_num 
_pdbx_unobs_or_zero_occ_atoms.polymer_flag 
_pdbx_unobs_or_zero_occ_atoms.occupancy_flag 
_pdbx_unobs_or_zero_occ_atoms.auth_asym_id 
_pdbx_unobs_or_zero_occ_atoms.auth_comp_id 
_pdbx_unobs_or_zero_occ_atoms.auth_seq_id 
_pdbx_unobs_or_zero_occ_atoms.PDB_ins_code 
_pdbx_unobs_or_zero_occ_atoms.auth_atom_id 
_pdbx_unobs_or_zero_occ_atoms.label_alt_id 
_pdbx_unobs_or_zero_occ_atoms.label_asym_id 
_pdbx_unobs_or_zero_occ_atoms.label_comp_id 
_pdbx_unobs_or_zero_occ_atoms.label_seq_id 
_pdbx_unobs_or_zero_occ_atoms.label_atom_id 
1 1 Y 1 A LYS 1004 ? CG ? A LYS 26 CG 
2 1 Y 1 A LYS 1004 ? CD ? A LYS 26 CD 
3 1 Y 1 A LYS 1004 ? CE ? A LYS 26 CE 
4 1 Y 1 A LYS 1004 ? NZ ? A LYS 26 NZ 
# 
loop_
_software.pdbx_ordinal 
_software.name 
_software.version 
_software.date 
_software.type 
_software.contact_author 
_software.contact_author_email 
_software.classification 
_software.location 
_software.language 
_software.citation_id 
1 REFMAC      5.8.0238 ?               program 'Garib N. Murshudov' garib@ysbl.york.ac.uk    refinement        
http://www.ccp4.ac.uk/dist/html/refmac5.html        Fortran_77 ? 
2 Aimless     0.5.23   02/02/16        program 'Phil Evans'         ?                        'data scaling'    
http://www.mrc-lmb.cam.ac.uk/harry/pre/aimless.html ?          ? 
3 PDB_EXTRACT 3.23     'SEP. 23, 2016' package PDB                  deposit@deposit.rcsb.org 'data extraction' 
http://sw-tools.pdb.org/apps/PDB_EXTRACT/           C++        ? 
4 XDS         .        ?               program ?                    ?                        'data reduction'  ? ?          ? 
5 REFMAC      .        ?               program ?                    ?                        phasing           ? ?          ? 
# 
_cell.entry_id           5QY0 
_cell.length_a           80.384 
_cell.length_b           80.384 
_cell.length_c           139.570 
_cell.angle_alpha        90.000 
_cell.angle_beta         90.000 
_cell.angle_gamma        120.000 
_cell.Z_PDB              12 
_cell.pdbx_unique_axis   ? 
# 
_symmetry.entry_id                         5QY0 
_symmetry.space_group_name_H-M             'P 65 2 2' 
_symmetry.pdbx_full_space_group_name_H-M   ? 
_symmetry.cell_setting                     ? 
_symmetry.Int_Tables_number                179 
# 
_exptl.crystals_number   1 
_exptl.entry_id          5QY0 
_exptl.method            'X-RAY DIFFRACTION' 
# 
_exptl_crystal.id                    1 
_exptl_crystal.pdbx_mosaicity        0.120 
_exptl_crystal.pdbx_mosaicity_esd    ? 
_exptl_crystal.density_Matthews      4.20 
_exptl_crystal.density_diffrn        ? 
_exptl_crystal.density_meas          ? 
_exptl_crystal.density_meas_temp     ? 
_exptl_crystal.density_percent_sol   70.68 
_exptl_crystal.size_max              ? 
_exptl_crystal.size_mid              ? 
_exptl_crystal.size_min              ? 
_exptl_crystal.size_rad              ? 
_exptl_crystal.description           ? 
# 
_exptl_crystal_grow.crystal_id      1 
_exptl_crystal_grow.method          'VAPOR DIFFUSION, SITTING DROP' 
_exptl_crystal_grow.pH              5.5 
_exptl_crystal_grow.temp            277 
_exptl_crystal_grow.pdbx_details    '1.6M Ammonium Sulfate, 0.1M bis-tris pH 5.5' 
_exptl_crystal_grow.temp_details    ? 
_exptl_crystal_grow.pdbx_pH_range   ? 
# 
_diffrn.id                     1 
_diffrn.ambient_temp           100 
_diffrn.crystal_id             1 
_diffrn.ambient_temp_details   ? 
# 
_diffrn_detector.detector               PIXEL 
_diffrn_detector.type                   'DECTRIS PILATUS 6M' 
_diffrn_detector.pdbx_collection_date   2016-04-26 
_diffrn_detector.diffrn_id              1 
_diffrn_detector.details                ? 
# 
_diffrn_radiation.diffrn_id                        1 
_diffrn_radiation.wavelength_id                    1 
_diffrn_radiation.pdbx_diffrn_protocol             'SINGLE WAVELENGTH' 
_diffrn_radiation.pdbx_monochromatic_or_laue_m_l   ? 
_diffrn_radiation.monochromator                    ? 
_diffrn_radiation.pdbx_scattering_type             x-ray 
# 
_diffrn_radiation_wavelength.id           1 
_diffrn_radiation_wavelength.wavelength   0.92819 
_diffrn_radiation_wavelength.wt           1.0 
# 
_diffrn_source.diffrn_id                   1 
_diffrn_source.source                      SYNCHROTRON 
_diffrn_source.type                        'DIAMOND BEAMLINE I04-1' 
_diffrn_source.pdbx_wavelength_list        0.92819 
_diffrn_source.pdbx_synchrotron_site       Diamond 
_diffrn_source.pdbx_synchrotron_beamline   I04-1 
_diffrn_source.pdbx_wavelength             ? 
# 
_reflns.entry_id                     5QY0 
_reflns.pdbx_diffrn_id               1 
_reflns.pdbx_ordinal                 1 
_reflns.observed_criterion_sigma_I   ? 
_reflns.observed_criterion_sigma_F   ? 
_reflns.d_resolution_low             27.910 
_reflns.d_resolution_high            1.890 
_reflns.number_obs                   22226 
_reflns.number_all                   ? 
_reflns.percent_possible_obs         99.800 
_reflns.pdbx_Rmerge_I_obs            0.091 
_reflns.pdbx_Rsym_value              ? 
_reflns.pdbx_netI_over_sigmaI        25.700 
_reflns.B_iso_Wilson_estimate        ? 
_reflns.pdbx_redundancy              19.200 
_reflns.pdbx_Rrim_I_all              0.094 
_reflns.pdbx_Rpim_I_all              0.021 
_reflns.pdbx_CC_half                 0.999 
_reflns.pdbx_netI_over_av_sigmaI     ? 
_reflns.pdbx_number_measured_all     426004 
_reflns.pdbx_scaling_rejects         0 
_reflns.pdbx_chi_squared             ? 
_reflns.Rmerge_F_all                 ? 
_reflns.Rmerge_F_obs                 ? 
_reflns.observed_criterion_F_max     ? 
_reflns.observed_criterion_F_min     ? 
_reflns.observed_criterion_I_max     ? 
_reflns.observed_criterion_I_min     ? 
_reflns.pdbx_d_res_high_opt          ? 
_reflns.pdbx_d_res_low_opt           ? 
_reflns.details                      ? 
# 
loop_
_reflns_shell.pdbx_diffrn_id 
_reflns_shell.pdbx_ordinal 
_reflns_shell.d_res_high 
_reflns_shell.d_res_low 
_reflns_shell.number_measured_obs 
_reflns_shell.number_measured_all 
_reflns_shell.number_unique_obs 
_reflns_shell.pdbx_rejects 
_reflns_shell.Rmerge_I_obs 
_reflns_shell.meanI_over_sigI_obs 
_reflns_shell.pdbx_Rsym_value 
_reflns_shell.pdbx_chi_squared 
_reflns_shell.pdbx_redundancy 
_reflns_shell.percent_possible_obs 
_reflns_shell.pdbx_netI_over_sigmaI_obs 
_reflns_shell.number_possible 
_reflns_shell.number_unique_all 
_reflns_shell.Rmerge_F_all 
_reflns_shell.Rmerge_F_obs 
_reflns_shell.Rmerge_I_all 
_reflns_shell.meanI_over_sigI_all 
_reflns_shell.percent_possible_all 
_reflns_shell.pdbx_Rrim_I_all 
_reflns_shell.pdbx_Rpim_I_all 
_reflns_shell.pdbx_CC_half 
1 1 1.890 1.930  ? 30153 ? ? 1.013 ? ? ? 19.100 ? 3.300  ? 1577 ? ? ? ? 97.500 1.040 0.233 0.865 
1 2 8.430 27.910 ? 5227  ? ? 0.029 ? ? ? 16.400 ? 85.700 ? 319  ? ? ? ? 97.500 0.030 0.007 1.000 
# 
_refine.entry_id                                 5QY0 
_refine.pdbx_refine_id                           'X-RAY DIFFRACTION' 
_refine.ls_d_res_high                            1.8900 
_refine.ls_d_res_low                             27.8900 
_refine.pdbx_ls_sigma_F                          0.000 
_refine.pdbx_data_cutoff_high_absF               ? 
_refine.pdbx_data_cutoff_low_absF                ? 
_refine.ls_percent_reflns_obs                    99.7300 
_refine.ls_number_reflns_obs                     21078 
_refine.ls_number_reflns_all                     ? 
_refine.pdbx_ls_cross_valid_method               THROUGHOUT 
_refine.ls_matrix_type                           ? 
_refine.pdbx_R_Free_selection_details            RANDOM 
_refine.details                                  
'HYDROGENS HAVE BEEN ADDED IN THE RIDING POSITIONS U VALUES      : REFINED INDIVIDUALLY' 
_refine.ls_R_factor_all                          ? 
_refine.ls_R_factor_obs                          0.1581 
_refine.ls_R_factor_R_work                       0.1567 
_refine.ls_wR_factor_R_work                      ? 
_refine.ls_R_factor_R_free                       0.1852 
_refine.ls_wR_factor_R_free                      ? 
_refine.ls_percent_reflns_R_free                 4.9000 
_refine.ls_number_reflns_R_free                  1093 
_refine.ls_number_reflns_R_work                  ? 
_refine.ls_R_factor_R_free_error                 ? 
_refine.B_iso_mean                               31.2470 
_refine.solvent_model_param_bsol                 ? 
_refine.solvent_model_param_ksol                 ? 
_refine.pdbx_isotropic_thermal_model             ? 
_refine.aniso_B[1][1]                            -0.0700 
_refine.aniso_B[2][2]                            -0.0700 
_refine.aniso_B[3][3]                            0.2300 
_refine.aniso_B[1][2]                            -0.0400 
_refine.aniso_B[1][3]                            -0.0000 
_refine.aniso_B[2][3]                            0.0000 
_refine.correlation_coeff_Fo_to_Fc               0.9670 
_refine.correlation_coeff_Fo_to_Fc_free          0.9570 
_refine.overall_SU_R_Cruickshank_DPI             ? 
_refine.pdbx_overall_SU_R_free_Cruickshank_DPI   ? 
_refine.pdbx_overall_SU_R_Blow_DPI               ? 
_refine.pdbx_overall_SU_R_free_Blow_DPI          ? 
_refine.overall_SU_R_free                        ? 
_refine.pdbx_overall_ESU_R                       0.1310 
_refine.pdbx_overall_ESU_R_Free                  0.1170 
_refine.overall_SU_ML                            0.0750 
_refine.overall_SU_B                             2.5140 
_refine.solvent_model_details                    MASK 
_refine.pdbx_solvent_vdw_probe_radii             1.2000 
_refine.pdbx_solvent_ion_probe_radii             0.8000 
_refine.pdbx_solvent_shrinkage_radii             0.8000 
_refine.ls_number_parameters                     ? 
_refine.ls_number_restraints                     ? 
_refine.pdbx_starting_model                      3DAI 
_refine.pdbx_method_to_determine_struct          'FOURIER SYNTHESIS' 
_refine.pdbx_stereochemistry_target_values       'MAXIMUM LIKELIHOOD' 
_refine.pdbx_stereochem_target_val_spec_case     ? 
_refine.overall_FOM_work_R_set                   ? 
_refine.B_iso_max                                137.700 
_refine.B_iso_min                                14.710 
_refine.pdbx_overall_phase_error                 ? 
_refine.occupancy_max                            ? 
_refine.occupancy_min                            ? 
_refine.pdbx_diffrn_id                           1 
_refine.pdbx_TLS_residual_ADP_flag               ? 
_refine.pdbx_ls_sigma_I                          ? 
_refine.pdbx_data_cutoff_high_rms_absF           ? 
_refine.ls_R_factor_R_free_error_details         ? 
# 
_refine_hist.cycle_id                         final 
_refine_hist.pdbx_refine_id                   'X-RAY DIFFRACTION' 
_refine_hist.d_res_high                       1.8900 
_refine_hist.d_res_low                        27.8900 
_refine_hist.pdbx_number_atoms_ligand         56 
_refine_hist.number_atoms_solvent             209 
_refine_hist.number_atoms_total               1349 
_refine_hist.pdbx_number_residues_total       129 
_refine_hist.pdbx_B_iso_mean_ligand           44.28 
_refine_hist.pdbx_B_iso_mean_solvent          49.99 
_refine_hist.pdbx_number_atoms_protein        1084 
_refine_hist.pdbx_number_atoms_nucleic_acid   0 
# 
loop_
_refine_ls_restr.pdbx_refine_id 
_refine_ls_restr.type 
_refine_ls_restr.number 
_refine_ls_restr.dev_ideal 
_refine_ls_restr.dev_ideal_target 
_refine_ls_restr.weight 
_refine_ls_restr.pdbx_restraint_function 
'X-RAY DIFFRACTION' r_bond_refined_d       3169 0.010  0.015  ? ? 
'X-RAY DIFFRACTION' r_bond_other_d         1858 0.001  0.017  ? ? 
'X-RAY DIFFRACTION' r_angle_refined_deg    2952 1.663  1.690  ? ? 
'X-RAY DIFFRACTION' r_angle_other_deg      4355 1.396  1.593  ? ? 
'X-RAY DIFFRACTION' r_dihedral_angle_1_deg 279  4.558  5.000  ? ? 
'X-RAY DIFFRACTION' r_dihedral_angle_2_deg 146  29.353 20.822 ? ? 
'X-RAY DIFFRACTION' r_dihedral_angle_3_deg 361  14.441 15.000 ? ? 
'X-RAY DIFFRACTION' r_dihedral_angle_4_deg 29   16.959 15.000 ? ? 
'X-RAY DIFFRACTION' r_chiral_restr         282  0.094  0.200  ? ? 
'X-RAY DIFFRACTION' r_gen_planes_refined   2592 0.008  0.020  ? ? 
'X-RAY DIFFRACTION' r_gen_planes_other     479  0.003  0.020  ? ? 
'X-RAY DIFFRACTION' r_mcbond_it            1391 2.116  2.641  ? ? 
'X-RAY DIFFRACTION' r_mcbond_other         1315 2.139  2.520  ? ? 
'X-RAY DIFFRACTION' r_mcangle_it           1267 3.598  3.800  ? ? 
# 
_refine_ls_shell.d_res_high                       1.8850 
_refine_ls_shell.d_res_low                        1.9340 
_refine_ls_shell.pdbx_total_number_of_bins_used   20 
_refine_ls_shell.percent_reflns_obs               97.5200 
_refine_ls_shell.number_reflns_R_work             1491 
_refine_ls_shell.R_factor_all                     ? 
_refine_ls_shell.R_factor_R_work                  0.2190 
_refine_ls_shell.R_factor_R_free                  0.2360 
_refine_ls_shell.percent_reflns_R_free            ? 
_refine_ls_shell.number_reflns_R_free             83 
_refine_ls_shell.R_factor_R_free_error            ? 
_refine_ls_shell.number_reflns_all                1574 
_refine_ls_shell.number_reflns_obs                ? 
_refine_ls_shell.pdbx_refine_id                   'X-RAY DIFFRACTION' 
_refine_ls_shell.R_factor_obs                     ? 
# 
_struct.entry_id                  5QY0 
_struct.title                     'PanDDA analysis group deposition -- Crystal Structure of ATAD2 in complex with PC591' 
_struct.pdbx_model_details        ? 
_struct.pdbx_CASP_flag            ? 
_struct.pdbx_model_type_details   ? 
# 
_struct_keywords.entry_id        5QY0 
_struct_keywords.text            
'SGC - Diamond I04-1 fragment screening, PanDDA, XChemExplorer, HYDROLASE-HYDROLASE INHIBITOR complex' 
_struct_keywords.pdbx_keywords   'HYDROLASE/HYDROLASE INHIBITOR' 
# 
loop_
_struct_asym.id 
_struct_asym.pdbx_blank_PDB_chainid_flag 
_struct_asym.pdbx_modified 
_struct_asym.entity_id 
_struct_asym.details 
A N N 1 ? 
B N N 2 ? 
C N N 2 ? 
D N N 3 ? 
E N N 3 ? 
F N N 4 ? 
G N N 4 ? 
H N N 5 ? 
# 
_struct_ref.id                         1 
_struct_ref.db_name                    UNP 
_struct_ref.db_code                    ATAD2_HUMAN 
_struct_ref.pdbx_db_accession          Q6PL18 
_struct_ref.pdbx_db_isoform            ? 
_struct_ref.entity_id                  1 
_struct_ref.pdbx_seq_one_letter_code   
;QEEDTFRELRIFLRNVTHRLAIDKRFRVFTKPVDPDEVPDYVTVIKQPMDLSSVISKIDLHKYLTVKDYLRDIDLICSNA
LEYNPDRDPGDRLIRHRACALRDTAYAIIKEELDEDFEQLCEEIQESR
;
_struct_ref.pdbx_align_begin           981 
# 
_struct_ref_seq.align_id                      1 
_struct_ref_seq.ref_id                        1 
_struct_ref_seq.pdbx_PDB_id_code              5QY0 
_struct_ref_seq.pdbx_strand_id                A 
_struct_ref_seq.seq_align_beg                 3 
_struct_ref_seq.pdbx_seq_align_beg_ins_code   ? 
_struct_ref_seq.seq_align_end                 130 
_struct_ref_seq.pdbx_seq_align_end_ins_code   ? 
_struct_ref_seq.pdbx_db_accession             Q6PL18 
_struct_ref_seq.db_align_beg                  981 
_struct_ref_seq.pdbx_db_align_beg_ins_code    ? 
_struct_ref_seq.db_align_end                  1108 
_struct_ref_seq.pdbx_db_align_end_ins_code    ? 
_struct_ref_seq.pdbx_auth_seq_align_beg       981 
_struct_ref_seq.pdbx_auth_seq_align_end       1108 
# 
loop_
_struct_ref_seq_dif.align_id 
_struct_ref_seq_dif.pdbx_pdb_id_code 
_struct_ref_seq_dif.mon_id 
_struct_ref_seq_dif.pdbx_pdb_strand_id 
_struct_ref_seq_dif.seq_num 
_struct_ref_seq_dif.pdbx_pdb_ins_code 
_struct_ref_seq_dif.pdbx_seq_db_name 
_struct_ref_seq_dif.pdbx_seq_db_accession_code 
_struct_ref_seq_dif.db_mon_id 
_struct_ref_seq_dif.pdbx_seq_db_seq_num 
_struct_ref_seq_dif.details 
_struct_ref_seq_dif.pdbx_auth_seq_num 
_struct_ref_seq_dif.pdbx_ordinal 
1 5QY0 SER A 1  ? UNP Q6PL18 ?   ?    'expression tag' 979  1 
1 5QY0 MET A 2  ? UNP Q6PL18 ?   ?    'expression tag' 980  2 
1 5QY0 ARG A 44 ? UNP Q6PL18 VAL 1022 conflict         1022 3 
1 5QY0 GLU A 49 ? UNP Q6PL18 GLN 1027 conflict         1027 4 
# 
_pdbx_struct_assembly.id                   1 
_pdbx_struct_assembly.details              author_and_software_defined_assembly 
_pdbx_struct_assembly.method_details       PISA 
_pdbx_struct_assembly.oligomeric_details   monomeric 
_pdbx_struct_assembly.oligomeric_count     1 
# 
_pdbx_struct_assembly_gen.assembly_id       1 
_pdbx_struct_assembly_gen.oper_expression   1 
_pdbx_struct_assembly_gen.asym_id_list      A,B,C,D,E,F,G,H 
# 
_pdbx_struct_oper_list.id                   1 
_pdbx_struct_oper_list.type                 'identity operation' 
_pdbx_struct_oper_list.name                 1_555 
_pdbx_struct_oper_list.symmetry_operation   x,y,z 
_pdbx_struct_oper_list.matrix[1][1]         1.0000000000 
_pdbx_struct_oper_list.matrix[1][2]         0.0000000000 
_pdbx_struct_oper_list.matrix[1][3]         0.0000000000 
_pdbx_struct_oper_list.vector[1]            0.0000000000 
_pdbx_struct_oper_list.matrix[2][1]         0.0000000000 
_pdbx_struct_oper_list.matrix[2][2]         1.0000000000 
_pdbx_struct_oper_list.matrix[2][3]         0.0000000000 
_pdbx_struct_oper_list.vector[2]            0.0000000000 
_pdbx_struct_oper_list.matrix[3][1]         0.0000000000 
_pdbx_struct_oper_list.matrix[3][2]         0.0000000000 
_pdbx_struct_oper_list.matrix[3][3]         1.0000000000 
_pdbx_struct_oper_list.vector[3]            0.0000000000 
# 
loop_
_struct_conf.conf_type_id 
_struct_conf.id 
_struct_conf.pdbx_PDB_helix_id 
_struct_conf.beg_label_comp_id 
_struct_conf.beg_label_asym_id 
_struct_conf.beg_label_seq_id 
_struct_conf.pdbx_beg_PDB_ins_code 
_struct_conf.end_label_comp_id 
_struct_conf.end_label_asym_id 
_struct_conf.end_label_seq_id 
_struct_conf.pdbx_end_PDB_ins_code 
_struct_conf.beg_auth_comp_id 
_struct_conf.beg_auth_asym_id 
_struct_conf.beg_auth_seq_id 
_struct_conf.end_auth_comp_id 
_struct_conf.end_auth_asym_id 
_struct_conf.end_auth_seq_id 
_struct_conf.pdbx_PDB_helix_class 
_struct_conf.details 
_struct_conf.pdbx_PDB_helix_length 
HELX_P HELX_P1 AA1 SER A 1   ? ILE A 24  ? SER A 979  ILE A 1002 1 ? 24 
HELX_P HELX_P2 AA2 ASP A 25  ? THR A 32  ? ASP A 1003 THR A 1010 5 ? 8  
HELX_P HELX_P3 AA3 ASP A 42  ? ILE A 47  ? ASP A 1020 ILE A 1025 1 ? 6  
HELX_P HELX_P4 AA4 ASP A 52  ? LEU A 62  ? ASP A 1030 LEU A 1040 1 ? 11 
HELX_P HELX_P5 AA5 THR A 67  ? ASN A 86  ? THR A 1045 ASN A 1064 1 ? 20 
HELX_P HELX_P6 AA6 ASP A 90  ? LEU A 115 ? ASP A 1068 LEU A 1093 1 ? 26 
HELX_P HELX_P7 AA7 ASP A 116 ? SER A 129 ? ASP A 1094 SER A 1107 1 ? 14 
# 
_struct_conf_type.id          HELX_P 
_struct_conf_type.criteria    ? 
_struct_conf_type.reference   ? 
# 
loop_
_struct_site.id 
_struct_site.pdbx_evidence_code 
_struct_site.pdbx_auth_asym_id 
_struct_site.pdbx_auth_comp_id 
_struct_site.pdbx_auth_seq_id 
_struct_site.pdbx_auth_ins_code 
_struct_site.pdbx_num_residues 
_struct_site.details 
AC1 Software A RKJ 1201 ? 8  'binding site for residue RKJ A 1201' 
AC2 Software A RKJ 1202 ? 7  'binding site for residue RKJ A 1202' 
AC3 Software A SO4 1203 ? 8  'binding site for residue SO4 A 1203' 
AC4 Software A SO4 1204 ? 10 'binding site for residue SO4 A 1204' 
AC5 Software A EDO 1205 ? 4  'binding site for residue EDO A 1205' 
AC6 Software A EDO 1206 ? 6  'binding site for residue EDO A 1206' 
# 
loop_
_struct_site_gen.id 
_struct_site_gen.site_id 
_struct_site_gen.pdbx_num_res 
_struct_site_gen.label_comp_id 
_struct_site_gen.label_asym_id 
_struct_site_gen.label_seq_id 
_struct_site_gen.pdbx_auth_ins_code 
_struct_site_gen.auth_comp_id 
_struct_site_gen.auth_asym_id 
_struct_site_gen.auth_seq_id 
_struct_site_gen.label_atom_id 
_struct_site_gen.label_alt_id 
_struct_site_gen.symmetry 
_struct_site_gen.details 
1  AC1 8  HIS A 20  ? HIS A 998  . ? 10_665 ? 
2  AC1 8  ILE A 24  ? ILE A 1002 . ? 10_665 ? 
3  AC1 8  GLU A 113 ? GLU A 1091 . ? 1_555  ? 
4  AC1 8  GLU A 114 ? GLU A 1092 . ? 1_555  ? 
5  AC1 8  LEU A 115 ? LEU A 1093 . ? 1_555  ? 
6  AC1 8  ASP A 116 ? ASP A 1094 . ? 1_555  ? 
7  AC1 8  HOH H .   ? HOH A 1301 . ? 10_665 ? 
8  AC1 8  HOH H .   ? HOH A 1372 . ? 1_555  ? 
9  AC2 7  VAL A 30  ? VAL A 1008 . ? 1_555  ? 
10 AC2 7  GLU A 39  ? GLU A 1017 . ? 1_555  ? 
11 AC2 7  VAL A 40  ? VAL A 1018 . ? 1_555  ? 
12 AC2 7  ASN A 86  ? ASN A 1064 . ? 1_555  ? 
13 AC2 7  ILE A 96  ? ILE A 1074 . ? 1_555  ? 
14 AC2 7  HOH H .   ? HOH A 1317 . ? 1_555  ? 
15 AC2 7  HOH H .   ? HOH A 1402 . ? 1_555  ? 
16 AC3 8  ARG A 9   ? ARG A 987  . ? 6_654  ? 
17 AC3 8  ARG A 12  ? ARG A 990  . ? 6_654  ? 
18 AC3 8  ARG A 16  ? ARG A 994  . ? 6_654  ? 
19 AC3 8  ARG A 89  ? ARG A 1067 . ? 1_555  ? 
20 AC3 8  ARG A 94  ? ARG A 1072 . ? 1_555  ? 
21 AC3 8  HOH H .   ? HOH A 1305 . ? 1_555  ? 
22 AC3 8  HOH H .   ? HOH A 1381 . ? 1_555  ? 
23 AC3 8  HOH H .   ? HOH A 1403 . ? 1_555  ? 
24 AC4 10 LYS A 59  ? LYS A 1037 . ? 12_564 ? 
25 AC4 10 LYS A 59  ? LYS A 1037 . ? 1_555  ? 
26 AC4 10 LYS A 64  ? LYS A 1042 . ? 12_564 ? 
27 AC4 10 LYS A 64  ? LYS A 1042 . ? 1_555  ? 
28 AC4 10 HOH H .   ? HOH A 1308 . ? 1_555  ? 
29 AC4 10 HOH H .   ? HOH A 1308 . ? 12_564 ? 
30 AC4 10 HOH H .   ? HOH A 1312 . ? 1_555  ? 
31 AC4 10 HOH H .   ? HOH A 1312 . ? 12_564 ? 
32 AC4 10 HOH H .   ? HOH A 1315 . ? 12_564 ? 
33 AC4 10 HOH H .   ? HOH A 1364 . ? 12_564 ? 
34 AC5 4  GLU A 10  ? GLU A 988  . ? 1_555  ? 
35 AC5 4  ASP A 116 ? ASP A 1094 . ? 1_555  ? 
36 AC5 4  HOH H .   ? HOH A 1363 . ? 1_555  ? 
37 AC5 4  HOH H .   ? HOH A 1384 . ? 1_555  ? 
38 AC6 6  LYS A 48  ? LYS A 1026 . ? 12_564 ? 
39 AC6 6  PRO A 50  ? PRO A 1028 . ? 12_564 ? 
40 AC6 6  SER A 58  ? SER A 1036 . ? 1_555  ? 
41 AC6 6  LEU A 62  ? LEU A 1040 . ? 1_555  ? 
42 AC6 6  HOH H .   ? HOH A 1312 . ? 12_564 ? 
43 AC6 6  HOH H .   ? HOH A 1353 . ? 12_564 ? 
# 
loop_
_pdbx_validate_close_contact.id 
_pdbx_validate_close_contact.PDB_model_num 
_pdbx_validate_close_contact.auth_atom_id_1 
_pdbx_validate_close_contact.auth_asym_id_1 
_pdbx_validate_close_contact.auth_comp_id_1 
_pdbx_validate_close_contact.auth_seq_id_1 
_pdbx_validate_close_contact.PDB_ins_code_1 
_pdbx_validate_close_contact.label_alt_id_1 
_pdbx_validate_close_contact.auth_atom_id_2 
_pdbx_validate_close_contact.auth_asym_id_2 
_pdbx_validate_close_contact.auth_comp_id_2 
_pdbx_validate_close_contact.auth_seq_id_2 
_pdbx_validate_close_contact.PDB_ins_code_2 
_pdbx_validate_close_contact.label_alt_id_2 
_pdbx_validate_close_contact.dist 
1 1 O   A HOH 1414 ? ? O A HOH 1468 ? ? 1.95 
2 1 O   A HOH 1455 ? ? O A HOH 1490 ? ? 2.15 
3 1 ND2 A ASN 995  ? ? O A HOH 1301 ? ? 2.16 
4 1 OD2 A ASP 1020 ? ? O A HOH 1302 ? ? 2.16 
# 
_pdbx_validate_symm_contact.id                1 
_pdbx_validate_symm_contact.PDB_model_num     1 
_pdbx_validate_symm_contact.auth_atom_id_1    O 
_pdbx_validate_symm_contact.auth_asym_id_1    A 
_pdbx_validate_symm_contact.auth_comp_id_1    HOH 
_pdbx_validate_symm_contact.auth_seq_id_1     1382 
_pdbx_validate_symm_contact.PDB_ins_code_1    ? 
_pdbx_validate_symm_contact.label_alt_id_1    ? 
_pdbx_validate_symm_contact.site_symmetry_1   1_555 
_pdbx_validate_symm_contact.auth_atom_id_2    O 
_pdbx_validate_symm_contact.auth_asym_id_2    A 
_pdbx_validate_symm_contact.auth_comp_id_2    HOH 
_pdbx_validate_symm_contact.auth_seq_id_2     1400 
_pdbx_validate_symm_contact.PDB_ins_code_2    ? 
_pdbx_validate_symm_contact.label_alt_id_2    ? 
_pdbx_validate_symm_contact.site_symmetry_2   10_665 
_pdbx_validate_symm_contact.dist              1.79 
# 
loop_
_pdbx_validate_rmsd_bond.id 
_pdbx_validate_rmsd_bond.PDB_model_num 
_pdbx_validate_rmsd_bond.auth_atom_id_1 
_pdbx_validate_rmsd_bond.auth_asym_id_1 
_pdbx_validate_rmsd_bond.auth_comp_id_1 
_pdbx_validate_rmsd_bond.auth_seq_id_1 
_pdbx_validate_rmsd_bond.PDB_ins_code_1 
_pdbx_validate_rmsd_bond.label_alt_id_1 
_pdbx_validate_rmsd_bond.auth_atom_id_2 
_pdbx_validate_rmsd_bond.auth_asym_id_2 
_pdbx_validate_rmsd_bond.auth_comp_id_2 
_pdbx_validate_rmsd_bond.auth_seq_id_2 
_pdbx_validate_rmsd_bond.PDB_ins_code_2 
_pdbx_validate_rmsd_bond.label_alt_id_2 
_pdbx_validate_rmsd_bond.bond_value 
_pdbx_validate_rmsd_bond.bond_target_value 
_pdbx_validate_rmsd_bond.bond_deviation 
_pdbx_validate_rmsd_bond.bond_standard_deviation 
_pdbx_validate_rmsd_bond.linker_flag 
1 1 CD A GLU 1098 ? ? OE2 A GLU 1098 ? ? 1.333 1.252 0.081 0.011 N 
2 1 CD A GLU 1102 ? ? OE2 A GLU 1102 ? ? 1.321 1.252 0.069 0.011 N 
# 
loop_
_pdbx_validate_rmsd_angle.id 
_pdbx_validate_rmsd_angle.PDB_model_num 
_pdbx_validate_rmsd_angle.auth_atom_id_1 
_pdbx_validate_rmsd_angle.auth_asym_id_1 
_pdbx_validate_rmsd_angle.auth_comp_id_1 
_pdbx_validate_rmsd_angle.auth_seq_id_1 
_pdbx_validate_rmsd_angle.PDB_ins_code_1 
_pdbx_validate_rmsd_angle.label_alt_id_1 
_pdbx_validate_rmsd_angle.auth_atom_id_2 
_pdbx_validate_rmsd_angle.auth_asym_id_2 
_pdbx_validate_rmsd_angle.auth_comp_id_2 
_pdbx_validate_rmsd_angle.auth_seq_id_2 
_pdbx_validate_rmsd_angle.PDB_ins_code_2 
_pdbx_validate_rmsd_angle.label_alt_id_2 
_pdbx_validate_rmsd_angle.auth_atom_id_3 
_pdbx_validate_rmsd_angle.auth_asym_id_3 
_pdbx_validate_rmsd_angle.auth_comp_id_3 
_pdbx_validate_rmsd_angle.auth_seq_id_3 
_pdbx_validate_rmsd_angle.PDB_ins_code_3 
_pdbx_validate_rmsd_angle.label_alt_id_3 
_pdbx_validate_rmsd_angle.angle_value 
_pdbx_validate_rmsd_angle.angle_target_value 
_pdbx_validate_rmsd_angle.angle_deviation 
_pdbx_validate_rmsd_angle.angle_standard_deviation 
_pdbx_validate_rmsd_angle.linker_flag 
1 1 NE A ARG 994 ? ? CZ A ARG 994 ? ? NH1 A ARG 994 ? ? 123.78 120.30 3.48  0.50 N 
2 1 NE A ARG 994 ? ? CZ A ARG 994 ? ? NH2 A ARG 994 ? ? 116.10 120.30 -4.20 0.50 N 
# 
_pdbx_validate_torsion.id              1 
_pdbx_validate_torsion.PDB_model_num   1 
_pdbx_validate_torsion.auth_comp_id    ASP 
_pdbx_validate_torsion.auth_asym_id    A 
_pdbx_validate_torsion.auth_seq_id     1016 
_pdbx_validate_torsion.PDB_ins_code    ? 
_pdbx_validate_torsion.label_alt_id    ? 
_pdbx_validate_torsion.phi             -58.40 
_pdbx_validate_torsion.psi             -76.15 
# 
loop_
_pdbx_struct_special_symmetry.id 
_pdbx_struct_special_symmetry.PDB_model_num 
_pdbx_struct_special_symmetry.auth_asym_id 
_pdbx_struct_special_symmetry.auth_comp_id 
_pdbx_struct_special_symmetry.auth_seq_id 
_pdbx_struct_special_symmetry.PDB_ins_code 
_pdbx_struct_special_symmetry.label_asym_id 
_pdbx_struct_special_symmetry.label_comp_id 
_pdbx_struct_special_symmetry.label_seq_id 
1 1 A SO4 1204 ? E SO4 . 
2 1 A HOH 1371 ? H HOH . 
# 
_phasing.method   MR 
# 
_pdbx_entry_details.entry_id                 5QY0 
_pdbx_entry_details.has_ligand_of_interest   Y 
_pdbx_entry_details.compound_details         ? 
_pdbx_entry_details.source_details           ? 
_pdbx_entry_details.nonpolymer_details       ? 
_pdbx_entry_details.sequence_details         ? 
# 
_pdbx_distant_solvent_atoms.id                                1 
_pdbx_distant_solvent_atoms.PDB_model_num                     1 
_pdbx_distant_solvent_atoms.auth_atom_id                      O 
_pdbx_distant_solvent_atoms.label_alt_id                      ? 
_pdbx_distant_solvent_atoms.auth_asym_id                      A 
_pdbx_distant_solvent_atoms.auth_comp_id                      HOH 
_pdbx_distant_solvent_atoms.auth_seq_id                       1509 
_pdbx_distant_solvent_atoms.PDB_ins_code                      ? 
_pdbx_distant_solvent_atoms.neighbor_macromolecule_distance   5.88 
_pdbx_distant_solvent_atoms.neighbor_ligand_distance          . 
# 
loop_
_chem_comp_atom.comp_id 
_chem_comp_atom.atom_id 
_chem_comp_atom.type_symbol 
_chem_comp_atom.pdbx_aromatic_flag 
_chem_comp_atom.pdbx_stereo_config 
_chem_comp_atom.pdbx_ordinal 
ALA N    N N N 1   
ALA CA   C N S 2   
ALA C    C N N 3   
ALA O    O N N 4   
ALA CB   C N N 5   
ALA OXT  O N N 6   
ALA H    H N N 7   
ALA H2   H N N 8   
ALA HA   H N N 9   
ALA HB1  H N N 10  
ALA HB2  H N N 11  
ALA HB3  H N N 12  
ALA HXT  H N N 13  
ARG N    N N N 14  
ARG CA   C N S 15  
ARG C    C N N 16  
ARG O    O N N 17  
ARG CB   C N N 18  
ARG CG   C N N 19  
ARG CD   C N N 20  
ARG NE   N N N 21  
ARG CZ   C N N 22  
ARG NH1  N N N 23  
ARG NH2  N N N 24  
ARG OXT  O N N 25  
ARG H    H N N 26  
ARG H2   H N N 27  
ARG HA   H N N 28  
ARG HB2  H N N 29  
ARG HB3  H N N 30  
ARG HG2  H N N 31  
ARG HG3  H N N 32  
ARG HD2  H N N 33  
ARG HD3  H N N 34  
ARG HE   H N N 35  
ARG HH11 H N N 36  
ARG HH12 H N N 37  
ARG HH21 H N N 38  
ARG HH22 H N N 39  
ARG HXT  H N N 40  
ASN N    N N N 41  
ASN CA   C N S 42  
ASN C    C N N 43  
ASN O    O N N 44  
ASN CB   C N N 45  
ASN CG   C N N 46  
ASN OD1  O N N 47  
ASN ND2  N N N 48  
ASN OXT  O N N 49  
ASN H    H N N 50  
ASN H2   H N N 51  
ASN HA   H N N 52  
ASN HB2  H N N 53  
ASN HB3  H N N 54  
ASN HD21 H N N 55  
ASN HD22 H N N 56  
ASN HXT  H N N 57  
ASP N    N N N 58  
ASP CA   C N S 59  
ASP C    C N N 60  
ASP O    O N N 61  
ASP CB   C N N 62  
ASP CG   C N N 63  
ASP OD1  O N N 64  
ASP OD2  O N N 65  
ASP OXT  O N N 66  
ASP H    H N N 67  
ASP H2   H N N 68  
ASP HA   H N N 69  
ASP HB2  H N N 70  
ASP HB3  H N N 71  
ASP HD2  H N N 72  
ASP HXT  H N N 73  
CYS N    N N N 74  
CYS CA   C N R 75  
CYS C    C N N 76  
CYS O    O N N 77  
CYS CB   C N N 78  
CYS SG   S N N 79  
CYS OXT  O N N 80  
CYS H    H N N 81  
CYS H2   H N N 82  
CYS HA   H N N 83  
CYS HB2  H N N 84  
CYS HB3  H N N 85  
CYS HG   H N N 86  
CYS HXT  H N N 87  
EDO C1   C N N 88  
EDO O1   O N N 89  
EDO C2   C N N 90  
EDO O2   O N N 91  
EDO H11  H N N 92  
EDO H12  H N N 93  
EDO HO1  H N N 94  
EDO H21  H N N 95  
EDO H22  H N N 96  
EDO HO2  H N N 97  
GLN N    N N N 98  
GLN CA   C N S 99  
GLN C    C N N 100 
GLN O    O N N 101 
GLN CB   C N N 102 
GLN CG   C N N 103 
GLN CD   C N N 104 
GLN OE1  O N N 105 
GLN NE2  N N N 106 
GLN OXT  O N N 107 
GLN H    H N N 108 
GLN H2   H N N 109 
GLN HA   H N N 110 
GLN HB2  H N N 111 
GLN HB3  H N N 112 
GLN HG2  H N N 113 
GLN HG3  H N N 114 
GLN HE21 H N N 115 
GLN HE22 H N N 116 
GLN HXT  H N N 117 
GLU N    N N N 118 
GLU CA   C N S 119 
GLU C    C N N 120 
GLU O    O N N 121 
GLU CB   C N N 122 
GLU CG   C N N 123 
GLU CD   C N N 124 
GLU OE1  O N N 125 
GLU OE2  O N N 126 
GLU OXT  O N N 127 
GLU H    H N N 128 
GLU H2   H N N 129 
GLU HA   H N N 130 
GLU HB2  H N N 131 
GLU HB3  H N N 132 
GLU HG2  H N N 133 
GLU HG3  H N N 134 
GLU HE2  H N N 135 
GLU HXT  H N N 136 
GLY N    N N N 137 
GLY CA   C N N 138 
GLY C    C N N 139 
GLY O    O N N 140 
GLY OXT  O N N 141 
GLY H    H N N 142 
GLY H2   H N N 143 
GLY HA2  H N N 144 
GLY HA3  H N N 145 
GLY HXT  H N N 146 
HIS N    N N N 147 
HIS CA   C N S 148 
HIS C    C N N 149 
HIS O    O N N 150 
HIS CB   C N N 151 
HIS CG   C Y N 152 
HIS ND1  N Y N 153 
HIS CD2  C Y N 154 
HIS CE1  C Y N 155 
HIS NE2  N Y N 156 
HIS OXT  O N N 157 
HIS H    H N N 158 
HIS H2   H N N 159 
HIS HA   H N N 160 
HIS HB2  H N N 161 
HIS HB3  H N N 162 
HIS HD1  H N N 163 
HIS HD2  H N N 164 
HIS HE1  H N N 165 
HIS HE2  H N N 166 
HIS HXT  H N N 167 
HOH O    O N N 168 
HOH H1   H N N 169 
HOH H2   H N N 170 
ILE N    N N N 171 
ILE CA   C N S 172 
ILE C    C N N 173 
ILE O    O N N 174 
ILE CB   C N S 175 
ILE CG1  C N N 176 
ILE CG2  C N N 177 
ILE CD1  C N N 178 
ILE OXT  O N N 179 
ILE H    H N N 180 
ILE H2   H N N 181 
ILE HA   H N N 182 
ILE HB   H N N 183 
ILE HG12 H N N 184 
ILE HG13 H N N 185 
ILE HG21 H N N 186 
ILE HG22 H N N 187 
ILE HG23 H N N 188 
ILE HD11 H N N 189 
ILE HD12 H N N 190 
ILE HD13 H N N 191 
ILE HXT  H N N 192 
LEU N    N N N 193 
LEU CA   C N S 194 
LEU C    C N N 195 
LEU O    O N N 196 
LEU CB   C N N 197 
LEU CG   C N N 198 
LEU CD1  C N N 199 
LEU CD2  C N N 200 
LEU OXT  O N N 201 
LEU H    H N N 202 
LEU H2   H N N 203 
LEU HA   H N N 204 
LEU HB2  H N N 205 
LEU HB3  H N N 206 
LEU HG   H N N 207 
LEU HD11 H N N 208 
LEU HD12 H N N 209 
LEU HD13 H N N 210 
LEU HD21 H N N 211 
LEU HD22 H N N 212 
LEU HD23 H N N 213 
LEU HXT  H N N 214 
LYS N    N N N 215 
LYS CA   C N S 216 
LYS C    C N N 217 
LYS O    O N N 218 
LYS CB   C N N 219 
LYS CG   C N N 220 
LYS CD   C N N 221 
LYS CE   C N N 222 
LYS NZ   N N N 223 
LYS OXT  O N N 224 
LYS H    H N N 225 
LYS H2   H N N 226 
LYS HA   H N N 227 
LYS HB2  H N N 228 
LYS HB3  H N N 229 
LYS HG2  H N N 230 
LYS HG3  H N N 231 
LYS HD2  H N N 232 
LYS HD3  H N N 233 
LYS HE2  H N N 234 
LYS HE3  H N N 235 
LYS HZ1  H N N 236 
LYS HZ2  H N N 237 
LYS HZ3  H N N 238 
LYS HXT  H N N 239 
MET N    N N N 240 
MET CA   C N S 241 
MET C    C N N 242 
MET O    O N N 243 
MET CB   C N N 244 
MET CG   C N N 245 
MET SD   S N N 246 
MET CE   C N N 247 
MET OXT  O N N 248 
MET H    H N N 249 
MET H2   H N N 250 
MET HA   H N N 251 
MET HB2  H N N 252 
MET HB3  H N N 253 
MET HG2  H N N 254 
MET HG3  H N N 255 
MET HE1  H N N 256 
MET HE2  H N N 257 
MET HE3  H N N 258 
MET HXT  H N N 259 
PHE N    N N N 260 
PHE CA   C N S 261 
PHE C    C N N 262 
PHE O    O N N 263 
PHE CB   C N N 264 
PHE CG   C Y N 265 
PHE CD1  C Y N 266 
PHE CD2  C Y N 267 
PHE CE1  C Y N 268 
PHE CE2  C Y N 269 
PHE CZ   C Y N 270 
PHE OXT  O N N 271 
PHE H    H N N 272 
PHE H2   H N N 273 
PHE HA   H N N 274 
PHE HB2  H N N 275 
PHE HB3  H N N 276 
PHE HD1  H N N 277 
PHE HD2  H N N 278 
PHE HE1  H N N 279 
PHE HE2  H N N 280 
PHE HZ   H N N 281 
PHE HXT  H N N 282 
PRO N    N N N 283 
PRO CA   C N S 284 
PRO C    C N N 285 
PRO O    O N N 286 
PRO CB   C N N 287 
PRO CG   C N N 288 
PRO CD   C N N 289 
PRO OXT  O N N 290 
PRO H    H N N 291 
PRO HA   H N N 292 
PRO HB2  H N N 293 
PRO HB3  H N N 294 
PRO HG2  H N N 295 
PRO HG3  H N N 296 
PRO HD2  H N N 297 
PRO HD3  H N N 298 
PRO HXT  H N N 299 
RKJ N1   N N N 300 
RKJ N3   N Y N 301 
RKJ C4   C N S 302 
RKJ C5   C N N 303 
RKJ C6   C N N 304 
RKJ C7   C N S 305 
RKJ C8   C N R 306 
RKJ C10  C Y N 307 
RKJ C13  C N N 308 
RKJ C1   C N N 309 
RKJ C11  C Y N 310 
RKJ C12  C N N 311 
RKJ C14  C N N 312 
RKJ C2   C N S 313 
RKJ C3   C N N 314 
RKJ C9   C Y N 315 
RKJ N2   N N N 316 
RKJ O1   O N N 317 
RKJ O2   O Y N 318 
RKJ H2   H N N 319 
RKJ H3   H N N 320 
RKJ H4   H N N 321 
RKJ H5   H N N 322 
RKJ H6   H N N 323 
RKJ H7   H N N 324 
RKJ H8   H N N 325 
RKJ H9   H N N 326 
RKJ H10  H N N 327 
RKJ H11  H N N 328 
RKJ H12  H N N 329 
RKJ H13  H N N 330 
RKJ H14  H N N 331 
RKJ H15  H N N 332 
RKJ H16  H N N 333 
RKJ H17  H N N 334 
RKJ H18  H N N 335 
RKJ H19  H N N 336 
RKJ H20  H N N 337 
RKJ H21  H N N 338 
RKJ H23  H N N 339 
SER N    N N N 340 
SER CA   C N S 341 
SER C    C N N 342 
SER O    O N N 343 
SER CB   C N N 344 
SER OG   O N N 345 
SER OXT  O N N 346 
SER H    H N N 347 
SER H2   H N N 348 
SER HA   H N N 349 
SER HB2  H N N 350 
SER HB3  H N N 351 
SER HG   H N N 352 
SER HXT  H N N 353 
SO4 S    S N N 354 
SO4 O1   O N N 355 
SO4 O2   O N N 356 
SO4 O3   O N N 357 
SO4 O4   O N N 358 
THR N    N N N 359 
THR CA   C N S 360 
THR C    C N N 361 
THR O    O N N 362 
THR CB   C N R 363 
THR OG1  O N N 364 
THR CG2  C N N 365 
THR OXT  O N N 366 
THR H    H N N 367 
THR H2   H N N 368 
THR HA   H N N 369 
THR HB   H N N 370 
THR HG1  H N N 371 
THR HG21 H N N 372 
THR HG22 H N N 373 
THR HG23 H N N 374 
THR HXT  H N N 375 
TYR N    N N N 376 
TYR CA   C N S 377 
TYR C    C N N 378 
TYR O    O N N 379 
TYR CB   C N N 380 
TYR CG   C Y N 381 
TYR CD1  C Y N 382 
TYR CD2  C Y N 383 
TYR CE1  C Y N 384 
TYR CE2  C Y N 385 
TYR CZ   C Y N 386 
TYR OH   O N N 387 
TYR OXT  O N N 388 
TYR H    H N N 389 
TYR H2   H N N 390 
TYR HA   H N N 391 
TYR HB2  H N N 392 
TYR HB3  H N N 393 
TYR HD1  H N N 394 
TYR HD2  H N N 395 
TYR HE1  H N N 396 
TYR HE2  H N N 397 
TYR HH   H N N 398 
TYR HXT  H N N 399 
VAL N    N N N 400 
VAL CA   C N S 401 
VAL C    C N N 402 
VAL O    O N N 403 
VAL CB   C N N 404 
VAL CG1  C N N 405 
VAL CG2  C N N 406 
VAL OXT  O N N 407 
VAL H    H N N 408 
VAL H2   H N N 409 
VAL HA   H N N 410 
VAL HB   H N N 411 
VAL HG11 H N N 412 
VAL HG12 H N N 413 
VAL HG13 H N N 414 
VAL HG21 H N N 415 
VAL HG22 H N N 416 
VAL HG23 H N N 417 
VAL HXT  H N N 418 
# 
loop_
_chem_comp_bond.comp_id 
_chem_comp_bond.atom_id_1 
_chem_comp_bond.atom_id_2 
_chem_comp_bond.value_order 
_chem_comp_bond.pdbx_aromatic_flag 
_chem_comp_bond.pdbx_stereo_config 
_chem_comp_bond.pdbx_ordinal 
ALA N   CA   sing N N 1   
ALA N   H    sing N N 2   
ALA N   H2   sing N N 3   
ALA CA  C    sing N N 4   
ALA CA  CB   sing N N 5   
ALA CA  HA   sing N N 6   
ALA C   O    doub N N 7   
ALA C   OXT  sing N N 8   
ALA CB  HB1  sing N N 9   
ALA CB  HB2  sing N N 10  
ALA CB  HB3  sing N N 11  
ALA OXT HXT  sing N N 12  
ARG N   CA   sing N N 13  
ARG N   H    sing N N 14  
ARG N   H2   sing N N 15  
ARG CA  C    sing N N 16  
ARG CA  CB   sing N N 17  
ARG CA  HA   sing N N 18  
ARG C   O    doub N N 19  
ARG C   OXT  sing N N 20  
ARG CB  CG   sing N N 21  
ARG CB  HB2  sing N N 22  
ARG CB  HB3  sing N N 23  
ARG CG  CD   sing N N 24  
ARG CG  HG2  sing N N 25  
ARG CG  HG3  sing N N 26  
ARG CD  NE   sing N N 27  
ARG CD  HD2  sing N N 28  
ARG CD  HD3  sing N N 29  
ARG NE  CZ   sing N N 30  
ARG NE  HE   sing N N 31  
ARG CZ  NH1  sing N N 32  
ARG CZ  NH2  doub N N 33  
ARG NH1 HH11 sing N N 34  
ARG NH1 HH12 sing N N 35  
ARG NH2 HH21 sing N N 36  
ARG NH2 HH22 sing N N 37  
ARG OXT HXT  sing N N 38  
ASN N   CA   sing N N 39  
ASN N   H    sing N N 40  
ASN N   H2   sing N N 41  
ASN CA  C    sing N N 42  
ASN CA  CB   sing N N 43  
ASN CA  HA   sing N N 44  
ASN C   O    doub N N 45  
ASN C   OXT  sing N N 46  
ASN CB  CG   sing N N 47  
ASN CB  HB2  sing N N 48  
ASN CB  HB3  sing N N 49  
ASN CG  OD1  doub N N 50  
ASN CG  ND2  sing N N 51  
ASN ND2 HD21 sing N N 52  
ASN ND2 HD22 sing N N 53  
ASN OXT HXT  sing N N 54  
ASP N   CA   sing N N 55  
ASP N   H    sing N N 56  
ASP N   H2   sing N N 57  
ASP CA  C    sing N N 58  
ASP CA  CB   sing N N 59  
ASP CA  HA   sing N N 60  
ASP C   O    doub N N 61  
ASP C   OXT  sing N N 62  
ASP CB  CG   sing N N 63  
ASP CB  HB2  sing N N 64  
ASP CB  HB3  sing N N 65  
ASP CG  OD1  doub N N 66  
ASP CG  OD2  sing N N 67  
ASP OD2 HD2  sing N N 68  
ASP OXT HXT  sing N N 69  
CYS N   CA   sing N N 70  
CYS N   H    sing N N 71  
CYS N   H2   sing N N 72  
CYS CA  C    sing N N 73  
CYS CA  CB   sing N N 74  
CYS CA  HA   sing N N 75  
CYS C   O    doub N N 76  
CYS C   OXT  sing N N 77  
CYS CB  SG   sing N N 78  
CYS CB  HB2  sing N N 79  
CYS CB  HB3  sing N N 80  
CYS SG  HG   sing N N 81  
CYS OXT HXT  sing N N 82  
EDO C1  O1   sing N N 83  
EDO C1  C2   sing N N 84  
EDO C1  H11  sing N N 85  
EDO C1  H12  sing N N 86  
EDO O1  HO1  sing N N 87  
EDO C2  O2   sing N N 88  
EDO C2  H21  sing N N 89  
EDO C2  H22  sing N N 90  
EDO O2  HO2  sing N N 91  
GLN N   CA   sing N N 92  
GLN N   H    sing N N 93  
GLN N   H2   sing N N 94  
GLN CA  C    sing N N 95  
GLN CA  CB   sing N N 96  
GLN CA  HA   sing N N 97  
GLN C   O    doub N N 98  
GLN C   OXT  sing N N 99  
GLN CB  CG   sing N N 100 
GLN CB  HB2  sing N N 101 
GLN CB  HB3  sing N N 102 
GLN CG  CD   sing N N 103 
GLN CG  HG2  sing N N 104 
GLN CG  HG3  sing N N 105 
GLN CD  OE1  doub N N 106 
GLN CD  NE2  sing N N 107 
GLN NE2 HE21 sing N N 108 
GLN NE2 HE22 sing N N 109 
GLN OXT HXT  sing N N 110 
GLU N   CA   sing N N 111 
GLU N   H    sing N N 112 
GLU N   H2   sing N N 113 
GLU CA  C    sing N N 114 
GLU CA  CB   sing N N 115 
GLU CA  HA   sing N N 116 
GLU C   O    doub N N 117 
GLU C   OXT  sing N N 118 
GLU CB  CG   sing N N 119 
GLU CB  HB2  sing N N 120 
GLU CB  HB3  sing N N 121 
GLU CG  CD   sing N N 122 
GLU CG  HG2  sing N N 123 
GLU CG  HG3  sing N N 124 
GLU CD  OE1  doub N N 125 
GLU CD  OE2  sing N N 126 
GLU OE2 HE2  sing N N 127 
GLU OXT HXT  sing N N 128 
GLY N   CA   sing N N 129 
GLY N   H    sing N N 130 
GLY N   H2   sing N N 131 
GLY CA  C    sing N N 132 
GLY CA  HA2  sing N N 133 
GLY CA  HA3  sing N N 134 
GLY C   O    doub N N 135 
GLY C   OXT  sing N N 136 
GLY OXT HXT  sing N N 137 
HIS N   CA   sing N N 138 
HIS N   H    sing N N 139 
HIS N   H2   sing N N 140 
HIS CA  C    sing N N 141 
HIS CA  CB   sing N N 142 
HIS CA  HA   sing N N 143 
HIS C   O    doub N N 144 
HIS C   OXT  sing N N 145 
HIS CB  CG   sing N N 146 
HIS CB  HB2  sing N N 147 
HIS CB  HB3  sing N N 148 
HIS CG  ND1  sing Y N 149 
HIS CG  CD2  doub Y N 150 
HIS ND1 CE1  doub Y N 151 
HIS ND1 HD1  sing N N 152 
HIS CD2 NE2  sing Y N 153 
HIS CD2 HD2  sing N N 154 
HIS CE1 NE2  sing Y N 155 
HIS CE1 HE1  sing N N 156 
HIS NE2 HE2  sing N N 157 
HIS OXT HXT  sing N N 158 
HOH O   H1   sing N N 159 
HOH O   H2   sing N N 160 
ILE N   CA   sing N N 161 
ILE N   H    sing N N 162 
ILE N   H2   sing N N 163 
ILE CA  C    sing N N 164 
ILE CA  CB   sing N N 165 
ILE CA  HA   sing N N 166 
ILE C   O    doub N N 167 
ILE C   OXT  sing N N 168 
ILE CB  CG1  sing N N 169 
ILE CB  CG2  sing N N 170 
ILE CB  HB   sing N N 171 
ILE CG1 CD1  sing N N 172 
ILE CG1 HG12 sing N N 173 
ILE CG1 HG13 sing N N 174 
ILE CG2 HG21 sing N N 175 
ILE CG2 HG22 sing N N 176 
ILE CG2 HG23 sing N N 177 
ILE CD1 HD11 sing N N 178 
ILE CD1 HD12 sing N N 179 
ILE CD1 HD13 sing N N 180 
ILE OXT HXT  sing N N 181 
LEU N   CA   sing N N 182 
LEU N   H    sing N N 183 
LEU N   H2   sing N N 184 
LEU CA  C    sing N N 185 
LEU CA  CB   sing N N 186 
LEU CA  HA   sing N N 187 
LEU C   O    doub N N 188 
LEU C   OXT  sing N N 189 
LEU CB  CG   sing N N 190 
LEU CB  HB2  sing N N 191 
LEU CB  HB3  sing N N 192 
LEU CG  CD1  sing N N 193 
LEU CG  CD2  sing N N 194 
LEU CG  HG   sing N N 195 
LEU CD1 HD11 sing N N 196 
LEU CD1 HD12 sing N N 197 
LEU CD1 HD13 sing N N 198 
LEU CD2 HD21 sing N N 199 
LEU CD2 HD22 sing N N 200 
LEU CD2 HD23 sing N N 201 
LEU OXT HXT  sing N N 202 
LYS N   CA   sing N N 203 
LYS N   H    sing N N 204 
LYS N   H2   sing N N 205 
LYS CA  C    sing N N 206 
LYS CA  CB   sing N N 207 
LYS CA  HA   sing N N 208 
LYS C   O    doub N N 209 
LYS C   OXT  sing N N 210 
LYS CB  CG   sing N N 211 
LYS CB  HB2  sing N N 212 
LYS CB  HB3  sing N N 213 
LYS CG  CD   sing N N 214 
LYS CG  HG2  sing N N 215 
LYS CG  HG3  sing N N 216 
LYS CD  CE   sing N N 217 
LYS CD  HD2  sing N N 218 
LYS CD  HD3  sing N N 219 
LYS CE  NZ   sing N N 220 
LYS CE  HE2  sing N N 221 
LYS CE  HE3  sing N N 222 
LYS NZ  HZ1  sing N N 223 
LYS NZ  HZ2  sing N N 224 
LYS NZ  HZ3  sing N N 225 
LYS OXT HXT  sing N N 226 
MET N   CA   sing N N 227 
MET N   H    sing N N 228 
MET N   H2   sing N N 229 
MET CA  C    sing N N 230 
MET CA  CB   sing N N 231 
MET CA  HA   sing N N 232 
MET C   O    doub N N 233 
MET C   OXT  sing N N 234 
MET CB  CG   sing N N 235 
MET CB  HB2  sing N N 236 
MET CB  HB3  sing N N 237 
MET CG  SD   sing N N 238 
MET CG  HG2  sing N N 239 
MET CG  HG3  sing N N 240 
MET SD  CE   sing N N 241 
MET CE  HE1  sing N N 242 
MET CE  HE2  sing N N 243 
MET CE  HE3  sing N N 244 
MET OXT HXT  sing N N 245 
PHE N   CA   sing N N 246 
PHE N   H    sing N N 247 
PHE N   H2   sing N N 248 
PHE CA  C    sing N N 249 
PHE CA  CB   sing N N 250 
PHE CA  HA   sing N N 251 
PHE C   O    doub N N 252 
PHE C   OXT  sing N N 253 
PHE CB  CG   sing N N 254 
PHE CB  HB2  sing N N 255 
PHE CB  HB3  sing N N 256 
PHE CG  CD1  doub Y N 257 
PHE CG  CD2  sing Y N 258 
PHE CD1 CE1  sing Y N 259 
PHE CD1 HD1  sing N N 260 
PHE CD2 CE2  doub Y N 261 
PHE CD2 HD2  sing N N 262 
PHE CE1 CZ   doub Y N 263 
PHE CE1 HE1  sing N N 264 
PHE CE2 CZ   sing Y N 265 
PHE CE2 HE2  sing N N 266 
PHE CZ  HZ   sing N N 267 
PHE OXT HXT  sing N N 268 
PRO N   CA   sing N N 269 
PRO N   CD   sing N N 270 
PRO N   H    sing N N 271 
PRO CA  C    sing N N 272 
PRO CA  CB   sing N N 273 
PRO CA  HA   sing N N 274 
PRO C   O    doub N N 275 
PRO C   OXT  sing N N 276 
PRO CB  CG   sing N N 277 
PRO CB  HB2  sing N N 278 
PRO CB  HB3  sing N N 279 
PRO CG  CD   sing N N 280 
PRO CG  HG2  sing N N 281 
PRO CG  HG3  sing N N 282 
PRO CD  HD2  sing N N 283 
PRO CD  HD3  sing N N 284 
PRO OXT HXT  sing N N 285 
RKJ C1  N1   sing N N 286 
RKJ N1  C2   sing N N 287 
RKJ N1  C7   sing N N 288 
RKJ C2  C10  sing N N 289 
RKJ C2  C3   sing N N 290 
RKJ C10 O2   sing Y N 291 
RKJ C10 C9   doub Y N 292 
RKJ C6  C7   sing N N 293 
RKJ C6  N2   sing N N 294 
RKJ O2  N3   sing Y N 295 
RKJ C8  C7   sing N N 296 
RKJ C8  C9   sing N N 297 
RKJ C8  O1   sing N N 298 
RKJ C7  C4   sing N N 299 
RKJ C9  C11  sing Y N 300 
RKJ N3  C11  doub Y N 301 
RKJ C11 C12  sing N N 302 
RKJ N2  C13  sing N N 303 
RKJ N2  C5   sing N N 304 
RKJ C13 C14  sing N N 305 
RKJ C3  C4   sing N N 306 
RKJ C4  C5   sing N N 307 
RKJ C4  H2   sing N N 308 
RKJ C5  H3   sing N N 309 
RKJ C5  H4   sing N N 310 
RKJ C6  H5   sing N N 311 
RKJ C6  H6   sing N N 312 
RKJ C8  H7   sing N N 313 
RKJ C13 H8   sing N N 314 
RKJ C13 H9   sing N N 315 
RKJ C1  H10  sing N N 316 
RKJ C1  H11  sing N N 317 
RKJ C1  H12  sing N N 318 
RKJ C12 H13  sing N N 319 
RKJ C12 H14  sing N N 320 
RKJ C12 H15  sing N N 321 
RKJ C14 H16  sing N N 322 
RKJ C14 H17  sing N N 323 
RKJ C14 H18  sing N N 324 
RKJ C2  H19  sing N N 325 
RKJ C3  H20  sing N N 326 
RKJ C3  H21  sing N N 327 
RKJ O1  H23  sing N N 328 
SER N   CA   sing N N 329 
SER N   H    sing N N 330 
SER N   H2   sing N N 331 
SER CA  C    sing N N 332 
SER CA  CB   sing N N 333 
SER CA  HA   sing N N 334 
SER C   O    doub N N 335 
SER C   OXT  sing N N 336 
SER CB  OG   sing N N 337 
SER CB  HB2  sing N N 338 
SER CB  HB3  sing N N 339 
SER OG  HG   sing N N 340 
SER OXT HXT  sing N N 341 
SO4 S   O1   doub N N 342 
SO4 S   O2   doub N N 343 
SO4 S   O3   sing N N 344 
SO4 S   O4   sing N N 345 
THR N   CA   sing N N 346 
THR N   H    sing N N 347 
THR N   H2   sing N N 348 
THR CA  C    sing N N 349 
THR CA  CB   sing N N 350 
THR CA  HA   sing N N 351 
THR C   O    doub N N 352 
THR C   OXT  sing N N 353 
THR CB  OG1  sing N N 354 
THR CB  CG2  sing N N 355 
THR CB  HB   sing N N 356 
THR OG1 HG1  sing N N 357 
THR CG2 HG21 sing N N 358 
THR CG2 HG22 sing N N 359 
THR CG2 HG23 sing N N 360 
THR OXT HXT  sing N N 361 
TYR N   CA   sing N N 362 
TYR N   H    sing N N 363 
TYR N   H2   sing N N 364 
TYR CA  C    sing N N 365 
TYR CA  CB   sing N N 366 
TYR CA  HA   sing N N 367 
TYR C   O    doub N N 368 
TYR C   OXT  sing N N 369 
TYR CB  CG   sing N N 370 
TYR CB  HB2  sing N N 371 
TYR CB  HB3  sing N N 372 
TYR CG  CD1  doub Y N 373 
TYR CG  CD2  sing Y N 374 
TYR CD1 CE1  sing Y N 375 
TYR CD1 HD1  sing N N 376 
TYR CD2 CE2  doub Y N 377 
TYR CD2 HD2  sing N N 378 
TYR CE1 CZ   doub Y N 379 
TYR CE1 HE1  sing N N 380 
TYR CE2 CZ   sing Y N 381 
TYR CE2 HE2  sing N N 382 
TYR CZ  OH   sing N N 383 
TYR OH  HH   sing N N 384 
TYR OXT HXT  sing N N 385 
VAL N   CA   sing N N 386 
VAL N   H    sing N N 387 
VAL N   H2   sing N N 388 
VAL CA  C    sing N N 389 
VAL CA  CB   sing N N 390 
VAL CA  HA   sing N N 391 
VAL C   O    doub N N 392 
VAL C   OXT  sing N N 393 
VAL CB  CG1  sing N N 394 
VAL CB  CG2  sing N N 395 
VAL CB  HB   sing N N 396 
VAL CG1 HG11 sing N N 397 
VAL CG1 HG12 sing N N 398 
VAL CG1 HG13 sing N N 399 
VAL CG2 HG21 sing N N 400 
VAL CG2 HG22 sing N N 401 
VAL CG2 HG23 sing N N 402 
VAL OXT HXT  sing N N 403 
# 
_pdbx_deposit_group.group_id            G_1002118 
_pdbx_deposit_group.group_description   
;Bromodomain of human ATAD2 screened against the Leeds 3D Fragment Library by X-ray Crystallography at the XChem
facility of Diamond Light Source beamline I04-1
;
_pdbx_deposit_group.group_title         'PanDDA analysis group deposition - Bromodomain of human ATAD2 fragment screening' 
_pdbx_deposit_group.group_type          'changed state' 
# 
_pdbx_entity_instance_feature.ordinal        1 
_pdbx_entity_instance_feature.comp_id        RKJ 
_pdbx_entity_instance_feature.asym_id        ? 
_pdbx_entity_instance_feature.seq_num        ? 
_pdbx_entity_instance_feature.auth_comp_id   RKJ 
_pdbx_entity_instance_feature.auth_asym_id   ? 
_pdbx_entity_instance_feature.auth_seq_num   ? 
_pdbx_entity_instance_feature.feature_type   'SUBJECT OF INVESTIGATION' 
_pdbx_entity_instance_feature.details        ? 
# 
_atom_sites.entry_id                    5QY0 
_atom_sites.fract_transf_matrix[1][1]   -0.01221104 
_atom_sites.fract_transf_matrix[1][2]   0.00713734 
_atom_sites.fract_transf_matrix[1][3]   0.00250673 
_atom_sites.fract_transf_matrix[2][1]   -0.00097114 
_atom_sites.fract_transf_matrix[2][2]   0.01394920 
_atom_sites.fract_transf_matrix[2][3]   -0.00329087 
_atom_sites.fract_transf_matrix[3][1]   -0.00234375 
_atom_sites.fract_transf_matrix[3][2]   -0.00170882 
_atom_sites.fract_transf_matrix[3][3]   -0.00655164 
_atom_sites.fract_transf_vector[1]      0.447151 
_atom_sites.fract_transf_vector[2]      0.601043 
_atom_sites.fract_transf_vector[3]      -0.025876 
# 
loop_
_atom_type.symbol 
C 
N 
O 
S 
# 
loop_
_atom_site.group_PDB 
_atom_site.id 
_atom_site.type_symbol 
_atom_site.label_atom_id 
_atom_site.label_alt_id 
_atom_site.label_comp_id 
_atom_site.label_asym_id 
_atom_site.label_entity_id 
_atom_site.label_seq_id 
_atom_site.pdbx_PDB_ins_code 
_atom_site.Cartn_x 
_atom_site.Cartn_y 
_atom_site.Cartn_z 
_atom_site.occupancy 
_atom_site.B_iso_or_equiv 
_atom_site.pdbx_formal_charge 
_atom_site.auth_seq_id 
_atom_site.auth_comp_id 
_atom_site.auth_asym_id 
_atom_site.auth_atom_id 
_atom_site.pdbx_PDB_model_num 
ATOM   1    N N   . SER A 1 1   ? 20.924  2.590   -15.770 1.00 43.86  ? 979  SER A N   1 
ATOM   2    C CA  . SER A 1 1   ? 20.818  2.414   -17.229 1.00 48.39  ? 979  SER A CA  1 
ATOM   3    C C   . SER A 1 1   ? 19.378  2.701   -17.686 1.00 57.16  ? 979  SER A C   1 
ATOM   4    O O   . SER A 1 1   ? 18.476  2.835   -16.823 1.00 44.33  ? 979  SER A O   1 
ATOM   5    C CB  . SER A 1 1   ? 21.251  1.034   -17.637 1.00 52.19  ? 979  SER A CB  1 
ATOM   6    O OG  . SER A 1 1   ? 20.367  0.037   -17.116 1.00 45.44  ? 979  SER A OG  1 
ATOM   7    N N   . MET A 1 2   ? 19.176  2.790   -18.999 1.00 56.61  ? 980  MET A N   1 
ATOM   8    C CA  . MET A 1 2   ? 17.838  2.973   -19.627 1.00 60.79  ? 980  MET A CA  1 
ATOM   9    C C   . MET A 1 2   ? 16.983  1.731   -19.361 1.00 50.84  ? 980  MET A C   1 
ATOM   10   O O   . MET A 1 2   ? 15.791  1.880   -19.164 1.00 44.52  ? 980  MET A O   1 
ATOM   11   C CB  . MET A 1 2   ? 17.945  3.160   -21.148 1.00 70.12  ? 980  MET A CB  1 
ATOM   12   C CG  . MET A 1 2   ? 16.596  3.310   -21.867 1.00 82.65  ? 980  MET A CG  1 
ATOM   13   S SD  . MET A 1 2   ? 15.825  4.968   -21.679 1.00 117.49 ? 980  MET A SD  1 
ATOM   14   C CE  . MET A 1 2   ? 14.943  4.828   -20.119 1.00 101.03 ? 980  MET A CE  1 
ATOM   15   N N   . GLN A 1 3   ? 17.574  0.545   -19.434 1.00 39.85  ? 981  GLN A N   1 
ATOM   16   C CA  . GLN A 1 3   ? 16.887  -0.737  -19.192 1.00 46.26  ? 981  GLN A CA  1 
ATOM   17   C C   . GLN A 1 3   ? 16.417  -0.736  -17.732 1.00 34.65  ? 981  GLN A C   1 
ATOM   18   O O   . GLN A 1 3   ? 15.326  -1.243  -17.484 1.00 36.37  ? 981  GLN A O   1 
ATOM   19   C CB  . GLN A 1 3   ? 17.795  -1.930  -19.510 1.00 50.67  ? 981  GLN A CB  1 
ATOM   20   C CG  . GLN A 1 3   ? 18.481  -1.815  -20.878 1.00 70.35  ? 981  GLN A CG  1 
ATOM   21   C CD  . GLN A 1 3   ? 19.835  -1.123  -20.828 1.00 83.15  ? 981  GLN A CD  1 
ATOM   22   O OE1 . GLN A 1 3   ? 19.998  0.069   -21.161 1.00 76.07  ? 981  GLN A OE1 1 
ATOM   23   N NE2 . GLN A 1 3   ? 20.839  -1.871  -20.386 1.00 84.51  ? 981  GLN A NE2 1 
ATOM   24   N N   . GLU A 1 4   ? 17.237  -0.258  -16.800 1.00 30.00  ? 982  GLU A N   1 
ATOM   25   C CA  . GLU A 1 4   ? 16.851  -0.208  -15.365 1.00 29.82  ? 982  GLU A CA  1 
ATOM   26   C C   . GLU A 1 4   ? 15.691  0.788   -15.189 1.00 26.88  ? 982  GLU A C   1 
ATOM   27   O O   . GLU A 1 4   ? 14.717  0.460   -14.413 1.00 23.59  ? 982  GLU A O   1 
ATOM   28   C CB  . GLU A 1 4   ? 18.058  0.082   -14.480 1.00 30.38  ? 982  GLU A CB  1 
ATOM   29   C CG  . GLU A 1 4   ? 18.988  -1.139  -14.413 1.00 34.36  ? 982  GLU A CG  1 
ATOM   30   C CD  . GLU A 1 4   ? 20.288  -0.847  -13.671 1.00 43.88  ? 982  GLU A CD  1 
ATOM   31   O OE1 . GLU A 1 4   ? 20.548  0.366   -13.451 1.00 42.27  ? 982  GLU A OE1 1 
ATOM   32   O OE2 . GLU A 1 4   ? 21.015  -1.827  -13.234 1.00 39.00  ? 982  GLU A OE2 1 
ATOM   33   N N   . GLU A 1 5   ? 15.732  1.952   -15.841 1.00 26.74  ? 983  GLU A N   1 
ATOM   34   C CA  . GLU A 1 5   ? 14.606  2.920   -15.728 1.00 31.84  ? 983  GLU A CA  1 
ATOM   35   C C   . GLU A 1 5   ? 13.306  2.306   -16.321 1.00 28.67  ? 983  GLU A C   1 
ATOM   36   O O   . GLU A 1 5   ? 12.239  2.565   -15.737 1.00 24.90  ? 983  GLU A O   1 
ATOM   37   C CB  . GLU A 1 5   ? 14.974  4.281   -16.348 1.00 39.38  ? 983  GLU A CB  1 
ATOM   38   C CG  . GLU A 1 5   ? 16.040  5.042   -15.531 1.00 49.38  ? 983  GLU A CG  1 
ATOM   39   C CD  . GLU A 1 5   ? 15.922  5.030   -14.000 1.00 67.06  ? 983  GLU A CD  1 
ATOM   40   O OE1 . GLU A 1 5   ? 14.901  5.565   -13.503 1.00 82.81  ? 983  GLU A OE1 1 
ATOM   41   O OE2 . GLU A 1 5   ? 16.850  4.479   -13.270 1.00 72.16  ? 983  GLU A OE2 1 
ATOM   42   N N   . ASP A 1 6   ? 13.354  1.557   -17.424 1.00 24.30  ? 984  ASP A N   1 
ATOM   43   C CA  . ASP A 1 6   ? 12.207  0.805   -17.992 1.00 26.32  ? 984  ASP A CA  1 
ATOM   44   C C   . ASP A 1 6   ? 11.657  -0.237  -16.969 1.00 25.76  ? 984  ASP A C   1 
ATOM   45   O O   . ASP A 1 6   ? 10.392  -0.337  -16.851 1.00 21.03  ? 984  ASP A O   1 
ATOM   46   C CB  . ASP A 1 6   ? 12.531  0.085   -19.306 1.00 31.29  ? 984  ASP A CB  1 
ATOM   47   C CG  . ASP A 1 6   ? 12.755  1.000   -20.537 1.00 37.52  ? 984  ASP A CG  1 
ATOM   48   O OD1 . ASP A 1 6   ? 12.477  2.220   -20.465 1.00 42.64  ? 984  ASP A OD1 1 
ATOM   49   O OD2 . ASP A 1 6   ? 13.247  0.467   -21.534 1.00 58.33  ? 984  ASP A OD2 1 
ATOM   50   N N   . THR A 1 7   ? 12.516  -0.930  -16.219 1.00 22.06  ? 985  THR A N   1 
ATOM   51   C CA  . THR A 1 7   ? 12.090  -1.882  -15.155 1.00 21.38  ? 985  THR A CA  1 
ATOM   52   C C   . THR A 1 7   ? 11.247  -1.102  -14.125 1.00 21.79  ? 985  THR A C   1 
ATOM   53   O O   . THR A 1 7   ? 10.133  -1.566  -13.737 1.00 18.36  ? 985  THR A O   1 
ATOM   54   C CB  . THR A 1 7   ? 13.263  -2.661  -14.549 1.00 22.25  ? 985  THR A CB  1 
ATOM   55   O OG1 . THR A 1 7   ? 13.925  -3.416  -15.601 1.00 25.59  ? 985  THR A OG1 1 
ATOM   56   C CG2 . THR A 1 7   ? 12.802  -3.609  -13.469 1.00 22.93  ? 985  THR A CG2 1 
ATOM   57   N N   . PHE A 1 8   ? 11.780  -0.007  -13.596 1.00 20.19  ? 986  PHE A N   1 
ATOM   58   C CA  . PHE A 1 8   ? 11.059  0.742   -12.548 1.00 20.84  ? 986  PHE A CA  1 
ATOM   59   C C   . PHE A 1 8   ? 9.743   1.341   -13.084 1.00 21.27  ? 986  PHE A C   1 
ATOM   60   O O   . PHE A 1 8   ? 8.771   1.397   -12.314 1.00 19.99  ? 986  PHE A O   1 
ATOM   61   C CB  . PHE A 1 8   ? 11.951  1.736   -11.814 1.00 22.60  ? 986  PHE A CB  1 
ATOM   62   C CG  . PHE A 1 8   ? 13.042  1.129   -10.957 1.00 23.01  ? 986  PHE A CG  1 
ATOM   63   C CD1 . PHE A 1 8   ? 12.805  0.118   -10.046 1.00 25.80  ? 986  PHE A CD1 1 
ATOM   64   C CD2 . PHE A 1 8   ? 14.323  1.669   -11.010 1.00 27.39  ? 986  PHE A CD2 1 
ATOM   65   C CE1 . PHE A 1 8   ? 13.821  -0.422  -9.253  1.00 27.66  ? 986  PHE A CE1 1 
ATOM   66   C CE2 . PHE A 1 8   ? 15.347  1.141   -10.213 1.00 29.00  ? 986  PHE A CE2 1 
ATOM   67   C CZ  . PHE A 1 8   ? 15.093  0.119   -9.327  1.00 27.17  ? 986  PHE A CZ  1 
ATOM   68   N N   A ARG A 1 9   ? 9.708   1.791   -14.352 0.23 20.60  ? 987  ARG A N   1 
ATOM   69   N N   B ARG A 1 9   ? 9.720   1.788   -14.345 0.23 19.86  ? 987  ARG A N   1 
ATOM   70   N N   C ARG A 1 9   ? 9.669   1.756   -14.355 0.04 19.29  ? 987  ARG A N   1 
ATOM   71   C CA  A ARG A 1 9   ? 8.464   2.300   -14.992 0.23 22.43  ? 987  ARG A CA  1 
ATOM   72   C CA  B ARG A 1 9   ? 8.473   2.279   -14.972 0.23 21.11  ? 987  ARG A CA  1 
ATOM   73   C CA  C ARG A 1 9   ? 8.402   2.305   -14.920 0.04 18.62  ? 987  ARG A CA  1 
ATOM   74   C C   A ARG A 1 9   ? 7.405   1.179   -15.009 0.23 20.05  ? 987  ARG A C   1 
ATOM   75   C C   B ARG A 1 9   ? 7.411   1.167   -14.974 0.23 19.34  ? 987  ARG A C   1 
ATOM   76   C C   C ARG A 1 9   ? 7.365   1.178   -15.055 0.04 18.22  ? 987  ARG A C   1 
ATOM   77   O O   A ARG A 1 9   ? 6.231   1.486   -14.698 0.23 18.87  ? 987  ARG A O   1 
ATOM   78   O O   B ARG A 1 9   ? 6.240   1.477   -14.654 0.23 18.43  ? 987  ARG A O   1 
ATOM   79   O O   C ARG A 1 9   ? 6.167   1.477   -14.869 0.04 17.94  ? 987  ARG A O   1 
ATOM   80   C CB  A ARG A 1 9   ? 8.718   2.849   -16.400 0.23 24.44  ? 987  ARG A CB  1 
ATOM   81   C CB  B ARG A 1 9   ? 8.694   2.756   -16.402 0.23 21.85  ? 987  ARG A CB  1 
ATOM   82   C CB  C ARG A 1 9   ? 8.604   3.021   -16.258 0.04 17.94  ? 987  ARG A CB  1 
ATOM   83   C CG  A ARG A 1 9   ? 7.794   3.988   -16.823 0.23 28.58  ? 987  ARG A CG  1 
ATOM   84   C CG  B ARG A 1 9   ? 7.422   3.277   -17.046 0.23 24.31  ? 987  ARG A CG  1 
ATOM   85   C CG  C ARG A 1 9   ? 7.478   3.984   -16.622 0.04 17.59  ? 987  ARG A CG  1 
ATOM   86   C CD  A ARG A 1 9   ? 8.253   4.662   -18.121 0.23 30.80  ? 987  ARG A CD  1 
ATOM   87   C CD  B ARG A 1 9   ? 7.747   4.268   -18.136 0.23 26.31  ? 987  ARG A CD  1 
ATOM   88   C CD  C ARG A 1 9   ? 7.898   4.856   -17.790 0.04 17.15  ? 987  ARG A CD  1 
ATOM   89   N NE  A ARG A 1 9   ? 9.557   5.303   -17.994 0.23 34.83  ? 987  ARG A NE  1 
ATOM   90   N NE  B ARG A 1 9   ? 6.522   4.943   -18.488 0.23 27.65  ? 987  ARG A NE  1 
ATOM   91   N NE  C ARG A 1 9   ? 6.968   5.862   -18.295 0.04 16.79  ? 987  ARG A NE  1 
ATOM   92   C CZ  A ARG A 1 9   ? 10.690  4.919   -18.597 0.23 32.17  ? 987  ARG A CZ  1 
ATOM   93   C CZ  B ARG A 1 9   ? 5.727   4.574   -19.483 0.23 26.00  ? 987  ARG A CZ  1 
ATOM   94   C CZ  C ARG A 1 9   ? 5.713   5.649   -18.688 0.04 16.32  ? 987  ARG A CZ  1 
ATOM   95   N NH1 A ARG A 1 9   ? 10.724  3.897   -19.430 0.23 31.42  ? 987  ARG A NH1 1 
ATOM   96   N NH1 B ARG A 1 9   ? 4.622   5.267   -19.674 0.23 27.60  ? 987  ARG A NH1 1 
ATOM   97   N NH1 C ARG A 1 9   ? 5.009   6.653   -19.178 0.04 15.65  ? 987  ARG A NH1 1 
ATOM   98   N NH2 A ARG A 1 9   ? 11.802  5.573   -18.351 0.23 33.26  ? 987  ARG A NH2 1 
ATOM   99   N NH2 B ARG A 1 9   ? 6.009   3.517   -20.241 0.23 21.49  ? 987  ARG A NH2 1 
ATOM   100  N NH2 C ARG A 1 9   ? 5.143   4.465   -18.540 0.04 16.01  ? 987  ARG A NH2 1 
ATOM   101  N N   . GLU A 1 10  ? 7.791   -0.050  -15.382 1.00 17.70  ? 988  GLU A N   1 
ATOM   102  C CA  . GLU A 1 10  ? 6.857   -1.226  -15.398 1.00 17.42  ? 988  GLU A CA  1 
ATOM   103  C C   . GLU A 1 10  ? 6.348   -1.500  -13.957 1.00 16.69  ? 988  GLU A C   1 
ATOM   104  O O   . GLU A 1 10  ? 5.111   -1.710  -13.749 1.00 16.35  ? 988  GLU A O   1 
ATOM   105  C CB  . GLU A 1 10  ? 7.462   -2.468  -16.070 1.00 18.87  ? 988  GLU A CB  1 
ATOM   106  C CG  . GLU A 1 10  ? 6.533   -3.660  -15.988 1.00 18.80  ? 988  GLU A CG  1 
ATOM   107  C CD  . GLU A 1 10  ? 6.781   -4.804  -16.953 1.00 27.89  ? 988  GLU A CD  1 
ATOM   108  O OE1 . GLU A 1 10  ? 6.088   -5.861  -16.825 1.00 23.87  ? 988  GLU A OE1 1 
ATOM   109  O OE2 . GLU A 1 10  ? 7.744   -4.699  -17.743 1.00 26.88  ? 988  GLU A OE2 1 
ATOM   110  N N   . LEU A 1 11  ? 7.233   -1.414  -12.963 1.00 16.61  ? 989  LEU A N   1 
ATOM   111  C CA  . LEU A 1 11  ? 6.825   -1.591  -11.558 1.00 17.04  ? 989  LEU A CA  1 
ATOM   112  C C   . LEU A 1 11  ? 5.744   -0.541  -11.191 1.00 17.73  ? 989  LEU A C   1 
ATOM   113  O O   . LEU A 1 11  ? 4.710   -0.918  -10.573 1.00 17.35  ? 989  LEU A O   1 
ATOM   114  C CB  . LEU A 1 11  ? 8.028   -1.506  -10.615 1.00 18.18  ? 989  LEU A CB  1 
ATOM   115  C CG  . LEU A 1 11  ? 7.655   -1.514  -9.133  1.00 21.32  ? 989  LEU A CG  1 
ATOM   116  C CD1 . LEU A 1 11  ? 7.063   -2.858  -8.739  1.00 22.74  ? 989  LEU A CD1 1 
ATOM   117  C CD2 . LEU A 1 11  ? 8.844   -1.150  -8.253  1.00 24.50  ? 989  LEU A CD2 1 
ATOM   118  N N   . ARG A 1 12  ? 5.929   0.744   -11.525 1.00 16.27  ? 990  ARG A N   1 
ATOM   119  C CA  . ARG A 1 12  ? 4.937   1.815   -11.200 1.00 15.55  ? 990  ARG A CA  1 
ATOM   120  C C   . ARG A 1 12  ? 3.593   1.549   -11.894 1.00 15.66  ? 990  ARG A C   1 
ATOM   121  O O   . ARG A 1 12  ? 2.517   1.679   -11.220 1.00 14.71  ? 990  ARG A O   1 
ATOM   122  C CB  . ARG A 1 12  ? 5.506   3.224   -11.520 1.00 15.23  ? 990  ARG A CB  1 
ATOM   123  C CG  . ARG A 1 12  ? 6.725   3.571   -10.679 1.00 17.86  ? 990  ARG A CG  1 
ATOM   124  C CD  . ARG A 1 12  ? 7.056   5.077   -10.828 1.00 18.18  ? 990  ARG A CD  1 
ATOM   125  N NE  . ARG A 1 12  ? 7.460   5.433   -12.180 1.00 18.34  ? 990  ARG A NE  1 
ATOM   126  C CZ  . ARG A 1 12  ? 8.718   5.429   -12.672 1.00 20.70  ? 990  ARG A CZ  1 
ATOM   127  N NH1 . ARG A 1 12  ? 8.921   5.785   -13.933 1.00 23.40  ? 990  ARG A NH1 1 
ATOM   128  N NH2 . ARG A 1 12  ? 9.708   4.953   -11.982 1.00 22.51  ? 990  ARG A NH2 1 
ATOM   129  N N   . ILE A 1 13  ? 3.595   1.146   -13.165 1.00 15.87  ? 991  ILE A N   1 
ATOM   130  C CA  . ILE A 1 13  ? 2.353   0.801   -13.897 1.00 15.80  ? 991  ILE A CA  1 
ATOM   131  C C   . ILE A 1 13  ? 1.591   -0.336  -13.183 1.00 15.75  ? 991  ILE A C   1 
ATOM   132  O O   . ILE A 1 13  ? 0.341   -0.187  -12.974 1.00 16.69  ? 991  ILE A O   1 
ATOM   133  C CB  . ILE A 1 13  ? 2.653   0.504   -15.365 1.00 17.14  ? 991  ILE A CB  1 
ATOM   134  C CG1 . ILE A 1 13  ? 3.139   1.772   -16.069 1.00 21.04  ? 991  ILE A CG1 1 
ATOM   135  C CG2 . ILE A 1 13  ? 1.415   -0.067  -16.044 1.00 21.74  ? 991  ILE A CG2 1 
ATOM   136  C CD1 . ILE A 1 13  ? 3.824   1.459   -17.353 1.00 23.22  ? 991  ILE A CD1 1 
ATOM   137  N N   . PHE A 1 14  ? 2.274   -1.389  -12.809 1.00 15.45  ? 992  PHE A N   1 
ATOM   138  C CA  . PHE A 1 14  ? 1.716   -2.541  -12.048 1.00 15.49  ? 992  PHE A CA  1 
ATOM   139  C C   . PHE A 1 14  ? 1.133   -2.073  -10.714 1.00 15.49  ? 992  PHE A C   1 
ATOM   140  O O   . PHE A 1 14  ? -0.047  -2.387  -10.390 1.00 15.30  ? 992  PHE A O   1 
ATOM   141  C CB  . PHE A 1 14  ? 2.796   -3.620  -11.848 1.00 17.14  ? 992  PHE A CB  1 
ATOM   142  C CG  . PHE A 1 14  ? 2.305   -4.780  -11.023 1.00 17.16  ? 992  PHE A CG  1 
ATOM   143  C CD1 . PHE A 1 14  ? 1.446   -5.705  -11.570 1.00 20.84  ? 992  PHE A CD1 1 
ATOM   144  C CD2 . PHE A 1 14  ? 2.726   -4.920  -9.704  1.00 19.29  ? 992  PHE A CD2 1 
ATOM   145  C CE1 . PHE A 1 14  ? 0.954   -6.770  -10.800 1.00 22.04  ? 992  PHE A CE1 1 
ATOM   146  C CE2 . PHE A 1 14  ? 2.229   -5.975  -8.938  1.00 23.59  ? 992  PHE A CE2 1 
ATOM   147  C CZ  . PHE A 1 14  ? 1.359   -6.897  -9.495  1.00 20.25  ? 992  PHE A CZ  1 
ATOM   148  N N   . LEU A 1 15  ? 1.871   -1.277  -9.932  1.00 15.95  ? 993  LEU A N   1 
ATOM   149  C CA  . LEU A 1 15  ? 1.402   -0.804  -8.596  1.00 15.91  ? 993  LEU A CA  1 
ATOM   150  C C   . LEU A 1 15  ? 0.197   0.120   -8.714  1.00 15.76  ? 993  LEU A C   1 
ATOM   151  O O   . LEU A 1 15  ? -0.722  0.037   -7.824  1.00 16.21  ? 993  LEU A O   1 
ATOM   152  C CB  . LEU A 1 15  ? 2.536   -0.135  -7.827  1.00 17.89  ? 993  LEU A CB  1 
ATOM   153  C CG  . LEU A 1 15  ? 3.714   -1.048  -7.455  1.00 19.87  ? 993  LEU A CG  1 
ATOM   154  C CD1 . LEU A 1 15  ? 4.810   -0.269  -6.664  1.00 22.43  ? 993  LEU A CD1 1 
ATOM   155  C CD2 . LEU A 1 15  ? 3.260   -2.270  -6.694  1.00 21.32  ? 993  LEU A CD2 1 
ATOM   156  N N   . ARG A 1 16  ? 0.145   1.015   -9.681  1.00 15.95  ? 994  ARG A N   1 
ATOM   157  C CA  . ARG A 1 16  ? -1.016  1.905   -9.889  1.00 17.17  ? 994  ARG A CA  1 
ATOM   158  C C   . ARG A 1 16  ? -2.273  1.083   -10.187 1.00 19.75  ? 994  ARG A C   1 
ATOM   159  O O   . ARG A 1 16  ? -3.369  1.420   -9.721  1.00 17.47  ? 994  ARG A O   1 
ATOM   160  C CB  . ARG A 1 16  ? -0.853  2.879   -11.059 1.00 21.09  ? 994  ARG A CB  1 
ATOM   161  C CG  . ARG A 1 16  ? 0.087   4.026   -10.829 1.00 23.54  ? 994  ARG A CG  1 
ATOM   162  C CD  . ARG A 1 16  ? -0.060  5.143   -11.898 1.00 23.98  ? 994  ARG A CD  1 
ATOM   163  N NE  . ARG A 1 16  ? 1.161   5.874   -11.825 1.00 24.26  ? 994  ARG A NE  1 
ATOM   164  C CZ  . ARG A 1 16  ? 2.273   5.649   -12.478 1.00 26.08  ? 994  ARG A CZ  1 
ATOM   165  N NH1 . ARG A 1 16  ? 2.359   4.855   -13.536 1.00 23.73  ? 994  ARG A NH1 1 
ATOM   166  N NH2 . ARG A 1 16  ? 3.310   6.372   -12.121 1.00 27.77  ? 994  ARG A NH2 1 
ATOM   167  N N   . ASN A 1 17  ? -2.139  0.063   -11.010 1.00 18.13  ? 995  ASN A N   1 
ATOM   168  C CA  . ASN A 1 17  ? -3.285  -0.793  -11.403 1.00 20.06  ? 995  ASN A CA  1 
ATOM   169  C C   . ASN A 1 17  ? -3.810  -1.572  -10.185 1.00 17.58  ? 995  ASN A C   1 
ATOM   170  O O   . ASN A 1 17  ? -5.061  -1.530  -9.973  1.00 17.72  ? 995  ASN A O   1 
ATOM   171  C CB  . ASN A 1 17  ? -2.922  -1.681  -12.588 1.00 19.21  ? 995  ASN A CB  1 
ATOM   172  C CG  . ASN A 1 17  ? -4.043  -2.654  -12.895 1.00 25.16  ? 995  ASN A CG  1 
ATOM   173  O OD1 . ASN A 1 17  ? -4.028  -3.791  -12.434 1.00 20.52  ? 995  ASN A OD1 1 
ATOM   174  N ND2 . ASN A 1 17  ? -5.027  -2.183  -13.642 1.00 27.12  ? 995  ASN A ND2 1 
ATOM   175  N N   . VAL A 1 18  ? -2.955  -2.184  -9.385  1.00 18.20  ? 996  VAL A N   1 
ATOM   176  C CA  . VAL A 1 18  ? -3.357  -2.857  -8.131  1.00 19.09  ? 996  VAL A CA  1 
ATOM   177  C C   . VAL A 1 18  ? -4.085  -1.872  -7.202  1.00 18.19  ? 996  VAL A C   1 
ATOM   178  O O   . VAL A 1 18  ? -5.196  -2.190  -6.690  1.00 17.24  ? 996  VAL A O   1 
ATOM   179  C CB  . VAL A 1 18  ? -2.174  -3.535  -7.429  1.00 19.83  ? 996  VAL A CB  1 
ATOM   180  C CG1 . VAL A 1 18  ? -2.597  -4.073  -6.059  1.00 21.09  ? 996  VAL A CG1 1 
ATOM   181  C CG2 . VAL A 1 18  ? -1.562  -4.595  -8.361  1.00 21.60  ? 996  VAL A CG2 1 
ATOM   182  N N   . THR A 1 19  ? -3.490  -0.698  -6.966  0.51 17.83  ? 997  THR A N   1 
ATOM   183  C CA  . THR A 1 19  ? -3.997  0.304   -5.985  0.51 18.70  ? 997  THR A CA  1 
ATOM   184  C C   . THR A 1 19  ? -5.363  0.849   -6.429  0.51 19.43  ? 997  THR A C   1 
ATOM   185  O O   . THR A 1 19  ? -6.249  0.978   -5.560  0.51 19.01  ? 997  THR A O   1 
ATOM   186  C CB  . THR A 1 19  ? -3.000  1.447   -5.765  0.51 18.99  ? 997  THR A CB  1 
ATOM   187  O OG1 . THR A 1 19  ? -1.741  0.887   -5.397  0.51 18.81  ? 997  THR A OG1 1 
ATOM   188  C CG2 . THR A 1 19  ? -3.453  2.409   -4.691  0.51 20.07  ? 997  THR A CG2 1 
ATOM   189  N N   . HIS A 1 20  ? -5.542  1.187   -7.709  0.51 19.17  ? 998  HIS A N   1 
ATOM   190  C CA  . HIS A 1 20  ? -6.833  1.718   -8.225  0.51 20.55  ? 998  HIS A CA  1 
ATOM   191  C C   . HIS A 1 20  ? -7.914  0.636   -8.093  0.51 21.02  ? 998  HIS A C   1 
ATOM   192  O O   . HIS A 1 20  ? -9.076  0.988   -7.779  0.51 21.93  ? 998  HIS A O   1 
ATOM   193  C CB  . HIS A 1 20  ? -6.690  2.269   -9.656  0.51 23.16  ? 998  HIS A CB  1 
ATOM   194  C CG  . HIS A 1 20  ? -6.023  3.608   -9.740  0.51 25.54  ? 998  HIS A CG  1 
ATOM   195  N ND1 . HIS A 1 20  ? -4.964  3.857   -10.599 0.51 27.94  ? 998  HIS A ND1 1 
ATOM   196  C CD2 . HIS A 1 20  ? -6.268  4.778   -9.103  0.51 25.82  ? 998  HIS A CD2 1 
ATOM   197  C CE1 . HIS A 1 20  ? -4.581  5.114   -10.472 0.51 26.79  ? 998  HIS A CE1 1 
ATOM   198  N NE2 . HIS A 1 20  ? -5.360  5.699   -9.560  0.51 26.00  ? 998  HIS A NE2 1 
ATOM   199  N N   . ARG A 1 21  ? -7.568  -0.637  -8.299  0.51 19.86  ? 999  ARG A N   1 
ATOM   200  C CA  . ARG A 1 21  ? -8.554  -1.746  -8.171  0.51 20.92  ? 999  ARG A CA  1 
ATOM   201  C C   . ARG A 1 21  ? -9.027  -1.873  -6.709  0.51 19.82  ? 999  ARG A C   1 
ATOM   202  O O   . ARG A 1 21  ? -10.252 -2.039  -6.511  0.51 19.83  ? 999  ARG A O   1 
ATOM   203  C CB  . ARG A 1 21  ? -7.978  -3.034  -8.752  0.51 21.73  ? 999  ARG A CB  1 
ATOM   204  C CG  . ARG A 1 21  ? -7.930  -3.008  -10.277 0.51 23.39  ? 999  ARG A CG  1 
ATOM   205  C CD  . ARG A 1 21  ? -6.985  -4.038  -10.866 0.51 24.48  ? 999  ARG A CD  1 
ATOM   206  N NE  . ARG A 1 21  ? -7.359  -5.390  -10.489 0.51 25.67  ? 999  ARG A NE  1 
ATOM   207  C CZ  . ARG A 1 21  ? -6.618  -6.466  -10.741 0.51 27.09  ? 999  ARG A CZ  1 
ATOM   208  N NH1 . ARG A 1 21  ? -7.032  -7.657  -10.353 0.51 25.76  ? 999  ARG A NH1 1 
ATOM   209  N NH2 . ARG A 1 21  ? -5.475  -6.349  -11.391 0.51 27.38  ? 999  ARG A NH2 1 
ATOM   210  N N   . LEU A 1 22  ? -8.111  -1.802  -5.735  1.00 18.26  ? 1000 LEU A N   1 
ATOM   211  C CA  . LEU A 1 22  ? -8.477  -1.793  -4.298  1.00 18.53  ? 1000 LEU A CA  1 
ATOM   212  C C   . LEU A 1 22  ? -9.379  -0.571  -4.046  1.00 19.08  ? 1000 LEU A C   1 
ATOM   213  O O   . LEU A 1 22  ? -10.423 -0.726  -3.325  1.00 21.25  ? 1000 LEU A O   1 
ATOM   214  C CB  . LEU A 1 22  ? -7.232  -1.746  -3.411  1.00 17.71  ? 1000 LEU A CB  1 
ATOM   215  C CG  . LEU A 1 22  ? -6.285  -2.919  -3.537  1.00 19.53  ? 1000 LEU A CG  1 
ATOM   216  C CD1 . LEU A 1 22  ? -4.986  -2.649  -2.776  1.00 21.40  ? 1000 LEU A CD1 1 
ATOM   217  C CD2 . LEU A 1 22  ? -6.934  -4.218  -3.060  1.00 21.90  ? 1000 LEU A CD2 1 
ATOM   218  N N   . ALA A 1 23  ? -9.031  0.596   -4.569  1.00 19.45  ? 1001 ALA A N   1 
ATOM   219  C CA  . ALA A 1 23  ? -9.698  1.869   -4.254  1.00 21.49  ? 1001 ALA A CA  1 
ATOM   220  C C   . ALA A 1 23  ? -11.143 1.921   -4.807  1.00 24.81  ? 1001 ALA A C   1 
ATOM   221  O O   . ALA A 1 23  ? -11.920 2.703   -4.216  1.00 23.12  ? 1001 ALA A O   1 
ATOM   222  C CB  . ALA A 1 23  ? -8.899  3.042   -4.735  1.00 25.23  ? 1001 ALA A CB  1 
ATOM   223  N N   . ILE A 1 24  ? -11.515 1.155   -5.831  1.00 23.57  ? 1002 ILE A N   1 
ATOM   224  C CA  . ILE A 1 24  ? -12.927 1.180   -6.318  1.00 26.96  ? 1002 ILE A CA  1 
ATOM   225  C C   . ILE A 1 24  ? -13.795 0.132   -5.599  1.00 29.05  ? 1002 ILE A C   1 
ATOM   226  O O   . ILE A 1 24  ? -14.998 0.091   -5.867  1.00 28.67  ? 1002 ILE A O   1 
ATOM   227  C CB  . ILE A 1 24  ? -13.042 1.012   -7.838  1.00 29.21  ? 1002 ILE A CB  1 
ATOM   228  C CG1 . ILE A 1 24  ? -12.515 -0.343  -8.252  1.00 28.07  ? 1002 ILE A CG1 1 
ATOM   229  C CG2 . ILE A 1 24  ? -12.369 2.154   -8.567  1.00 35.99  ? 1002 ILE A CG2 1 
ATOM   230  C CD1 . ILE A 1 24  ? -12.763 -0.705  -9.683  1.00 38.68  ? 1002 ILE A CD1 1 
ATOM   231  N N   . ASP A 1 25  ? -13.261 -0.770  -4.780  1.00 25.48  ? 1003 ASP A N   1 
ATOM   232  C CA  . ASP A 1 25  ? -14.074 -1.777  -4.066  1.00 27.23  ? 1003 ASP A CA  1 
ATOM   233  C C   . ASP A 1 25  ? -14.828 -1.056  -2.933  1.00 29.48  ? 1003 ASP A C   1 
ATOM   234  O O   . ASP A 1 25  ? -14.180 -0.380  -2.089  1.00 25.13  ? 1003 ASP A O   1 
ATOM   235  C CB  . ASP A 1 25  ? -13.168 -2.893  -3.563  1.00 27.67  ? 1003 ASP A CB  1 
ATOM   236  C CG  . ASP A 1 25  ? -13.858 -4.123  -2.980  1.00 31.75  ? 1003 ASP A CG  1 
ATOM   237  O OD1 . ASP A 1 25  ? -14.707 -3.988  -2.049  1.00 30.89  ? 1003 ASP A OD1 1 
ATOM   238  O OD2 . ASP A 1 25  ? -13.425 -5.214  -3.341  1.00 31.33  ? 1003 ASP A OD2 1 
ATOM   239  N N   . LYS A 1 26  ? -16.166 -1.194  -2.864  1.00 28.14  ? 1004 LYS A N   1 
ATOM   240  C CA  . LYS A 1 26  ? -17.011 -0.488  -1.860  1.00 28.06  ? 1004 LYS A CA  1 
ATOM   241  C C   . LYS A 1 26  ? -16.574 -0.812  -0.419  1.00 21.89  ? 1004 LYS A C   1 
ATOM   242  O O   . LYS A 1 26  ? -16.697 0.108   0.411   1.00 26.87  ? 1004 LYS A O   1 
ATOM   243  C CB  . LYS A 1 26  ? -18.513 -0.826  -2.047  1.00 33.11  ? 1004 LYS A CB  1 
ATOM   244  N N   . ARG A 1 27  ? -16.037 -1.986  -0.159  1.00 24.24  ? 1005 ARG A N   1 
ATOM   245  C CA  . ARG A 1 27  ? -15.591 -2.405  1.197   1.00 24.82  ? 1005 ARG A CA  1 
ATOM   246  C C   . ARG A 1 27  ? -14.474 -1.491  1.707   1.00 25.18  ? 1005 ARG A C   1 
ATOM   247  O O   . ARG A 1 27  ? -14.349 -1.305  2.945   1.00 24.77  ? 1005 ARG A O   1 
ATOM   248  C CB  . ARG A 1 27  ? -15.040 -3.820  1.219   1.00 25.35  ? 1005 ARG A CB  1 
ATOM   249  C CG  . ARG A 1 27  ? -16.073 -4.934  1.022   1.00 29.89  ? 1005 ARG A CG  1 
ATOM   250  C CD  . ARG A 1 27  ? -15.459 -6.304  0.956   1.00 29.64  ? 1005 ARG A CD  1 
ATOM   251  N NE  . ARG A 1 27  ? -14.642 -6.453  -0.247  1.00 31.26  ? 1005 ARG A NE  1 
ATOM   252  C CZ  . ARG A 1 27  ? -13.797 -7.446  -0.487  1.00 31.53  ? 1005 ARG A CZ  1 
ATOM   253  N NH1 . ARG A 1 27  ? -13.597 -8.413  0.397   1.00 32.48  ? 1005 ARG A NH1 1 
ATOM   254  N NH2 . ARG A 1 27  ? -13.135 -7.472  -1.625  1.00 31.81  ? 1005 ARG A NH2 1 
ATOM   255  N N   . PHE A 1 28  ? -13.673 -0.946  0.791   1.00 23.08  ? 1006 PHE A N   1 
ATOM   256  C CA  . PHE A 1 28  ? -12.413 -0.243  1.148   1.00 22.93  ? 1006 PHE A CA  1 
ATOM   257  C C   . PHE A 1 28  ? -12.498 1.270   1.071   1.00 25.45  ? 1006 PHE A C   1 
ATOM   258  O O   . PHE A 1 28  ? -11.455 1.982   1.206   1.00 21.81  ? 1006 PHE A O   1 
ATOM   259  C CB  . PHE A 1 28  ? -11.273 -0.806  0.290   1.00 20.87  ? 1006 PHE A CB  1 
ATOM   260  C CG  . PHE A 1 28  ? -11.131 -2.297  0.315   1.00 22.70  ? 1006 PHE A CG  1 
ATOM   261  C CD1 . PHE A 1 28  ? -11.392 -3.041  1.474   1.00 20.22  ? 1006 PHE A CD1 1 
ATOM   262  C CD2 . PHE A 1 28  ? -10.726 -2.977  -0.809  1.00 19.15  ? 1006 PHE A CD2 1 
ATOM   263  C CE1 . PHE A 1 28  ? -11.316 -4.403  1.465   1.00 20.22  ? 1006 PHE A CE1 1 
ATOM   264  C CE2 . PHE A 1 28  ? -10.608 -4.350  -0.805  1.00 20.69  ? 1006 PHE A CE2 1 
ATOM   265  C CZ  . PHE A 1 28  ? -10.880 -5.077  0.342   1.00 22.45  ? 1006 PHE A CZ  1 
ATOM   266  N N   . ARG A 1 29  ? -13.709 1.811   0.906   0.51 26.40  ? 1007 ARG A N   1 
ATOM   267  C CA  . ARG A 1 29  ? -13.926 3.276   0.762   0.51 28.60  ? 1007 ARG A CA  1 
ATOM   268  C C   . ARG A 1 29  ? -13.340 4.030   1.967   0.51 26.71  ? 1007 ARG A C   1 
ATOM   269  O O   . ARG A 1 29  ? -12.784 5.129   1.758   0.51 27.40  ? 1007 ARG A O   1 
ATOM   270  C CB  . ARG A 1 29  ? -15.415 3.581   0.589   0.51 33.53  ? 1007 ARG A CB  1 
ATOM   271  C CG  . ARG A 1 29  ? -15.715 5.039   0.284   0.51 39.38  ? 1007 ARG A CG  1 
ATOM   272  C CD  . ARG A 1 29  ? -17.213 5.270   0.203   0.51 46.96  ? 1007 ARG A CD  1 
ATOM   273  N NE  . ARG A 1 29  ? -17.554 6.428   -0.615  0.51 54.30  ? 1007 ARG A NE  1 
ATOM   274  C CZ  . ARG A 1 29  ? -17.689 7.666   -0.147  0.51 61.17  ? 1007 ARG A CZ  1 
ATOM   275  N NH1 . ARG A 1 29  ? -18.012 8.650   -0.968  0.51 62.20  ? 1007 ARG A NH1 1 
ATOM   276  N NH2 . ARG A 1 29  ? -17.501 7.912   1.139   0.51 64.60  ? 1007 ARG A NH2 1 
ATOM   277  N N   . VAL A 1 30  ? -13.454 3.478   3.177   1.00 24.38  ? 1008 VAL A N   1 
ATOM   278  C CA  . VAL A 1 30  ? -12.912 4.133   4.399   1.00 26.39  ? 1008 VAL A CA  1 
ATOM   279  C C   . VAL A 1 30  ? -11.372 4.297   4.338   1.00 28.16  ? 1008 VAL A C   1 
ATOM   280  O O   . VAL A 1 30  ? -10.847 5.202   5.022   1.00 27.15  ? 1008 VAL A O   1 
ATOM   281  C CB  . VAL A 1 30  ? -13.367 3.318   5.622   1.00 33.51  ? 1008 VAL A CB  1 
ATOM   282  C CG1 . VAL A 1 30  ? -12.743 1.934   5.708   1.00 31.85  ? 1008 VAL A CG1 1 
ATOM   283  C CG2 . VAL A 1 30  ? -13.148 4.053   6.881   1.00 39.86  ? 1008 VAL A CG2 1 
ATOM   284  N N   . PHE A 1 31  ? -10.672 3.518   3.510   1.00 22.64  ? 1009 PHE A N   1 
ATOM   285  C CA  . PHE A 1 31  ? -9.177  3.597   3.393   1.00 21.16  ? 1009 PHE A CA  1 
ATOM   286  C C   . PHE A 1 31  ? -8.733  4.470   2.200   1.00 22.04  ? 1009 PHE A C   1 
ATOM   287  O O   . PHE A 1 31  ? -7.500  4.510   1.935   1.00 22.12  ? 1009 PHE A O   1 
ATOM   288  C CB  . PHE A 1 31  ? -8.634  2.162   3.320   1.00 20.24  ? 1009 PHE A CB  1 
ATOM   289  C CG  . PHE A 1 31  ? -9.065  1.226   4.428   1.00 20.38  ? 1009 PHE A CG  1 
ATOM   290  C CD1 . PHE A 1 31  ? -8.785  1.508   5.759   1.00 21.48  ? 1009 PHE A CD1 1 
ATOM   291  C CD2 . PHE A 1 31  ? -9.768  0.063   4.147   1.00 23.20  ? 1009 PHE A CD2 1 
ATOM   292  C CE1 . PHE A 1 31  ? -9.228  0.681   6.780   1.00 23.03  ? 1009 PHE A CE1 1 
ATOM   293  C CE2 . PHE A 1 31  ? -10.236 -0.769  5.171   1.00 24.19  ? 1009 PHE A CE2 1 
ATOM   294  C CZ  . PHE A 1 31  ? -9.993  -0.435  6.499   1.00 20.56  ? 1009 PHE A CZ  1 
ATOM   295  N N   . THR A 1 32  ? -9.624  5.118   1.461   1.00 20.93  ? 1010 THR A N   1 
ATOM   296  C CA  . THR A 1 32  ? -9.276  5.797   0.198   1.00 23.15  ? 1010 THR A CA  1 
ATOM   297  C C   . THR A 1 32  ? -8.733  7.220   0.428   1.00 29.39  ? 1010 THR A C   1 
ATOM   298  O O   . THR A 1 32  ? -8.081  7.704   -0.477  1.00 32.09  ? 1010 THR A O   1 
ATOM   299  C CB  . THR A 1 32  ? -10.408 5.842   -0.808  1.00 26.02  ? 1010 THR A CB  1 
ATOM   300  O OG1 . THR A 1 32  ? -11.528 6.581   -0.284  1.00 25.91  ? 1010 THR A OG1 1 
ATOM   301  C CG2 . THR A 1 32  ? -10.796 4.451   -1.226  1.00 27.42  ? 1010 THR A CG2 1 
ATOM   302  N N   . LYS A 1 33  ? -8.974  7.844   1.579   1.00 26.98  ? 1011 LYS A N   1 
ATOM   303  C CA  . LYS A 1 33  ? -8.524  9.231   1.847   1.00 27.03  ? 1011 LYS A CA  1 
ATOM   304  C C   . LYS A 1 33  ? -8.019  9.334   3.280   1.00 26.61  ? 1011 LYS A C   1 
ATOM   305  O O   . LYS A 1 33  ? -8.409  8.534   4.142   1.00 26.69  ? 1011 LYS A O   1 
ATOM   306  C CB  . LYS A 1 33  ? -9.719  10.185  1.666   1.00 34.85  ? 1011 LYS A CB  1 
ATOM   307  C CG  . LYS A 1 33  ? -10.181 10.324  0.218   1.00 47.78  ? 1011 LYS A CG  1 
ATOM   308  C CD  . LYS A 1 33  ? -11.035 11.569  -0.047  1.00 68.05  ? 1011 LYS A CD  1 
ATOM   309  C CE  . LYS A 1 33  ? -12.343 11.613  0.724   1.00 75.92  ? 1011 LYS A CE  1 
ATOM   310  N NZ  . LYS A 1 33  ? -13.200 12.751  0.294   1.00 87.73  ? 1011 LYS A NZ  1 
ATOM   311  N N   . PRO A 1 34  ? -7.174  10.340  3.577   1.00 26.87  ? 1012 PRO A N   1 
ATOM   312  C CA  . PRO A 1 34  ? -6.659  10.492  4.942   1.00 30.06  ? 1012 PRO A CA  1 
ATOM   313  C C   . PRO A 1 34  ? -7.819  10.780  5.914   1.00 33.79  ? 1012 PRO A C   1 
ATOM   314  O O   . PRO A 1 34  ? -8.805  11.260  5.515   1.00 33.13  ? 1012 PRO A O   1 
ATOM   315  C CB  . PRO A 1 34  ? -5.687  11.676  4.891   1.00 32.79  ? 1012 PRO A CB  1 
ATOM   316  C CG  . PRO A 1 34  ? -5.516  12.017  3.437   1.00 32.95  ? 1012 PRO A CG  1 
ATOM   317  C CD  . PRO A 1 34  ? -6.639  11.358  2.653   1.00 30.55  ? 1012 PRO A CD  1 
ATOM   318  N N   . VAL A 1 35  ? -7.647  10.457  7.184   1.00 37.98  ? 1013 VAL A N   1 
ATOM   319  C CA  . VAL A 1 35  ? -8.609  10.810  8.274   1.00 41.78  ? 1013 VAL A CA  1 
ATOM   320  C C   . VAL A 1 35  ? -8.604  12.333  8.452   1.00 47.34  ? 1013 VAL A C   1 
ATOM   321  O O   . VAL A 1 35  ? -7.513  12.910  8.641   1.00 50.02  ? 1013 VAL A O   1 
ATOM   322  C CB  . VAL A 1 35  ? -8.231  10.103  9.587   1.00 38.65  ? 1013 VAL A CB  1 
ATOM   323  C CG1 . VAL A 1 35  ? -9.028  10.650  10.774  1.00 40.24  ? 1013 VAL A CG1 1 
ATOM   324  C CG2 . VAL A 1 35  ? -8.347  8.601   9.475   1.00 37.79  ? 1013 VAL A CG2 1 
ATOM   325  N N   . ASP A 1 36  ? -9.785  12.943  8.438   1.00 49.16  ? 1014 ASP A N   1 
ATOM   326  C CA  . ASP A 1 36  ? -9.973  14.413  8.564   1.00 58.94  ? 1014 ASP A CA  1 
ATOM   327  C C   . ASP A 1 36  ? -9.668  14.815  10.012  1.00 54.98  ? 1014 ASP A C   1 
ATOM   328  O O   . ASP A 1 36  ? -10.380 14.405  10.927  1.00 53.31  ? 1014 ASP A O   1 
ATOM   329  C CB  . ASP A 1 36  ? -11.384 14.794  8.109   1.00 63.11  ? 1014 ASP A CB  1 
ATOM   330  C CG  . ASP A 1 36  ? -11.648 16.293  8.071   1.00 76.94  ? 1014 ASP A CG  1 
ATOM   331  O OD1 . ASP A 1 36  ? -10.699 17.084  8.322   1.00 67.87  ? 1014 ASP A OD1 1 
ATOM   332  O OD2 . ASP A 1 36  ? -12.806 16.662  7.797   1.00 86.13  ? 1014 ASP A OD2 1 
ATOM   333  N N   . PRO A 1 37  ? -8.586  15.582  10.282  1.00 60.11  ? 1015 PRO A N   1 
ATOM   334  C CA  . PRO A 1 37  ? -8.216  15.926  11.659  1.00 75.33  ? 1015 PRO A CA  1 
ATOM   335  C C   . PRO A 1 37  ? -9.286  16.744  12.394  1.00 82.81  ? 1015 PRO A C   1 
ATOM   336  O O   . PRO A 1 37  ? -9.318  16.700  13.607  1.00 90.01  ? 1015 PRO A O   1 
ATOM   337  C CB  . PRO A 1 37  ? -6.952  16.783  11.549  1.00 68.32  ? 1015 PRO A CB  1 
ATOM   338  C CG  . PRO A 1 37  ? -6.456  16.557  10.130  1.00 69.06  ? 1015 PRO A CG  1 
ATOM   339  C CD  . PRO A 1 37  ? -7.671  16.180  9.300   1.00 64.97  ? 1015 PRO A CD  1 
ATOM   340  N N   . ASP A 1 38  ? -10.127 17.467  11.651  1.00 88.03  ? 1016 ASP A N   1 
ATOM   341  C CA  . ASP A 1 38  ? -11.348 18.113  12.199  1.00 93.07  ? 1016 ASP A CA  1 
ATOM   342  C C   . ASP A 1 38  ? -12.240 17.040  12.816  1.00 96.37  ? 1016 ASP A C   1 
ATOM   343  O O   . ASP A 1 38  ? -12.231 16.924  14.053  1.00 106.92 ? 1016 ASP A O   1 
ATOM   344  C CB  . ASP A 1 38  ? -12.073 18.934  11.139  1.00 95.62  ? 1016 ASP A CB  1 
ATOM   345  C CG  . ASP A 1 38  ? -11.391 20.270  10.935  1.00 96.36  ? 1016 ASP A CG  1 
ATOM   346  O OD1 . ASP A 1 38  ? -10.234 20.419  11.412  1.00 80.11  ? 1016 ASP A OD1 1 
ATOM   347  O OD2 . ASP A 1 38  ? -12.025 21.152  10.326  1.00 111.46 ? 1016 ASP A OD2 1 
ATOM   348  N N   . GLU A 1 39  ? -12.943 16.263  11.995  1.00 84.60  ? 1017 GLU A N   1 
ATOM   349  C CA  . GLU A 1 39  ? -13.866 15.218  12.501  1.00 85.96  ? 1017 GLU A CA  1 
ATOM   350  C C   . GLU A 1 39  ? -13.193 14.375  13.591  1.00 78.61  ? 1017 GLU A C   1 
ATOM   351  O O   . GLU A 1 39  ? -13.923 13.960  14.515  1.00 82.37  ? 1017 GLU A O   1 
ATOM   352  C CB  . GLU A 1 39  ? -14.318 14.299  11.373  1.00 100.36 ? 1017 GLU A CB  1 
ATOM   353  C CG  . GLU A 1 39  ? -15.215 14.978  10.363  1.00 110.28 ? 1017 GLU A CG  1 
ATOM   354  C CD  . GLU A 1 39  ? -15.963 13.966  9.519   1.00 118.15 ? 1017 GLU A CD  1 
ATOM   355  O OE1 . GLU A 1 39  ? -15.980 14.132  8.282   1.00 123.73 ? 1017 GLU A OE1 1 
ATOM   356  O OE2 . GLU A 1 39  ? -16.491 12.990  10.107  1.00 123.64 ? 1017 GLU A OE2 1 
ATOM   357  N N   . VAL A 1 40  ? -11.884 14.089  13.484  1.00 65.23  ? 1018 VAL A N   1 
ATOM   358  C CA  . VAL A 1 40  ? -11.184 13.125  14.394  1.00 60.64  ? 1018 VAL A CA  1 
ATOM   359  C C   . VAL A 1 40  ? -9.869  13.722  14.883  1.00 63.30  ? 1018 VAL A C   1 
ATOM   360  O O   . VAL A 1 40  ? -8.808  13.340  14.399  1.00 48.05  ? 1018 VAL A O   1 
ATOM   361  C CB  . VAL A 1 40  ? -10.942 11.777  13.692  1.00 62.76  ? 1018 VAL A CB  1 
ATOM   362  C CG1 . VAL A 1 40  ? -10.668 10.669  14.701  1.00 59.50  ? 1018 VAL A CG1 1 
ATOM   363  C CG2 . VAL A 1 40  ? -12.098 11.403  12.769  1.00 65.04  ? 1018 VAL A CG2 1 
ATOM   364  N N   . PRO A 1 41  ? -9.879  14.641  15.882  1.00 64.29  ? 1019 PRO A N   1 
ATOM   365  C CA  . PRO A 1 41  ? -8.657  15.354  16.284  1.00 55.50  ? 1019 PRO A CA  1 
ATOM   366  C C   . PRO A 1 41  ? -7.710  14.434  17.065  1.00 48.82  ? 1019 PRO A C   1 
ATOM   367  O O   . PRO A 1 41  ? -6.491  14.597  17.106  1.00 55.04  ? 1019 PRO A O   1 
ATOM   368  C CB  . PRO A 1 41  ? -9.195  16.503  17.159  1.00 68.36  ? 1019 PRO A CB  1 
ATOM   369  C CG  . PRO A 1 41  ? -10.487 15.941  17.753  1.00 68.43  ? 1019 PRO A CG  1 
ATOM   370  C CD  . PRO A 1 41  ? -11.056 15.020  16.687  1.00 69.63  ? 1019 PRO A CD  1 
ATOM   371  N N   . ASP A 1 42  ? -8.307  13.422  17.649  1.00 41.89  ? 1020 ASP A N   1 
ATOM   372  C CA  . ASP A 1 42  ? -7.620  12.372  18.425  1.00 40.98  ? 1020 ASP A CA  1 
ATOM   373  C C   . ASP A 1 42  ? -6.731  11.454  17.520  1.00 36.97  ? 1020 ASP A C   1 
ATOM   374  O O   . ASP A 1 42  ? -5.851  10.719  18.053  1.00 37.73  ? 1020 ASP A O   1 
ATOM   375  C CB  . ASP A 1 42  ? -8.786  11.605  19.026  1.00 49.13  ? 1020 ASP A CB  1 
ATOM   376  C CG  . ASP A 1 42  ? -8.371  10.423  19.834  1.00 55.96  ? 1020 ASP A CG  1 
ATOM   377  O OD1 . ASP A 1 42  ? -7.601  10.646  20.785  1.00 67.83  ? 1020 ASP A OD1 1 
ATOM   378  O OD2 . ASP A 1 42  ? -8.801  9.305   19.474  1.00 58.10  ? 1020 ASP A OD2 1 
ATOM   379  N N   . TYR A 1 43  ? -7.024  11.359  16.217  1.00 37.29  ? 1021 TYR A N   1 
ATOM   380  C CA  . TYR A 1 43  ? -6.444  10.261  15.375  1.00 33.37  ? 1021 TYR A CA  1 
ATOM   381  C C   . TYR A 1 43  ? -4.909  10.374  15.396  1.00 31.10  ? 1021 TYR A C   1 
ATOM   382  O O   . TYR A 1 43  ? -4.234  9.361   15.777  1.00 33.10  ? 1021 TYR A O   1 
ATOM   383  C CB  . TYR A 1 43  ? -6.988  10.293  13.944  1.00 35.73  ? 1021 TYR A CB  1 
ATOM   384  C CG  . TYR A 1 43  ? -6.564  9.094   13.119  1.00 32.45  ? 1021 TYR A CG  1 
ATOM   385  C CD1 . TYR A 1 43  ? -7.100  7.836   13.367  1.00 31.16  ? 1021 TYR A CD1 1 
ATOM   386  C CD2 . TYR A 1 43  ? -5.579  9.203   12.140  1.00 35.59  ? 1021 TYR A CD2 1 
ATOM   387  C CE1 . TYR A 1 43  ? -6.726  6.725   12.611  1.00 33.42  ? 1021 TYR A CE1 1 
ATOM   388  C CE2 . TYR A 1 43  ? -5.166  8.093   11.404  1.00 31.10  ? 1021 TYR A CE2 1 
ATOM   389  C CZ  . TYR A 1 43  ? -5.752  6.860   11.625  1.00 31.08  ? 1021 TYR A CZ  1 
ATOM   390  O OH  . TYR A 1 43  ? -5.330  5.741   10.964  1.00 31.59  ? 1021 TYR A OH  1 
ATOM   391  N N   . ARG A 1 44  ? -4.415  11.578  15.099  1.00 35.72  ? 1022 ARG A N   1 
ATOM   392  C CA  . ARG A 1 44  ? -2.962  11.867  14.908  1.00 42.40  ? 1022 ARG A CA  1 
ATOM   393  C C   . ARG A 1 44  ? -2.214  11.852  16.245  1.00 44.75  ? 1022 ARG A C   1 
ATOM   394  O O   . ARG A 1 44  ? -1.007  11.692  16.204  1.00 52.16  ? 1022 ARG A O   1 
ATOM   395  C CB  . ARG A 1 44  ? -2.763  13.134  14.080  1.00 45.65  ? 1022 ARG A CB  1 
ATOM   396  C CG  . ARG A 1 44  ? -2.651  12.844  12.596  1.00 52.01  ? 1022 ARG A CG  1 
ATOM   397  C CD  . ARG A 1 44  ? -2.856  14.013  11.651  1.00 58.67  ? 1022 ARG A CD  1 
ATOM   398  N NE  . ARG A 1 44  ? -3.132  13.470  10.332  1.00 63.56  ? 1022 ARG A NE  1 
ATOM   399  C CZ  . ARG A 1 44  ? -4.320  13.007  9.922   1.00 69.25  ? 1022 ARG A CZ  1 
ATOM   400  N NH1 . ARG A 1 44  ? -5.392  13.075  10.710  1.00 56.45  ? 1022 ARG A NH1 1 
ATOM   401  N NH2 . ARG A 1 44  ? -4.430  12.499  8.701   1.00 66.42  ? 1022 ARG A NH2 1 
ATOM   402  N N   . THR A 1 45  ? -2.890  11.818  17.392  1.00 46.28  ? 1023 THR A N   1 
ATOM   403  C CA  . THR A 1 45  ? -2.179  11.632  18.678  1.00 48.66  ? 1023 THR A CA  1 
ATOM   404  C C   . THR A 1 45  ? -1.999  10.131  18.951  1.00 47.17  ? 1023 THR A C   1 
ATOM   405  O O   . THR A 1 45  ? -1.023  9.763   19.653  1.00 43.90  ? 1023 THR A O   1 
ATOM   406  C CB  . THR A 1 45  ? -2.861  12.425  19.795  1.00 55.70  ? 1023 THR A CB  1 
ATOM   407  O OG1 . THR A 1 45  ? -3.959  11.667  20.312  1.00 57.13  ? 1023 THR A OG1 1 
ATOM   408  C CG2 . THR A 1 45  ? -3.292  13.786  19.301  1.00 55.11  ? 1023 THR A CG2 1 
ATOM   409  N N   . VAL A 1 46  ? -2.858  9.260   18.405  1.00 36.21  ? 1024 VAL A N   1 
ATOM   410  C CA  . VAL A 1 46  ? -2.708  7.786   18.602  1.00 31.37  ? 1024 VAL A CA  1 
ATOM   411  C C   . VAL A 1 46  ? -1.833  7.193   17.469  1.00 30.12  ? 1024 VAL A C   1 
ATOM   412  O O   . VAL A 1 46  ? -1.012  6.282   17.711  1.00 32.04  ? 1024 VAL A O   1 
ATOM   413  C CB  . VAL A 1 46  ? -4.092  7.101   18.659  1.00 35.21  ? 1024 VAL A CB  1 
ATOM   414  C CG1 . VAL A 1 46  ? -3.948  5.587   18.797  1.00 37.17  ? 1024 VAL A CG1 1 
ATOM   415  C CG2 . VAL A 1 46  ? -4.907  7.674   19.803  1.00 46.42  ? 1024 VAL A CG2 1 
ATOM   416  N N   . ILE A 1 47  ? -2.164  7.560   16.245  1.00 26.94  ? 1025 ILE A N   1 
ATOM   417  C CA  . ILE A 1 47  ? -1.532  6.957   15.041  1.00 27.01  ? 1025 ILE A CA  1 
ATOM   418  C C   . ILE A 1 47  ? -0.382  7.891   14.574  1.00 23.53  ? 1025 ILE A C   1 
ATOM   419  O O   . ILE A 1 47  ? -0.656  9.000   14.103  1.00 27.48  ? 1025 ILE A O   1 
ATOM   420  C CB  . ILE A 1 47  ? -2.586  6.741   13.938  1.00 23.53  ? 1025 ILE A CB  1 
ATOM   421  C CG1 . ILE A 1 47  ? -3.687  5.752   14.354  1.00 22.81  ? 1025 ILE A CG1 1 
ATOM   422  C CG2 . ILE A 1 47  ? -1.912  6.232   12.675  1.00 25.22  ? 1025 ILE A CG2 1 
ATOM   423  C CD1 . ILE A 1 47  ? -3.221  4.442   14.848  1.00 23.14  ? 1025 ILE A CD1 1 
ATOM   424  N N   . LYS A 1 48  ? 0.817   7.403   14.710  1.00 28.46  ? 1026 LYS A N   1 
ATOM   425  C CA  . LYS A 1 48  ? 2.085   8.159   14.438  1.00 29.39  ? 1026 LYS A CA  1 
ATOM   426  C C   . LYS A 1 48  ? 2.441   8.202   12.950  1.00 29.29  ? 1026 LYS A C   1 
ATOM   427  O O   . LYS A 1 48  ? 3.076   9.211   12.569  1.00 28.23  ? 1026 LYS A O   1 
ATOM   428  C CB  . LYS A 1 48  ? 3.226   7.474   15.177  1.00 33.83  ? 1026 LYS A CB  1 
ATOM   429  C CG  . LYS A 1 48  ? 3.041   7.458   16.686  1.00 36.36  ? 1026 LYS A CG  1 
ATOM   430  C CD  . LYS A 1 48  ? 2.638   8.812   17.230  1.00 41.63  ? 1026 LYS A CD  1 
ATOM   431  C CE  . LYS A 1 48  ? 2.519   8.905   18.742  1.00 45.79  ? 1026 LYS A CE  1 
ATOM   432  N NZ  . LYS A 1 48  ? 1.768   10.148  19.082  1.00 45.15  ? 1026 LYS A NZ  1 
ATOM   433  N N   . GLU A 1 49  ? 2.019   7.228   12.122  1.00 26.14  ? 1027 GLU A N   1 
ATOM   434  C CA  . GLU A 1 49  ? 2.288   7.305   10.656  1.00 24.45  ? 1027 GLU A CA  1 
ATOM   435  C C   . GLU A 1 49  ? 1.000   6.948   9.895   1.00 22.95  ? 1027 GLU A C   1 
ATOM   436  O O   . GLU A 1 49  ? 0.843   5.793   9.520   1.00 23.44  ? 1027 GLU A O   1 
ATOM   437  C CB  . GLU A 1 49  ? 3.488   6.434   10.268  1.00 28.15  ? 1027 GLU A CB  1 
ATOM   438  C CG  . GLU A 1 49  ? 3.938   6.720   8.861   1.00 28.29  ? 1027 GLU A CG  1 
ATOM   439  C CD  . GLU A 1 49  ? 5.235   6.077   8.365   1.00 33.80  ? 1027 GLU A CD  1 
ATOM   440  O OE1 . GLU A 1 49  ? 5.746   5.183   9.078   1.00 33.12  ? 1027 GLU A OE1 1 
ATOM   441  O OE2 . GLU A 1 49  ? 5.664   6.440   7.180   1.00 35.47  ? 1027 GLU A OE2 1 
ATOM   442  N N   . PRO A 1 50  ? 0.097   7.910   9.694   1.00 21.76  ? 1028 PRO A N   1 
ATOM   443  C CA  . PRO A 1 50  ? -1.159  7.696   8.961   1.00 22.19  ? 1028 PRO A CA  1 
ATOM   444  C C   . PRO A 1 50  ? -0.868  7.265   7.522   1.00 25.66  ? 1028 PRO A C   1 
ATOM   445  O O   . PRO A 1 50  ? 0.158   7.733   6.931   1.00 22.76  ? 1028 PRO A O   1 
ATOM   446  C CB  . PRO A 1 50  ? -1.816  9.068   8.966   1.00 27.05  ? 1028 PRO A CB  1 
ATOM   447  C CG  . PRO A 1 50  ? -1.295  9.684   10.233  1.00 29.93  ? 1028 PRO A CG  1 
ATOM   448  C CD  . PRO A 1 50  ? 0.156   9.256   10.273  1.00 27.38  ? 1028 PRO A CD  1 
ATOM   449  N N   . MET A 1 51  ? -1.750  6.460   6.927   1.00 21.35  ? 1029 MET A N   1 
ATOM   450  C CA  . MET A 1 51  ? -1.499  6.015   5.516   1.00 21.41  ? 1029 MET A CA  1 
ATOM   451  C C   . MET A 1 51  ? -2.857  5.671   4.906   1.00 20.74  ? 1029 MET A C   1 
ATOM   452  O O   . MET A 1 51  ? -3.733  5.217   5.677   1.00 19.62  ? 1029 MET A O   1 
ATOM   453  C CB  . MET A 1 51  ? -0.564  4.809   5.486   1.00 21.82  ? 1029 MET A CB  1 
ATOM   454  C CG  . MET A 1 51  ? -0.051  4.344   4.082   1.00 22.68  ? 1029 MET A CG  1 
ATOM   455  S SD  . MET A 1 51  ? 0.694   5.652   3.076   1.00 27.27  ? 1029 MET A SD  1 
ATOM   456  C CE  . MET A 1 51  ? 2.047   6.135   4.169   1.00 29.15  ? 1029 MET A CE  1 
ATOM   457  N N   . ASP A 1 52  ? -3.036  5.997   3.632   1.00 19.17  ? 1030 ASP A N   1 
ATOM   458  C CA  . ASP A 1 52  ? -4.308  5.699   2.921   1.00 19.67  ? 1030 ASP A CA  1 
ATOM   459  C C   . ASP A 1 52  ? -3.986  5.467   1.449   1.00 20.36  ? 1030 ASP A C   1 
ATOM   460  O O   . ASP A 1 52  ? -2.832  5.746   1.019   1.00 20.34  ? 1030 ASP A O   1 
ATOM   461  C CB  . ASP A 1 52  ? -5.299  6.844   3.077   1.00 21.93  ? 1030 ASP A CB  1 
ATOM   462  C CG  . ASP A 1 52  ? -4.744  8.110   2.425   1.00 30.72  ? 1030 ASP A CG  1 
ATOM   463  O OD1 . ASP A 1 52  ? -3.820  8.764   3.031   1.00 35.68  ? 1030 ASP A OD1 1 
ATOM   464  O OD2 . ASP A 1 52  ? -5.062  8.331   1.257   1.00 33.33  ? 1030 ASP A OD2 1 
ATOM   465  N N   . LEU A 1 53  ? -4.967  4.986   0.687   1.00 18.73  ? 1031 LEU A N   1 
ATOM   466  C CA  . LEU A 1 53  ? -4.726  4.610   -0.740  1.00 20.28  ? 1031 LEU A CA  1 
ATOM   467  C C   . LEU A 1 53  ? -4.414  5.826   -1.652  1.00 21.92  ? 1031 LEU A C   1 
ATOM   468  O O   . LEU A 1 53  ? -3.640  5.656   -2.637  1.00 20.31  ? 1031 LEU A O   1 
ATOM   469  C CB  . LEU A 1 53  ? -5.872  3.753   -1.307  1.00 18.61  ? 1031 LEU A CB  1 
ATOM   470  C CG  . LEU A 1 53  ? -6.129  2.421   -0.599  1.00 20.11  ? 1031 LEU A CG  1 
ATOM   471  C CD1 . LEU A 1 53  ? -7.401  1.734   -1.127  1.00 23.13  ? 1031 LEU A CD1 1 
ATOM   472  C CD2 . LEU A 1 53  ? -4.962  1.488   -0.773  1.00 20.57  ? 1031 LEU A CD2 1 
ATOM   473  N N   A SER A 1 54  ? -4.970  7.009   -1.370  0.18 23.27  ? 1032 SER A N   1 
ATOM   474  N N   B SER A 1 54  ? -4.971  7.007   -1.355  0.10 21.73  ? 1032 SER A N   1 
ATOM   475  N N   C SER A 1 54  ? -4.979  7.009   -1.365  0.22 23.23  ? 1032 SER A N   1 
ATOM   476  C CA  A SER A 1 54  ? -4.620  8.257   -2.104  0.18 23.61  ? 1032 SER A CA  1 
ATOM   477  C CA  B SER A 1 54  ? -4.650  8.272   -2.074  0.10 21.55  ? 1032 SER A CA  1 
ATOM   478  C CA  C SER A 1 54  ? -4.641  8.269   -2.087  0.22 23.37  ? 1032 SER A CA  1 
ATOM   479  C C   A SER A 1 54  ? -3.142  8.602   -1.882  0.18 22.58  ? 1032 SER A C   1 
ATOM   480  C C   B SER A 1 54  ? -3.167  8.618   -1.874  0.10 21.60  ? 1032 SER A C   1 
ATOM   481  C C   C SER A 1 54  ? -3.158  8.612   -1.875  0.22 22.35  ? 1032 SER A C   1 
ATOM   482  O O   A SER A 1 54  ? -2.457  8.961   -2.871  0.18 23.70  ? 1032 SER A O   1 
ATOM   483  O O   B SER A 1 54  ? -2.508  8.999   -2.869  0.10 22.37  ? 1032 SER A O   1 
ATOM   484  O O   C SER A 1 54  ? -2.478  8.970   -2.870  0.22 23.85  ? 1032 SER A O   1 
ATOM   485  C CB  A SER A 1 54  ? -5.519  9.411   -1.726  0.18 26.24  ? 1032 SER A CB  1 
ATOM   486  C CB  B SER A 1 54  ? -5.553  9.415   -1.648  0.10 22.00  ? 1032 SER A CB  1 
ATOM   487  C CB  C SER A 1 54  ? -5.559  9.430   -1.702  0.22 25.97  ? 1032 SER A CB  1 
ATOM   488  O OG  A SER A 1 54  ? -6.775  9.272   -2.361  0.18 25.98  ? 1032 SER A OG  1 
ATOM   489  O OG  B SER A 1 54  ? -5.442  10.509  -2.547  0.10 20.08  ? 1032 SER A OG  1 
ATOM   490  O OG  C SER A 1 54  ? -5.304  9.890   -0.381  0.22 24.75  ? 1032 SER A OG  1 
ATOM   491  N N   . SER A 1 55  ? -2.661  8.474   -0.646  1.00 21.80  ? 1033 SER A N   1 
ATOM   492  C CA  . SER A 1 55  ? -1.229  8.715   -0.317  1.00 22.71  ? 1033 SER A CA  1 
ATOM   493  C C   . SER A 1 55  ? -0.358  7.691   -1.053  1.00 23.10  ? 1033 SER A C   1 
ATOM   494  O O   . SER A 1 55  ? 0.718   8.070   -1.553  1.00 21.08  ? 1033 SER A O   1 
ATOM   495  C CB  . SER A 1 55  ? -0.983  8.708   1.158   1.00 25.19  ? 1033 SER A CB  1 
ATOM   496  O OG  . SER A 1 55  ? -1.765  9.756   1.735   1.00 30.37  ? 1033 SER A OG  1 
ATOM   497  N N   . VAL A 1 56  ? -0.801  6.437   -1.107  1.00 19.82  ? 1034 VAL A N   1 
ATOM   498  C CA  . VAL A 1 56  ? -0.007  5.392   -1.831  1.00 18.80  ? 1034 VAL A CA  1 
ATOM   499  C C   . VAL A 1 56  ? 0.165   5.795   -3.301  1.00 18.40  ? 1034 VAL A C   1 
ATOM   500  O O   . VAL A 1 56  ? 1.291   5.685   -3.813  1.00 20.05  ? 1034 VAL A O   1 
ATOM   501  C CB  . VAL A 1 56  ? -0.609  3.991   -1.621  1.00 18.59  ? 1034 VAL A CB  1 
ATOM   502  C CG1 . VAL A 1 56  ? -0.033  2.919   -2.527  1.00 22.04  ? 1034 VAL A CG1 1 
ATOM   503  C CG2 . VAL A 1 56  ? -0.448  3.573   -0.197  1.00 22.16  ? 1034 VAL A CG2 1 
ATOM   504  N N   A ILE A 1 57  ? -0.909  6.236   -3.969  0.14 19.06  ? 1035 ILE A N   1 
ATOM   505  N N   B ILE A 1 57  ? -0.893  6.242   -3.984  0.22 19.84  ? 1035 ILE A N   1 
ATOM   506  N N   C ILE A 1 57  ? -0.909  6.236   -3.969  0.14 19.06  ? 1035 ILE A N   1 
ATOM   507  C CA  A ILE A 1 57  ? -0.865  6.681   -5.399  0.14 20.01  ? 1035 ILE A CA  1 
ATOM   508  C CA  B ILE A 1 57  ? -0.781  6.639   -5.423  0.22 21.97  ? 1035 ILE A CA  1 
ATOM   509  C CA  C ILE A 1 57  ? -0.865  6.681   -5.399  0.14 20.01  ? 1035 ILE A CA  1 
ATOM   510  C C   A ILE A 1 57  ? 0.151   7.826   -5.539  0.14 20.60  ? 1035 ILE A C   1 
ATOM   511  C C   B ILE A 1 57  ? 0.176   7.836   -5.550  0.22 21.83  ? 1035 ILE A C   1 
ATOM   512  C C   C ILE A 1 57  ? 0.151   7.826   -5.539  0.14 20.60  ? 1035 ILE A C   1 
ATOM   513  O O   A ILE A 1 57  ? 0.984   7.771   -6.461  0.14 19.32  ? 1035 ILE A O   1 
ATOM   514  O O   B ILE A 1 57  ? 1.014   7.825   -6.468  0.22 19.50  ? 1035 ILE A O   1 
ATOM   515  O O   C ILE A 1 57  ? 0.984   7.771   -6.461  0.14 19.32  ? 1035 ILE A O   1 
ATOM   516  C CB  A ILE A 1 57  ? -2.246  7.123   -5.916  0.14 21.23  ? 1035 ILE A CB  1 
ATOM   517  C CB  B ILE A 1 57  ? -2.137  6.951   -6.071  0.22 25.50  ? 1035 ILE A CB  1 
ATOM   518  C CB  C ILE A 1 57  ? -2.246  7.123   -5.916  0.14 21.23  ? 1035 ILE A CB  1 
ATOM   519  C CG1 A ILE A 1 57  ? -3.176  5.934   -6.165  0.14 21.71  ? 1035 ILE A CG1 1 
ATOM   520  C CG1 B ILE A 1 57  ? -3.042  5.721   -6.110  0.22 29.13  ? 1035 ILE A CG1 1 
ATOM   521  C CG1 C ILE A 1 57  ? -3.176  5.934   -6.165  0.14 21.71  ? 1035 ILE A CG1 1 
ATOM   522  C CG2 A ILE A 1 57  ? -2.080  7.979   -7.164  0.14 22.52  ? 1035 ILE A CG2 1 
ATOM   523  C CG2 B ILE A 1 57  ? -1.927  7.536   -7.462  0.22 27.12  ? 1035 ILE A CG2 1 
ATOM   524  C CG2 C ILE A 1 57  ? -2.080  7.979   -7.164  0.14 22.52  ? 1035 ILE A CG2 1 
ATOM   525  C CD1 A ILE A 1 57  ? -2.643  4.936   -7.171  0.14 21.14  ? 1035 ILE A CD1 1 
ATOM   526  C CD1 B ILE A 1 57  ? -4.276  5.922   -6.944  0.22 31.44  ? 1035 ILE A CD1 1 
ATOM   527  C CD1 C ILE A 1 57  ? -2.643  4.936   -7.171  0.14 21.14  ? 1035 ILE A CD1 1 
ATOM   528  N N   . SER A 1 58  ? 0.070   8.839   -4.668  1.00 20.20  ? 1036 SER A N   1 
ATOM   529  C CA  . SER A 1 58  ? 1.062   9.950   -4.635  1.00 21.77  ? 1036 SER A CA  1 
ATOM   530  C C   . SER A 1 58  ? 2.479   9.405   -4.506  1.00 19.51  ? 1036 SER A C   1 
ATOM   531  O O   . SER A 1 58  ? 3.406   9.931   -5.228  1.00 20.90  ? 1036 SER A O   1 
ATOM   532  C CB  . SER A 1 58  ? 0.788   10.985  -3.507  1.00 23.02  ? 1036 SER A CB  1 
ATOM   533  O OG  . SER A 1 58  ? -0.441  11.593  -3.811  1.00 28.08  ? 1036 SER A OG  1 
ATOM   534  N N   . LYS A 1 59  ? 2.729   8.455   -3.613  1.00 18.31  ? 1037 LYS A N   1 
ATOM   535  C CA  . LYS A 1 59  ? 4.094   7.895   -3.408  1.00 17.75  ? 1037 LYS A CA  1 
ATOM   536  C C   . LYS A 1 59  ? 4.613   7.123   -4.637  1.00 20.18  ? 1037 LYS A C   1 
ATOM   537  O O   . LYS A 1 59  ? 5.803   7.247   -4.999  1.00 18.22  ? 1037 LYS A O   1 
ATOM   538  C CB  . LYS A 1 59  ? 4.155   7.093   -2.111  1.00 17.68  ? 1037 LYS A CB  1 
ATOM   539  C CG  . LYS A 1 59  ? 4.058   7.951   -0.833  1.00 20.63  ? 1037 LYS A CG  1 
ATOM   540  C CD  . LYS A 1 59  ? 4.202   7.058   0.397   1.00 20.91  ? 1037 LYS A CD  1 
ATOM   541  C CE  . LYS A 1 59  ? 5.550   6.427   0.569   1.00 25.47  ? 1037 LYS A CE  1 
ATOM   542  N NZ  . LYS A 1 59  ? 5.805   5.875   1.924   1.00 27.74  ? 1037 LYS A NZ  1 
ATOM   543  N N   . ILE A 1 60  ? 3.732   6.446   -5.348  1.00 18.64  ? 1038 ILE A N   1 
ATOM   544  C CA  . ILE A 1 60  ? 4.162   5.751   -6.588  1.00 17.98  ? 1038 ILE A CA  1 
ATOM   545  C C   . ILE A 1 60  ? 4.697   6.800   -7.570  1.00 17.28  ? 1038 ILE A C   1 
ATOM   546  O O   . ILE A 1 60  ? 5.801   6.568   -8.144  1.00 19.02  ? 1038 ILE A O   1 
ATOM   547  C CB  . ILE A 1 60  ? 3.002   4.942   -7.196  1.00 18.27  ? 1038 ILE A CB  1 
ATOM   548  C CG1 . ILE A 1 60  ? 2.524   3.810   -6.292  1.00 19.18  ? 1038 ILE A CG1 1 
ATOM   549  C CG2 . ILE A 1 60  ? 3.454   4.397   -8.570  1.00 19.75  ? 1038 ILE A CG2 1 
ATOM   550  C CD1 . ILE A 1 60  ? 1.150   3.240   -6.712  1.00 21.28  ? 1038 ILE A CD1 1 
ATOM   551  N N   . ASP A 1 61  ? 3.938   7.866   -7.795  1.00 18.52  ? 1039 ASP A N   1 
ATOM   552  C CA  . ASP A 1 61  ? 4.236   8.981   -8.724  1.00 23.16  ? 1039 ASP A CA  1 
ATOM   553  C C   . ASP A 1 61  ? 5.511   9.741   -8.316  1.00 27.57  ? 1039 ASP A C   1 
ATOM   554  O O   . ASP A 1 61  ? 6.217   10.213  -9.218  1.00 25.87  ? 1039 ASP A O   1 
ATOM   555  C CB  . ASP A 1 61  ? 3.007   9.857   -8.895  1.00 25.30  ? 1039 ASP A CB  1 
ATOM   556  C CG  . ASP A 1 61  ? 1.844   9.151   -9.612  1.00 36.72  ? 1039 ASP A CG  1 
ATOM   557  O OD1 . ASP A 1 61  ? 2.043   8.024   -10.148 1.00 36.44  ? 1039 ASP A OD1 1 
ATOM   558  O OD2 . ASP A 1 61  ? 0.705   9.702   -9.560  1.00 31.43  ? 1039 ASP A OD2 1 
ATOM   559  N N   . LEU A 1 62  ? 5.870   9.756   -7.035  1.00 21.49  ? 1040 LEU A N   1 
ATOM   560  C CA  . LEU A 1 62  ? 7.120   10.411  -6.537  1.00 22.76  ? 1040 LEU A CA  1 
ATOM   561  C C   . LEU A 1 62  ? 8.283   9.419   -6.613  1.00 26.10  ? 1040 LEU A C   1 
ATOM   562  O O   . LEU A 1 62  ? 9.373   9.695   -6.090  1.00 23.53  ? 1040 LEU A O   1 
ATOM   563  C CB  . LEU A 1 62  ? 6.831   10.823  -5.078  1.00 21.14  ? 1040 LEU A CB  1 
ATOM   564  C CG  . LEU A 1 62  ? 5.938   12.041  -4.878  1.00 24.30  ? 1040 LEU A CG  1 
ATOM   565  C CD1 . LEU A 1 62  ? 5.609   12.205  -3.388  1.00 27.28  ? 1040 LEU A CD1 1 
ATOM   566  C CD2 . LEU A 1 62  ? 6.554   13.348  -5.419  1.00 27.93  ? 1040 LEU A CD2 1 
ATOM   567  N N   . HIS A 1 63  ? 8.094   8.202   -7.152  1.00 21.67  ? 1041 HIS A N   1 
ATOM   568  C CA  . HIS A 1 63  ? 9.159   7.178   -7.232  1.00 21.19  ? 1041 HIS A CA  1 
ATOM   569  C C   . HIS A 1 63  ? 9.664   6.767   -5.855  1.00 26.76  ? 1041 HIS A C   1 
ATOM   570  O O   . HIS A 1 63  ? 10.830  6.423   -5.733  1.00 25.50  ? 1041 HIS A O   1 
ATOM   571  C CB  . HIS A 1 63  ? 10.332  7.652   -8.139  1.00 25.84  ? 1041 HIS A CB  1 
ATOM   572  C CG  . HIS A 1 63  ? 9.955   8.056   -9.518  1.00 24.66  ? 1041 HIS A CG  1 
ATOM   573  N ND1 . HIS A 1 63  ? 10.894  8.131   -10.529 1.00 30.36  ? 1041 HIS A ND1 1 
ATOM   574  C CD2 . HIS A 1 63  ? 8.759   8.284   -10.096 1.00 29.03  ? 1041 HIS A CD2 1 
ATOM   575  C CE1 . HIS A 1 63  ? 10.278  8.503   -11.648 1.00 27.44  ? 1041 HIS A CE1 1 
ATOM   576  N NE2 . HIS A 1 63  ? 8.928   8.552   -11.435 1.00 30.09  ? 1041 HIS A NE2 1 
ATOM   577  N N   . LYS A 1 64  ? 8.794   6.606   -4.872  1.00 21.92  ? 1042 LYS A N   1 
ATOM   578  C CA  . LYS A 1 64  ? 9.188   6.159   -3.526  1.00 23.19  ? 1042 LYS A CA  1 
ATOM   579  C C   . LYS A 1 64  ? 9.297   4.642   -3.446  1.00 25.61  ? 1042 LYS A C   1 
ATOM   580  O O   . LYS A 1 64  ? 9.898   4.208   -2.479  1.00 22.06  ? 1042 LYS A O   1 
ATOM   581  C CB  . LYS A 1 64  ? 8.181   6.634   -2.478  1.00 23.56  ? 1042 LYS A CB  1 
ATOM   582  C CG  . LYS A 1 64  ? 8.003   8.129   -2.372  1.00 29.61  ? 1042 LYS A CG  1 
ATOM   583  C CD  . LYS A 1 64  ? 8.922   8.836   -1.479  1.00 34.82  ? 1042 LYS A CD  1 
ATOM   584  C CE  . LYS A 1 64  ? 8.493   10.279  -1.237  1.00 36.83  ? 1042 LYS A CE  1 
ATOM   585  N NZ  . LYS A 1 64  ? 9.306   10.892  -0.164  1.00 40.95  ? 1042 LYS A NZ  1 
ATOM   586  N N   . TYR A 1 65  ? 8.652   3.857   -4.321  1.00 21.35  ? 1043 TYR A N   1 
ATOM   587  C CA  . TYR A 1 65  ? 8.694   2.384   -4.219  1.00 18.99  ? 1043 TYR A CA  1 
ATOM   588  C C   . TYR A 1 65  ? 9.573   1.828   -5.354  1.00 23.80  ? 1043 TYR A C   1 
ATOM   589  O O   . TYR A 1 65  ? 9.254   2.023   -6.537  1.00 26.20  ? 1043 TYR A O   1 
ATOM   590  C CB  . TYR A 1 65  ? 7.271   1.799   -4.364  1.00 20.34  ? 1043 TYR A CB  1 
ATOM   591  C CG  . TYR A 1 65  ? 6.226   2.303   -3.384  1.00 18.08  ? 1043 TYR A CG  1 
ATOM   592  C CD1 . TYR A 1 65  ? 6.391   2.167   -2.017  1.00 20.18  ? 1043 TYR A CD1 1 
ATOM   593  C CD2 . TYR A 1 65  ? 5.106   2.994   -3.805  1.00 19.91  ? 1043 TYR A CD2 1 
ATOM   594  C CE1 . TYR A 1 65  ? 5.437   2.634   -1.106  1.00 20.43  ? 1043 TYR A CE1 1 
ATOM   595  C CE2 . TYR A 1 65  ? 4.126   3.430   -2.906  1.00 19.75  ? 1043 TYR A CE2 1 
ATOM   596  C CZ  . TYR A 1 65  ? 4.293   3.279   -1.545  1.00 20.28  ? 1043 TYR A CZ  1 
ATOM   597  O OH  . TYR A 1 65  ? 3.344   3.772   -0.660  1.00 19.52  ? 1043 TYR A OH  1 
ATOM   598  N N   A LEU A 1 66  ? 10.662  1.148   -4.991  0.14 22.56  ? 1044 LEU A N   1 
ATOM   599  N N   B LEU A 1 66  ? 10.669  1.153   -5.008  0.23 21.87  ? 1044 LEU A N   1 
ATOM   600  N N   C LEU A 1 66  ? 10.662  1.148   -4.991  0.14 22.56  ? 1044 LEU A N   1 
ATOM   601  C CA  A LEU A 1 66  ? 11.599  0.494   -5.948  0.14 23.36  ? 1044 LEU A CA  1 
ATOM   602  C CA  B LEU A 1 66  ? 11.568  0.486   -5.997  0.23 22.97  ? 1044 LEU A CA  1 
ATOM   603  C CA  C LEU A 1 66  ? 11.599  0.494   -5.948  0.14 23.36  ? 1044 LEU A CA  1 
ATOM   604  C C   A LEU A 1 66  ? 11.367  -1.023  -5.978  0.14 23.12  ? 1044 LEU A C   1 
ATOM   605  C C   B LEU A 1 66  ? 11.363  -1.032  -5.987  0.23 23.13  ? 1044 LEU A C   1 
ATOM   606  C C   C LEU A 1 66  ? 11.367  -1.023  -5.978  0.14 23.12  ? 1044 LEU A C   1 
ATOM   607  O O   A LEU A 1 66  ? 11.940  -1.675  -6.873  0.14 23.65  ? 1044 LEU A O   1 
ATOM   608  O O   B LEU A 1 66  ? 11.956  -1.697  -6.860  0.23 24.02  ? 1044 LEU A O   1 
ATOM   609  O O   C LEU A 1 66  ? 11.940  -1.675  -6.873  0.14 23.65  ? 1044 LEU A O   1 
ATOM   610  C CB  A LEU A 1 66  ? 13.037  0.823   -5.535  0.14 24.74  ? 1044 LEU A CB  1 
ATOM   611  C CB  B LEU A 1 66  ? 13.025  0.838   -5.686  0.23 24.58  ? 1044 LEU A CB  1 
ATOM   612  C CB  C LEU A 1 66  ? 13.037  0.823   -5.535  0.14 24.74  ? 1044 LEU A CB  1 
ATOM   613  C CG  A LEU A 1 66  ? 13.392  2.311   -5.546  0.14 26.12  ? 1044 LEU A CG  1 
ATOM   614  C CG  B LEU A 1 66  ? 13.463  2.214   -6.187  0.23 25.75  ? 1044 LEU A CG  1 
ATOM   615  C CG  C LEU A 1 66  ? 13.392  2.311   -5.546  0.14 26.12  ? 1044 LEU A CG  1 
ATOM   616  C CD1 A LEU A 1 66  ? 14.885  2.510   -5.311  0.14 27.59  ? 1044 LEU A CD1 1 
ATOM   617  C CD1 B LEU A 1 66  ? 12.827  3.307   -5.339  0.23 25.94  ? 1044 LEU A CD1 1 
ATOM   618  C CD1 C LEU A 1 66  ? 14.885  2.510   -5.311  0.14 27.59  ? 1044 LEU A CD1 1 
ATOM   619  C CD2 A LEU A 1 66  ? 12.958  2.971   -6.850  0.14 25.47  ? 1044 LEU A CD2 1 
ATOM   620  C CD2 B LEU A 1 66  ? 14.980  2.342   -6.190  0.23 27.55  ? 1044 LEU A CD2 1 
ATOM   621  C CD2 C LEU A 1 66  ? 12.958  2.971   -6.850  0.14 25.47  ? 1044 LEU A CD2 1 
ATOM   622  N N   . THR A 1 67  ? 10.570  -1.562  -5.044  1.00 21.68  ? 1045 THR A N   1 
ATOM   623  C CA  . THR A 1 67  ? 10.244  -2.995  -4.976  1.00 21.94  ? 1045 THR A CA  1 
ATOM   624  C C   . THR A 1 67  ? 8.769   -3.185  -4.570  1.00 23.04  ? 1045 THR A C   1 
ATOM   625  O O   . THR A 1 67  ? 8.203   -2.284  -3.892  1.00 20.97  ? 1045 THR A O   1 
ATOM   626  C CB  . THR A 1 67  ? 11.096  -3.786  -3.989  1.00 24.75  ? 1045 THR A CB  1 
ATOM   627  O OG1 . THR A 1 67  ? 10.817  -3.468  -2.624  1.00 25.02  ? 1045 THR A OG1 1 
ATOM   628  C CG2 . THR A 1 67  ? 12.586  -3.598  -4.232  1.00 26.88  ? 1045 THR A CG2 1 
ATOM   629  N N   . VAL A 1 68  ? 8.209   -4.337  -4.857  1.00 20.17  ? 1046 VAL A N   1 
ATOM   630  C CA  . VAL A 1 68  ? 6.831   -4.664  -4.368  1.00 20.65  ? 1046 VAL A CA  1 
ATOM   631  C C   . VAL A 1 68  ? 6.872   -4.792  -2.843  1.00 21.40  ? 1046 VAL A C   1 
ATOM   632  O O   . VAL A 1 68  ? 5.837   -4.509  -2.177  1.00 22.10  ? 1046 VAL A O   1 
ATOM   633  C CB  . VAL A 1 68  ? 6.221   -5.886  -5.095  1.00 24.63  ? 1046 VAL A CB  1 
ATOM   634  C CG1 . VAL A 1 68  ? 4.782   -6.119  -4.674  1.00 26.69  ? 1046 VAL A CG1 1 
ATOM   635  C CG2 . VAL A 1 68  ? 6.191   -5.646  -6.611  1.00 27.92  ? 1046 VAL A CG2 1 
ATOM   636  N N   . LYS A 1 69  ? 7.953   -5.314  -2.272  1.00 23.49  ? 1047 LYS A N   1 
ATOM   637  C CA  . LYS A 1 69  ? 8.123   -5.383  -0.796  1.00 28.06  ? 1047 LYS A CA  1 
ATOM   638  C C   . LYS A 1 69  ? 7.909   -4.014  -0.108  1.00 24.20  ? 1047 LYS A C   1 
ATOM   639  O O   . LYS A 1 69  ? 7.175   -3.956  0.937   1.00 26.15  ? 1047 LYS A O   1 
ATOM   640  C CB  . LYS A 1 69  ? 9.443   -6.074  -0.465  1.00 35.81  ? 1047 LYS A CB  1 
ATOM   641  C CG  . LYS A 1 69  ? 9.617   -6.450  0.989   1.00 50.83  ? 1047 LYS A CG  1 
ATOM   642  C CD  . LYS A 1 69  ? 10.934  -7.216  1.262   1.00 65.88  ? 1047 LYS A CD  1 
ATOM   643  C CE  . LYS A 1 69  ? 10.801  -8.728  1.269   1.00 77.27  ? 1047 LYS A CE  1 
ATOM   644  N NZ  . LYS A 1 69  ? 10.831  -9.319  -0.090  1.00 82.01  ? 1047 LYS A NZ  1 
ATOM   645  N N   A ASP A 1 70  ? 8.466   -2.934  -0.630  0.24 22.69  ? 1048 ASP A N   1 
ATOM   646  N N   B ASP A 1 70  ? 8.538   -2.961  -0.656  0.13 23.90  ? 1048 ASP A N   1 
ATOM   647  N N   C ASP A 1 70  ? 8.538   -2.961  -0.656  0.13 23.90  ? 1048 ASP A N   1 
ATOM   648  C CA  A ASP A 1 70  ? 8.305   -1.603  0.011   0.24 23.69  ? 1048 ASP A CA  1 
ATOM   649  C CA  B ASP A 1 70  ? 8.397   -1.532  -0.245  0.13 24.35  ? 1048 ASP A CA  1 
ATOM   650  C CA  C ASP A 1 70  ? 8.397   -1.532  -0.245  0.13 24.35  ? 1048 ASP A CA  1 
ATOM   651  C C   A ASP A 1 70  ? 6.847   -1.118  -0.177  0.24 22.92  ? 1048 ASP A C   1 
ATOM   652  C C   B ASP A 1 70  ? 6.901   -1.170  -0.201  0.13 23.34  ? 1048 ASP A C   1 
ATOM   653  C C   C ASP A 1 70  ? 6.901   -1.170  -0.201  0.13 23.34  ? 1048 ASP A C   1 
ATOM   654  O O   A ASP A 1 70  ? 6.318   -0.428  0.732   0.24 21.73  ? 1048 ASP A O   1 
ATOM   655  O O   B ASP A 1 70  ? 6.434   -0.615  0.814   0.13 23.31  ? 1048 ASP A O   1 
ATOM   656  O O   C ASP A 1 70  ? 6.434   -0.615  0.814   0.13 23.31  ? 1048 ASP A O   1 
ATOM   657  C CB  A ASP A 1 70  ? 9.394   -0.650  -0.483  0.24 24.63  ? 1048 ASP A CB  1 
ATOM   658  C CB  B ASP A 1 70  ? 9.087   -0.551  -1.214  0.13 25.34  ? 1048 ASP A CB  1 
ATOM   659  C CB  C ASP A 1 70  ? 9.087   -0.551  -1.214  0.13 25.34  ? 1048 ASP A CB  1 
ATOM   660  C CG  A ASP A 1 70  ? 10.773  -0.925  0.105   0.24 25.36  ? 1048 ASP A CG  1 
ATOM   661  C CG  B ASP A 1 70  ? 10.613  -0.544  -1.250  0.13 27.35  ? 1048 ASP A CG  1 
ATOM   662  C CG  C ASP A 1 70  ? 10.613  -0.544  -1.250  0.13 27.35  ? 1048 ASP A CG  1 
ATOM   663  O OD1 A ASP A 1 70  ? 10.900  -1.799  1.010   0.24 28.50  ? 1048 ASP A OD1 1 
ATOM   664  O OD1 B ASP A 1 70  ? 11.221  -1.378  -0.542  0.13 29.11  ? 1048 ASP A OD1 1 
ATOM   665  O OD1 C ASP A 1 70  ? 11.221  -1.378  -0.542  0.13 29.11  ? 1048 ASP A OD1 1 
ATOM   666  O OD2 A ASP A 1 70  ? 11.720  -0.285  -0.362  0.24 24.83  ? 1048 ASP A OD2 1 
ATOM   667  O OD2 B ASP A 1 70  ? 11.195  0.317   -2.004  0.13 27.21  ? 1048 ASP A OD2 1 
ATOM   668  O OD2 C ASP A 1 70  ? 11.195  0.317   -2.004  0.13 27.21  ? 1048 ASP A OD2 1 
ATOM   669  N N   . TYR A 1 71  ? 6.187   -1.448  -1.296  1.00 21.80  ? 1049 TYR A N   1 
ATOM   670  C CA  . TYR A 1 71  ? 4.750   -1.125  -1.446  1.00 19.34  ? 1049 TYR A CA  1 
ATOM   671  C C   . TYR A 1 71  ? 3.892   -1.887  -0.403  1.00 19.65  ? 1049 TYR A C   1 
ATOM   672  O O   . TYR A 1 71  ? 3.004   -1.289  0.285   1.00 19.02  ? 1049 TYR A O   1 
ATOM   673  C CB  . TYR A 1 71  ? 4.301   -1.491  -2.863  1.00 18.07  ? 1049 TYR A CB  1 
ATOM   674  C CG  . TYR A 1 71  ? 2.815   -1.483  -3.110  1.00 18.01  ? 1049 TYR A CG  1 
ATOM   675  C CD1 . TYR A 1 71  ? 2.190   -0.308  -3.483  1.00 17.64  ? 1049 TYR A CD1 1 
ATOM   676  C CD2 . TYR A 1 71  ? 2.041   -2.653  -3.015  1.00 18.20  ? 1049 TYR A CD2 1 
ATOM   677  C CE1 . TYR A 1 71  ? 0.852   -0.295  -3.843  1.00 17.82  ? 1049 TYR A CE1 1 
ATOM   678  C CE2 . TYR A 1 71  ? 0.679   -2.635  -3.319  1.00 18.01  ? 1049 TYR A CE2 1 
ATOM   679  C CZ  . TYR A 1 71  ? 0.073   -1.458  -3.715  1.00 18.83  ? 1049 TYR A CZ  1 
ATOM   680  O OH  . TYR A 1 71  ? -1.277  -1.393  -4.043  1.00 19.14  ? 1049 TYR A OH  1 
ATOM   681  N N   . LEU A 1 72  ? 4.155   -3.171  -0.221  1.00 19.50  ? 1050 LEU A N   1 
ATOM   682  C CA  . LEU A 1 72  ? 3.362   -4.015  0.723   1.00 21.65  ? 1050 LEU A CA  1 
ATOM   683  C C   . LEU A 1 72  ? 3.587   -3.543  2.165   1.00 22.61  ? 1050 LEU A C   1 
ATOM   684  O O   . LEU A 1 72  ? 2.673   -3.770  3.016   1.00 19.93  ? 1050 LEU A O   1 
ATOM   685  C CB  . LEU A 1 72  ? 3.640   -5.496  0.553   1.00 21.31  ? 1050 LEU A CB  1 
ATOM   686  C CG  . LEU A 1 72  ? 3.038   -6.128  -0.710  1.00 23.39  ? 1050 LEU A CG  1 
ATOM   687  C CD1 . LEU A 1 72  ? 3.546   -7.537  -0.901  1.00 26.47  ? 1050 LEU A CD1 1 
ATOM   688  C CD2 . LEU A 1 72  ? 1.521   -6.121  -0.715  1.00 25.65  ? 1050 LEU A CD2 1 
ATOM   689  N N   . ARG A 1 73  ? 4.708   -2.920  2.487   1.00 20.77  ? 1051 ARG A N   1 
ATOM   690  C CA  . ARG A 1 73  ? 4.922   -2.372  3.852   1.00 24.06  ? 1051 ARG A CA  1 
ATOM   691  C C   . ARG A 1 73  ? 3.912   -1.237  4.119   1.00 22.73  ? 1051 ARG A C   1 
ATOM   692  O O   . ARG A 1 73  ? 3.390   -1.122  5.281   1.00 20.94  ? 1051 ARG A O   1 
ATOM   693  C CB  . ARG A 1 73  ? 6.338   -1.837  4.075   1.00 28.90  ? 1051 ARG A CB  1 
ATOM   694  C CG  . ARG A 1 73  ? 7.392   -2.921  4.176   1.00 42.54  ? 1051 ARG A CG  1 
ATOM   695  C CD  . ARG A 1 73  ? 8.759   -2.276  4.500   1.00 53.26  ? 1051 ARG A CD  1 
ATOM   696  N NE  . ARG A 1 73  ? 9.902   -2.867  3.799   1.00 70.71  ? 1051 ARG A NE  1 
ATOM   697  C CZ  . ARG A 1 73  ? 10.387  -4.099  4.004   1.00 85.23  ? 1051 ARG A CZ  1 
ATOM   698  N NH1 . ARG A 1 73  ? 9.815   -4.927  4.869   1.00 87.22  ? 1051 ARG A NH1 1 
ATOM   699  N NH2 . ARG A 1 73  ? 11.446  -4.503  3.319   1.00 92.57  ? 1051 ARG A NH2 1 
ATOM   700  N N   . ASP A 1 74  ? 3.570   -0.439  3.119   1.00 21.13  ? 1052 ASP A N   1 
ATOM   701  C CA  . ASP A 1 74  ? 2.518   0.628   3.245   1.00 19.12  ? 1052 ASP A CA  1 
ATOM   702  C C   . ASP A 1 74  ? 1.082   0.006   3.311   1.00 19.75  ? 1052 ASP A C   1 
ATOM   703  O O   . ASP A 1 74  ? 0.234   0.553   4.090   1.00 20.11  ? 1052 ASP A O   1 
ATOM   704  C CB  . ASP A 1 74  ? 2.707   1.719   2.218   1.00 21.37  ? 1052 ASP A CB  1 
ATOM   705  C CG  . ASP A 1 74  ? 3.727   2.806   2.645   1.00 27.04  ? 1052 ASP A CG  1 
ATOM   706  O OD1 . ASP A 1 74  ? 4.108   2.804   3.869   1.00 25.01  ? 1052 ASP A OD1 1 
ATOM   707  O OD2 . ASP A 1 74  ? 4.045   3.716   1.809   1.00 24.92  ? 1052 ASP A OD2 1 
ATOM   708  N N   . ILE A 1 75  ? 0.757   -0.999  2.498   1.00 19.86  ? 1053 ILE A N   1 
ATOM   709  C CA  . ILE A 1 75  ? -0.552  -1.743  2.632   1.00 19.01  ? 1053 ILE A CA  1 
ATOM   710  C C   . ILE A 1 75  ? -0.666  -2.302  4.066   1.00 19.93  ? 1053 ILE A C   1 
ATOM   711  O O   . ILE A 1 75  ? -1.745  -2.071  4.726   1.00 21.19  ? 1053 ILE A O   1 
ATOM   712  C CB  . ILE A 1 75  ? -0.704  -2.844  1.578   1.00 22.91  ? 1053 ILE A CB  1 
ATOM   713  C CG1 . ILE A 1 75  ? -0.663  -2.290  0.158   1.00 21.99  ? 1053 ILE A CG1 1 
ATOM   714  C CG2 . ILE A 1 75  ? -1.995  -3.620  1.829   1.00 24.73  ? 1053 ILE A CG2 1 
ATOM   715  C CD1 . ILE A 1 75  ? -1.589  -1.138  -0.182  1.00 26.44  ? 1053 ILE A CD1 1 
ATOM   716  N N   . ASP A 1 76  ? 0.385   -2.947  4.591   1.00 19.12  ? 1054 ASP A N   1 
ATOM   717  C CA  . ASP A 1 76  ? 0.455   -3.476  5.979   1.00 22.02  ? 1054 ASP A CA  1 
ATOM   718  C C   . ASP A 1 76  ? 0.241   -2.365  7.014   1.00 22.64  ? 1054 ASP A C   1 
ATOM   719  O O   . ASP A 1 76  ? -0.451  -2.662  8.057   1.00 21.57  ? 1054 ASP A O   1 
ATOM   720  C CB  . ASP A 1 76  ? 1.746   -4.230  6.274   1.00 25.29  ? 1054 ASP A CB  1 
ATOM   721  C CG  . ASP A 1 76  ? 1.878   -5.583  5.582   1.00 34.32  ? 1054 ASP A CG  1 
ATOM   722  O OD1 . ASP A 1 76  ? 0.898   -6.197  5.276   1.00 38.97  ? 1054 ASP A OD1 1 
ATOM   723  O OD2 . ASP A 1 76  ? 2.987   -6.029  5.493   1.00 43.57  ? 1054 ASP A OD2 1 
ATOM   724  N N   . LEU A 1 77  ? 0.694   -1.135  6.768   1.00 20.57  ? 1055 LEU A N   1 
ATOM   725  C CA  . LEU A 1 77  ? 0.566   0.011   7.713   1.00 22.78  ? 1055 LEU A CA  1 
ATOM   726  C C   . LEU A 1 77  ? -0.895  0.519   7.685   1.00 24.10  ? 1055 LEU A C   1 
ATOM   727  O O   . LEU A 1 77  ? -1.439  0.790   8.747   1.00 20.82  ? 1055 LEU A O   1 
ATOM   728  C CB  . LEU A 1 77  ? 1.529   1.115   7.286   1.00 23.35  ? 1055 LEU A CB  1 
ATOM   729  C CG  . LEU A 1 77  ? 1.576   2.383   8.122   1.00 27.48  ? 1055 LEU A CG  1 
ATOM   730  C CD1 . LEU A 1 77  ? 1.963   2.080   9.591   1.00 26.42  ? 1055 LEU A CD1 1 
ATOM   731  C CD2 . LEU A 1 77  ? 2.549   3.379   7.469   1.00 28.74  ? 1055 LEU A CD2 1 
ATOM   732  N N   . ILE A 1 78  ? -1.559  0.538   6.524   1.00 20.50  ? 1056 ILE A N   1 
ATOM   733  C CA  . ILE A 1 78  ? -3.000  0.904   6.463   1.00 19.55  ? 1056 ILE A CA  1 
ATOM   734  C C   . ILE A 1 78  ? -3.749  -0.079  7.378   1.00 19.49  ? 1056 ILE A C   1 
ATOM   735  O O   . ILE A 1 78  ? -4.658  0.364   8.216   1.00 20.09  ? 1056 ILE A O   1 
ATOM   736  C CB  . ILE A 1 78  ? -3.531  0.877   5.015   1.00 22.13  ? 1056 ILE A CB  1 
ATOM   737  C CG1 . ILE A 1 78  ? -2.899  1.972   4.162   1.00 19.74  ? 1056 ILE A CG1 1 
ATOM   738  C CG2 . ILE A 1 78  ? -5.054  0.984   5.020   1.00 23.41  ? 1056 ILE A CG2 1 
ATOM   739  C CD1 . ILE A 1 78  ? -3.305  1.947   2.672   1.00 21.35  ? 1056 ILE A CD1 1 
ATOM   740  N N   . CYS A 1 79  ? -3.476  -1.369  7.227   1.00 19.43  ? 1057 CYS A N   1 
ATOM   741  C CA  . CYS A 1 79  ? -4.173  -2.431  8.006   1.00 21.89  ? 1057 CYS A CA  1 
ATOM   742  C C   . CYS A 1 79  ? -3.826  -2.333  9.511   1.00 27.04  ? 1057 CYS A C   1 
ATOM   743  O O   . CYS A 1 79  ? -4.762  -2.257  10.402  1.00 22.24  ? 1057 CYS A O   1 
ATOM   744  C CB  . CYS A 1 79  ? -3.825  -3.793  7.463   1.00 23.74  ? 1057 CYS A CB  1 
ATOM   745  S SG  . CYS A 1 79  ? -4.669  -5.152  8.334   1.00 30.11  ? 1057 CYS A SG  1 
ATOM   746  N N   . SER A 1 80  ? -2.538  -2.264  9.857   1.00 22.03  ? 1058 SER A N   1 
ATOM   747  C CA  . SER A 1 80  ? -2.154  -2.189  11.294  1.00 23.72  ? 1058 SER A CA  1 
ATOM   748  C C   . SER A 1 80  ? -2.693  -0.912  11.975  1.00 21.43  ? 1058 SER A C   1 
ATOM   749  O O   . SER A 1 80  ? -3.119  -1.029  13.181  1.00 22.85  ? 1058 SER A O   1 
ATOM   750  C CB  . SER A 1 80  ? -0.660  -2.423  11.537  1.00 29.48  ? 1058 SER A CB  1 
ATOM   751  O OG  . SER A 1 80  ? 0.105   -1.411  10.956  1.00 32.10  ? 1058 SER A OG  1 
ATOM   752  N N   . ASN A 1 81  ? -2.704  0.249   11.351  1.00 19.34  ? 1059 ASN A N   1 
ATOM   753  C CA  . ASN A 1 81  ? -3.273  1.505   11.878  1.00 20.04  ? 1059 ASN A CA  1 
ATOM   754  C C   . ASN A 1 81  ? -4.778  1.284   12.217  1.00 25.36  ? 1059 ASN A C   1 
ATOM   755  O O   . ASN A 1 81  ? -5.232  1.695   13.292  1.00 20.06  ? 1059 ASN A O   1 
ATOM   756  C CB  . ASN A 1 81  ? -3.090  2.691   10.937  1.00 18.12  ? 1059 ASN A CB  1 
ATOM   757  C CG  . ASN A 1 81  ? -1.649  3.221   10.864  1.00 20.50  ? 1059 ASN A CG  1 
ATOM   758  O OD1 . ASN A 1 81  ? -0.780  2.829   11.672  1.00 20.26  ? 1059 ASN A OD1 1 
ATOM   759  N ND2 . ASN A 1 81  ? -1.405  4.058   9.868   1.00 20.64  ? 1059 ASN A ND2 1 
ATOM   760  N N   . ALA A 1 82  ? -5.576  0.676   11.325  1.00 21.35  ? 1060 ALA A N   1 
ATOM   761  C CA  . ALA A 1 82  ? -7.020  0.413   11.585  1.00 21.52  ? 1060 ALA A CA  1 
ATOM   762  C C   . ALA A 1 82  ? -7.182  -0.538  12.775  1.00 21.70  ? 1060 ALA A C   1 
ATOM   763  O O   . ALA A 1 82  ? -8.105  -0.270  13.604  1.00 27.04  ? 1060 ALA A O   1 
ATOM   764  C CB  . ALA A 1 82  ? -7.657  -0.162  10.306  1.00 21.56  ? 1060 ALA A CB  1 
ATOM   765  N N   . LEU A 1 83  ? -6.370  -1.580  12.898  1.00 22.26  ? 1061 LEU A N   1 
ATOM   766  C CA  . LEU A 1 83  ? -6.475  -2.573  14.000  1.00 24.24  ? 1061 LEU A CA  1 
ATOM   767  C C   . LEU A 1 83  ? -6.134  -1.901  15.343  1.00 29.72  ? 1061 LEU A C   1 
ATOM   768  O O   . LEU A 1 83  ? -6.807  -2.209  16.379  1.00 29.13  ? 1061 LEU A O   1 
ATOM   769  C CB  . LEU A 1 83  ? -5.611  -3.800  13.812  1.00 27.82  ? 1061 LEU A CB  1 
ATOM   770  C CG  . LEU A 1 83  ? -5.799  -4.624  12.538  1.00 34.47  ? 1061 LEU A CG  1 
ATOM   771  C CD1 . LEU A 1 83  ? -5.043  -5.916  12.613  1.00 36.68  ? 1061 LEU A CD1 1 
ATOM   772  C CD2 . LEU A 1 83  ? -7.239  -4.886  12.191  1.00 35.36  ? 1061 LEU A CD2 1 
ATOM   773  N N   A GLU A 1 84  ? -5.137  -1.004  15.334  0.14 28.27  ? 1062 GLU A N   1 
ATOM   774  N N   B GLU A 1 84  ? -5.169  -0.979  15.338  0.23 28.09  ? 1062 GLU A N   1 
ATOM   775  N N   C GLU A 1 84  ? -5.137  -1.004  15.334  0.14 28.27  ? 1062 GLU A N   1 
ATOM   776  C CA  A GLU A 1 84  ? -4.629  -0.275  16.534  0.14 28.81  ? 1062 GLU A CA  1 
ATOM   777  C CA  B GLU A 1 84  ? -4.658  -0.325  16.575  0.23 28.86  ? 1062 GLU A CA  1 
ATOM   778  C CA  C GLU A 1 84  ? -4.629  -0.275  16.534  0.14 28.81  ? 1062 GLU A CA  1 
ATOM   779  C C   A GLU A 1 84  ? -5.683  0.732   17.004  0.14 26.95  ? 1062 GLU A C   1 
ATOM   780  C C   B GLU A 1 84  ? -5.647  0.767   17.013  0.23 26.87  ? 1062 GLU A C   1 
ATOM   781  C C   C GLU A 1 84  ? -5.683  0.732   17.004  0.14 26.95  ? 1062 GLU A C   1 
ATOM   782  O O   A GLU A 1 84  ? -5.985  0.736   18.208  0.14 28.04  ? 1062 GLU A O   1 
ATOM   783  O O   B GLU A 1 84  ? -5.898  0.857   18.219  0.23 28.63  ? 1062 GLU A O   1 
ATOM   784  O O   C GLU A 1 84  ? -5.985  0.736   18.208  0.14 28.04  ? 1062 GLU A O   1 
ATOM   785  C CB  A GLU A 1 84  ? -3.305  0.447   16.235  0.14 31.30  ? 1062 GLU A CB  1 
ATOM   786  C CB  B GLU A 1 84  ? -3.214  0.160   16.365  0.23 31.82  ? 1062 GLU A CB  1 
ATOM   787  C CB  C GLU A 1 84  ? -3.305  0.447   16.235  0.14 31.30  ? 1062 GLU A CB  1 
ATOM   788  C CG  A GLU A 1 84  ? -2.775  1.281   17.398  0.14 32.58  ? 1062 GLU A CG  1 
ATOM   789  C CG  B GLU A 1 84  ? -2.210  -0.988  16.321  0.23 34.03  ? 1062 GLU A CG  1 
ATOM   790  C CG  C GLU A 1 84  ? -2.775  1.281   17.398  0.14 32.58  ? 1062 GLU A CG  1 
ATOM   791  C CD  A GLU A 1 84  ? -1.438  1.979   17.152  0.14 37.39  ? 1062 GLU A CD  1 
ATOM   792  C CD  B GLU A 1 84  ? -0.808  -0.707  15.774  0.23 35.83  ? 1062 GLU A CD  1 
ATOM   793  C CD  C GLU A 1 84  ? -1.438  1.979   17.152  0.14 37.39  ? 1062 GLU A CD  1 
ATOM   794  O OE1 A GLU A 1 84  ? -1.058  2.845   17.965  0.14 38.60  ? 1062 GLU A OE1 1 
ATOM   795  O OE1 B GLU A 1 84  ? -0.545  0.429   15.352  0.23 34.56  ? 1062 GLU A OE1 1 
ATOM   796  O OE1 C GLU A 1 84  ? -1.058  2.845   17.965  0.14 38.60  ? 1062 GLU A OE1 1 
ATOM   797  O OE2 A GLU A 1 84  ? -0.771  1.650   16.157  0.14 38.13  ? 1062 GLU A OE2 1 
ATOM   798  O OE2 B GLU A 1 84  ? 0.026   -1.651  15.761  0.23 36.07  ? 1062 GLU A OE2 1 
ATOM   799  O OE2 C GLU A 1 84  ? -0.771  1.650   16.157  0.14 38.13  ? 1062 GLU A OE2 1 
ATOM   800  N N   . TYR A 1 85  ? -6.213  1.549   16.091  1.00 24.72  ? 1063 TYR A N   1 
ATOM   801  C CA  . TYR A 1 85  ? -7.118  2.641   16.433  1.00 24.30  ? 1063 TYR A CA  1 
ATOM   802  C C   . TYR A 1 85  ? -8.530  2.094   16.802  1.00 29.93  ? 1063 TYR A C   1 
ATOM   803  O O   . TYR A 1 85  ? -9.237  2.842   17.478  1.00 25.34  ? 1063 TYR A O   1 
ATOM   804  C CB  . TYR A 1 85  ? -7.292  3.667   15.336  1.00 25.16  ? 1063 TYR A CB  1 
ATOM   805  C CG  . TYR A 1 85  ? -7.941  4.941   15.808  1.00 28.40  ? 1063 TYR A CG  1 
ATOM   806  C CD1 . TYR A 1 85  ? -7.247  5.810   16.664  1.00 32.29  ? 1063 TYR A CD1 1 
ATOM   807  C CD2 . TYR A 1 85  ? -9.243  5.285   15.461  1.00 32.44  ? 1063 TYR A CD2 1 
ATOM   808  C CE1 . TYR A 1 85  ? -7.836  6.975   17.142  1.00 34.05  ? 1063 TYR A CE1 1 
ATOM   809  C CE2 . TYR A 1 85  ? -9.845  6.435   15.954  1.00 34.51  ? 1063 TYR A CE2 1 
ATOM   810  C CZ  . TYR A 1 85  ? -9.138  7.285   16.791  1.00 37.21  ? 1063 TYR A CZ  1 
ATOM   811  O OH  . TYR A 1 85  ? -9.688  8.450   17.240  1.00 46.31  ? 1063 TYR A OH  1 
ATOM   812  N N   . ASN A 1 86  ? -8.914  0.901   16.358  1.00 23.75  ? 1064 ASN A N   1 
ATOM   813  C CA  . ASN A 1 86  ? -10.347 0.410   16.506  1.00 27.23  ? 1064 ASN A CA  1 
ATOM   814  C C   . ASN A 1 86  ? -10.359 -0.951  17.156  1.00 23.40  ? 1064 ASN A C   1 
ATOM   815  O O   . ASN A 1 86  ? -10.700 -1.962  16.534  1.00 27.69  ? 1064 ASN A O   1 
ATOM   816  C CB  . ASN A 1 86  ? -11.068 0.430   15.140  1.00 29.40  ? 1064 ASN A CB  1 
ATOM   817  C CG  . ASN A 1 86  ? -11.059 1.768   14.432  1.00 28.31  ? 1064 ASN A CG  1 
ATOM   818  O OD1 . ASN A 1 86  ? -11.881 2.663   14.694  1.00 29.28  ? 1064 ASN A OD1 1 
ATOM   819  N ND2 . ASN A 1 86  ? -10.171 1.949   13.447  1.00 25.89  ? 1064 ASN A ND2 1 
ATOM   820  N N   . PRO A 1 87  ? -9.835  -1.133  18.400  1.00 25.07  ? 1065 PRO A N   1 
ATOM   821  C CA  . PRO A 1 87  ? -9.601  -2.469  18.930  1.00 25.22  ? 1065 PRO A CA  1 
ATOM   822  C C   . PRO A 1 87  ? -10.761 -3.090  19.765  1.00 27.09  ? 1065 PRO A C   1 
ATOM   823  O O   . PRO A 1 87  ? -10.606 -4.184  20.232  1.00 30.70  ? 1065 PRO A O   1 
ATOM   824  C CB  . PRO A 1 87  ? -8.503  -2.240  19.976  1.00 30.47  ? 1065 PRO A CB  1 
ATOM   825  C CG  . PRO A 1 87  ? -8.815  -0.870  20.490  1.00 29.96  ? 1065 PRO A CG  1 
ATOM   826  C CD  . PRO A 1 87  ? -9.381  -0.085  19.338  1.00 29.06  ? 1065 PRO A CD  1 
ATOM   827  N N   . ASP A 1 88  ? -11.866 -2.403  19.878  1.00 26.24  ? 1066 ASP A N   1 
ATOM   828  C CA  . ASP A 1 88  ? -12.970 -2.758  20.843  1.00 28.19  ? 1066 ASP A CA  1 
ATOM   829  C C   . ASP A 1 88  ? -13.934 -3.812  20.292  1.00 33.21  ? 1066 ASP A C   1 
ATOM   830  O O   . ASP A 1 88  ? -13.824 -4.143  19.088  1.00 26.54  ? 1066 ASP A O   1 
ATOM   831  C CB  . ASP A 1 88  ? -13.749 -1.516  21.219  1.00 31.04  ? 1066 ASP A CB  1 
ATOM   832  C CG  . ASP A 1 88  ? -12.908 -0.548  22.054  1.00 43.74  ? 1066 ASP A CG  1 
ATOM   833  O OD1 . ASP A 1 88  ? -11.803 -0.966  22.552  1.00 39.47  ? 1066 ASP A OD1 1 
ATOM   834  O OD2 . ASP A 1 88  ? -13.361 0.593   22.224  1.00 48.38  ? 1066 ASP A OD2 1 
ATOM   835  N N   . ARG A 1 89  ? -14.811 -4.378  21.149  1.00 30.87  ? 1067 ARG A N   1 
ATOM   836  C CA  . ARG A 1 89  ? -15.755 -5.470  20.743  1.00 27.94  ? 1067 ARG A CA  1 
ATOM   837  C C   . ARG A 1 89  ? -16.956 -4.901  19.974  1.00 28.41  ? 1067 ARG A C   1 
ATOM   838  O O   . ARG A 1 89  ? -17.755 -5.695  19.419  1.00 31.22  ? 1067 ARG A O   1 
ATOM   839  C CB  . ARG A 1 89  ? -16.224 -6.343  21.929  1.00 32.41  ? 1067 ARG A CB  1 
ATOM   840  C CG  . ARG A 1 89  ? -17.201 -5.687  22.913  1.00 36.53  ? 1067 ARG A CG  1 
ATOM   841  C CD  . ARG A 1 89  ? -18.679 -6.147  22.824  1.00 33.24  ? 1067 ARG A CD  1 
ATOM   842  N NE  . ARG A 1 89  ? -18.995 -7.447  22.202  1.00 37.83  ? 1067 ARG A NE  1 
ATOM   843  C CZ  . ARG A 1 89  ? -20.085 -7.690  21.390  1.00 36.80  ? 1067 ARG A CZ  1 
ATOM   844  N NH1 . ARG A 1 89  ? -20.333 -8.924  20.876  1.00 26.55  ? 1067 ARG A NH1 1 
ATOM   845  N NH2 . ARG A 1 89  ? -20.891 -6.664  21.123  1.00 30.13  ? 1067 ARG A NH2 1 
ATOM   846  N N   . ASP A 1 90  ? -17.169 -3.606  19.968  1.00 25.68  ? 1068 ASP A N   1 
ATOM   847  C CA  . ASP A 1 90  ? -18.428 -3.116  19.386  1.00 29.91  ? 1068 ASP A CA  1 
ATOM   848  C C   . ASP A 1 90  ? -18.434 -3.283  17.856  1.00 30.25  ? 1068 ASP A C   1 
ATOM   849  O O   . ASP A 1 90  ? -17.359 -3.412  17.208  1.00 25.20  ? 1068 ASP A O   1 
ATOM   850  C CB  . ASP A 1 90  ? -18.692 -1.675  19.726  1.00 37.65  ? 1068 ASP A CB  1 
ATOM   851  C CG  . ASP A 1 90  ? -17.700 -0.747  19.133  1.00 46.55  ? 1068 ASP A CG  1 
ATOM   852  O OD1 . ASP A 1 90  ? -16.615 -0.679  19.731  1.00 64.97  ? 1068 ASP A OD1 1 
ATOM   853  O OD2 . ASP A 1 90  ? -18.006 -0.165  18.033  1.00 54.71  ? 1068 ASP A OD2 1 
ATOM   854  N N   . PRO A 1 91  ? -19.645 -3.343  17.272  1.00 26.29  ? 1069 PRO A N   1 
ATOM   855  C CA  . PRO A 1 91  ? -19.800 -3.669  15.846  1.00 25.11  ? 1069 PRO A CA  1 
ATOM   856  C C   . PRO A 1 91  ? -19.049 -2.702  14.907  1.00 22.92  ? 1069 PRO A C   1 
ATOM   857  O O   . PRO A 1 91  ? -18.634 -3.181  13.853  1.00 22.43  ? 1069 PRO A O   1 
ATOM   858  C CB  . PRO A 1 91  ? -21.316 -3.628  15.591  1.00 26.39  ? 1069 PRO A CB  1 
ATOM   859  C CG  . PRO A 1 91  ? -21.968 -3.727  16.964  1.00 32.56  ? 1069 PRO A CG  1 
ATOM   860  C CD  . PRO A 1 91  ? -20.957 -3.186  17.953  1.00 30.45  ? 1069 PRO A CD  1 
ATOM   861  N N   . GLY A 1 92  ? -19.081 -1.392  15.158  1.00 23.55  ? 1070 GLY A N   1 
ATOM   862  C CA  . GLY A 1 92  ? -18.340 -0.402  14.339  1.00 26.86  ? 1070 GLY A CA  1 
ATOM   863  C C   . GLY A 1 92  ? -16.860 -0.758  14.215  1.00 26.55  ? 1070 GLY A C   1 
ATOM   864  O O   . GLY A 1 92  ? -16.300 -0.777  13.062  1.00 24.50  ? 1070 GLY A O   1 
ATOM   865  N N   . ASP A 1 93  ? -16.217 -1.036  15.358  0.39 26.90  ? 1071 ASP A N   1 
ATOM   866  C CA  . ASP A 1 93  ? -14.805 -1.503  15.449  0.39 26.57  ? 1071 ASP A CA  1 
ATOM   867  C C   . ASP A 1 93  ? -14.649 -2.813  14.681  0.39 25.23  ? 1071 ASP A C   1 
ATOM   868  O O   . ASP A 1 93  ? -13.709 -2.914  13.863  0.39 24.33  ? 1071 ASP A O   1 
ATOM   869  C CB  . ASP A 1 93  ? -14.339 -1.780  16.881  0.39 28.14  ? 1071 ASP A CB  1 
ATOM   870  C CG  . ASP A 1 93  ? -14.084 -0.533  17.708  0.39 30.94  ? 1071 ASP A CG  1 
ATOM   871  O OD1 . ASP A 1 93  ? -14.903 0.403   17.610  0.39 33.93  ? 1071 ASP A OD1 1 
ATOM   872  O OD2 . ASP A 1 93  ? -13.058 -0.505  18.447  0.39 31.79  ? 1071 ASP A OD2 1 
ATOM   873  N N   . ARG A 1 94  ? -15.508 -3.794  14.968  1.00 21.92  ? 1072 ARG A N   1 
ATOM   874  C CA  . ARG A 1 94  ? -15.356 -5.144  14.362  1.00 23.28  ? 1072 ARG A CA  1 
ATOM   875  C C   . ARG A 1 94  ? -15.467 -5.028  12.804  1.00 19.07  ? 1072 ARG A C   1 
ATOM   876  O O   . ARG A 1 94  ? -14.721 -5.789  12.138  1.00 22.41  ? 1072 ARG A O   1 
ATOM   877  C CB  . ARG A 1 94  ? -16.282 -6.200  14.963  1.00 24.87  ? 1072 ARG A CB  1 
ATOM   878  C CG  . ARG A 1 94  ? -15.831 -6.603  16.366  1.00 29.10  ? 1072 ARG A CG  1 
ATOM   879  C CD  . ARG A 1 94  ? -16.579 -7.768  16.969  1.00 39.02  ? 1072 ARG A CD  1 
ATOM   880  N NE  . ARG A 1 94  ? -15.981 -8.253  18.237  1.00 42.02  ? 1072 ARG A NE  1 
ATOM   881  C CZ  . ARG A 1 94  ? -16.669 -8.966  19.168  1.00 54.72  ? 1072 ARG A CZ  1 
ATOM   882  N NH1 . ARG A 1 94  ? -17.959 -9.216  19.006  1.00 63.49  ? 1072 ARG A NH1 1 
ATOM   883  N NH2 . ARG A 1 94  ? -16.076 -9.414  20.262  1.00 54.96  ? 1072 ARG A NH2 1 
ATOM   884  N N   . LEU A 1 95  ? -16.335 -4.160  12.314  1.00 19.42  ? 1073 LEU A N   1 
ATOM   885  C CA  . LEU A 1 95  ? -16.575 -4.027  10.851  1.00 19.65  ? 1073 LEU A CA  1 
ATOM   886  C C   . LEU A 1 95  ? -15.287 -3.431  10.188  1.00 21.56  ? 1073 LEU A C   1 
ATOM   887  O O   . LEU A 1 95  ? -14.842 -3.958  9.137   1.00 20.47  ? 1073 LEU A O   1 
ATOM   888  C CB  . LEU A 1 95  ? -17.784 -3.169  10.557  1.00 18.39  ? 1073 LEU A CB  1 
ATOM   889  C CG  . LEU A 1 95  ? -18.068 -2.846  9.090   1.00 19.20  ? 1073 LEU A CG  1 
ATOM   890  C CD1 . LEU A 1 95  ? -18.333 -4.103  8.287   1.00 22.09  ? 1073 LEU A CD1 1 
ATOM   891  C CD2 . LEU A 1 95  ? -19.213 -1.891  8.955   1.00 23.74  ? 1073 LEU A CD2 1 
ATOM   892  N N   . ILE A 1 96  ? -14.692 -2.387  10.770  0.39 20.85  ? 1074 ILE A N   1 
ATOM   893  C CA  . ILE A 1 96  ? -13.480 -1.750  10.158  0.39 21.45  ? 1074 ILE A CA  1 
ATOM   894  C C   . ILE A 1 96  ? -12.288 -2.715  10.253  0.39 21.66  ? 1074 ILE A C   1 
ATOM   895  O O   . ILE A 1 96  ? -11.493 -2.757  9.280   0.39 21.48  ? 1074 ILE A O   1 
ATOM   896  C CB  . ILE A 1 96  ? -13.174 -0.334  10.706  0.39 22.00  ? 1074 ILE A CB  1 
ATOM   897  C CG1 . ILE A 1 96  ? -12.241 0.414   9.742   0.39 22.01  ? 1074 ILE A CG1 1 
ATOM   898  C CG2 . ILE A 1 96  ? -12.612 -0.379  12.119  0.39 22.10  ? 1074 ILE A CG2 1 
ATOM   899  C CD1 . ILE A 1 96  ? -12.070 1.882   10.033  0.39 23.20  ? 1074 ILE A CD1 1 
ATOM   900  N N   . ARG A 1 97  ? -12.179 -3.511  11.326  1.00 21.62  ? 1075 ARG A N   1 
ATOM   901  C CA  . ARG A 1 97  ? -11.087 -4.518  11.450  1.00 22.36  ? 1075 ARG A CA  1 
ATOM   902  C C   . ARG A 1 97  ? -11.260 -5.569  10.349  1.00 25.58  ? 1075 ARG A C   1 
ATOM   903  O O   . ARG A 1 97  ? -10.222 -6.021  9.749   1.00 20.95  ? 1075 ARG A O   1 
ATOM   904  C CB  . ARG A 1 97  ? -10.904 -5.152  12.830  1.00 23.11  ? 1075 ARG A CB  1 
ATOM   905  C CG  . ARG A 1 97  ? -10.498 -4.128  13.890  1.00 23.63  ? 1075 ARG A CG  1 
ATOM   906  C CD  . ARG A 1 97  ? -9.907  -4.883  15.043  1.00 25.72  ? 1075 ARG A CD  1 
ATOM   907  N NE  . ARG A 1 97  ? -10.686 -5.920  15.680  1.00 31.68  ? 1075 ARG A NE  1 
ATOM   908  C CZ  . ARG A 1 97  ? -11.646 -5.700  16.587  1.00 30.66  ? 1075 ARG A CZ  1 
ATOM   909  N NH1 . ARG A 1 97  ? -11.950 -4.482  16.952  1.00 28.11  ? 1075 ARG A NH1 1 
ATOM   910  N NH2 . ARG A 1 97  ? -12.267 -6.710  17.157  1.00 35.70  ? 1075 ARG A NH2 1 
ATOM   911  N N   . HIS A 1 98  ? -12.487 -6.056  10.156  1.00 19.66  ? 1076 HIS A N   1 
ATOM   912  C CA  . HIS A 1 98  ? -12.753 -7.062  9.113   1.00 20.22  ? 1076 HIS A CA  1 
ATOM   913  C C   . HIS A 1 98  ? -12.359 -6.507  7.707   1.00 18.42  ? 1076 HIS A C   1 
ATOM   914  O O   . HIS A 1 98  ? -11.692 -7.306  6.910   1.00 19.51  ? 1076 HIS A O   1 
ATOM   915  C CB  . HIS A 1 98  ? -14.197 -7.572  9.151   1.00 19.42  ? 1076 HIS A CB  1 
ATOM   916  C CG  . HIS A 1 98  ? -14.423 -8.776  8.293   1.00 23.14  ? 1076 HIS A CG  1 
ATOM   917  N ND1 . HIS A 1 98  ? -14.885 -8.675  6.977   1.00 27.56  ? 1076 HIS A ND1 1 
ATOM   918  C CD2 . HIS A 1 98  ? -14.318 -10.089 8.566   1.00 26.47  ? 1076 HIS A CD2 1 
ATOM   919  C CE1 . HIS A 1 98  ? -15.024 -9.896  6.466   1.00 26.85  ? 1076 HIS A CE1 1 
ATOM   920  N NE2 . HIS A 1 98  ? -14.650 -10.800 7.420   1.00 26.17  ? 1076 HIS A NE2 1 
ATOM   921  N N   . ARG A 1 99  ? -12.738 -5.288  7.426   1.00 18.62  ? 1077 ARG A N   1 
ATOM   922  C CA  . ARG A 1 99  ? -12.427 -4.588  6.157   1.00 19.30  ? 1077 ARG A CA  1 
ATOM   923  C C   . ARG A 1 99  ? -10.920 -4.410  5.988   1.00 19.93  ? 1077 ARG A C   1 
ATOM   924  O O   . ARG A 1 99  ? -10.438 -4.583  4.859   1.00 18.60  ? 1077 ARG A O   1 
ATOM   925  C CB  . ARG A 1 99  ? -13.191 -3.292  6.056   1.00 20.92  ? 1077 ARG A CB  1 
ATOM   926  C CG  . ARG A 1 99  ? -14.693 -3.472  5.857   1.00 21.18  ? 1077 ARG A CG  1 
ATOM   927  C CD  . ARG A 1 99  ? -15.430 -2.193  5.949   1.00 21.79  ? 1077 ARG A CD  1 
ATOM   928  N NE  . ARG A 1 99  ? -16.794 -2.278  5.418   1.00 23.88  ? 1077 ARG A NE  1 
ATOM   929  C CZ  . ARG A 1 99  ? -17.716 -1.320  5.495   1.00 27.19  ? 1077 ARG A CZ  1 
ATOM   930  N NH1 . ARG A 1 99  ? -17.455 -0.171  6.068   1.00 26.73  ? 1077 ARG A NH1 1 
ATOM   931  N NH2 . ARG A 1 99  ? -18.917 -1.509  4.957   1.00 28.75  ? 1077 ARG A NH2 1 
ATOM   932  N N   . ALA A 1 100 ? -10.207 -4.086  7.063   1.00 17.97  ? 1078 ALA A N   1 
ATOM   933  C CA  . ALA A 1 100 ? -8.744  -3.837  7.050   1.00 20.25  ? 1078 ALA A CA  1 
ATOM   934  C C   . ALA A 1 100 ? -8.038  -5.142  6.715   1.00 22.80  ? 1078 ALA A C   1 
ATOM   935  O O   . ALA A 1 100 ? -7.099  -5.135  5.804   1.00 22.61  ? 1078 ALA A O   1 
ATOM   936  C CB  . ALA A 1 100 ? -8.285  -3.238  8.400   1.00 21.28  ? 1078 ALA A CB  1 
ATOM   937  N N   . CYS A 1 101 ? -8.456  -6.252  7.329   1.00 21.28  ? 1079 CYS A N   1 
ATOM   938  C CA  . CYS A 1 101 ? -7.908  -7.581  7.077   1.00 21.98  ? 1079 CYS A CA  1 
ATOM   939  C C   . CYS A 1 101 ? -8.221  -7.999  5.626   1.00 22.44  ? 1079 CYS A C   1 
ATOM   940  O O   . CYS A 1 101 ? -7.333  -8.604  4.969   1.00 22.80  ? 1079 CYS A O   1 
ATOM   941  C CB  . CYS A 1 101 ? -8.381  -8.623  8.059   1.00 26.49  ? 1079 CYS A CB  1 
ATOM   942  S SG  . CYS A 1 101 ? -7.633  -8.386  9.703   1.00 35.14  ? 1079 CYS A SG  1 
ATOM   943  N N   . ALA A 1 102 ? -9.386  -7.680  5.145   1.00 21.63  ? 1080 ALA A N   1 
ATOM   944  C CA  . ALA A 1 102 ? -9.772  -7.999  3.739   1.00 22.57  ? 1080 ALA A CA  1 
ATOM   945  C C   . ALA A 1 102 ? -8.899  -7.199  2.744   1.00 21.40  ? 1080 ALA A C   1 
ATOM   946  O O   . ALA A 1 102 ? -8.549  -7.764  1.637   1.00 20.67  ? 1080 ALA A O   1 
ATOM   947  C CB  . ALA A 1 102 ? -11.232 -7.740  3.508   1.00 20.59  ? 1080 ALA A CB  1 
ATOM   948  N N   . LEU A 1 103 ? -8.650  -5.937  3.024   1.00 20.45  ? 1081 LEU A N   1 
ATOM   949  C CA  . LEU A 1 103 ? -7.784  -5.077  2.153   1.00 19.94  ? 1081 LEU A CA  1 
ATOM   950  C C   . LEU A 1 103 ? -6.400  -5.728  2.032   1.00 19.73  ? 1081 LEU A C   1 
ATOM   951  O O   . LEU A 1 103 ? -5.885  -5.921  0.863   1.00 19.23  ? 1081 LEU A O   1 
ATOM   952  C CB  . LEU A 1 103 ? -7.708  -3.657  2.719   1.00 20.36  ? 1081 LEU A CB  1 
ATOM   953  C CG  . LEU A 1 103 ? -6.695  -2.762  1.983   1.00 25.86  ? 1081 LEU A CG  1 
ATOM   954  C CD1 . LEU A 1 103 ? -7.216  -2.440  0.638   1.00 26.90  ? 1081 LEU A CD1 1 
ATOM   955  C CD2 . LEU A 1 103 ? -6.420  -1.518  2.759   1.00 34.44  ? 1081 LEU A CD2 1 
ATOM   956  N N   . ARG A 1 104 ? -5.786  -6.076  3.150   1.00 19.86  ? 1082 ARG A N   1 
ATOM   957  C CA  . ARG A 1 104 ? -4.457  -6.721  3.178   1.00 23.48  ? 1082 ARG A CA  1 
ATOM   958  C C   . ARG A 1 104 ? -4.427  -8.068  2.465   1.00 24.25  ? 1082 ARG A C   1 
ATOM   959  O O   . ARG A 1 104 ? -3.542  -8.289  1.583   1.00 20.57  ? 1082 ARG A O   1 
ATOM   960  C CB  . ARG A 1 104 ? -4.054  -6.846  4.639   1.00 24.85  ? 1082 ARG A CB  1 
ATOM   961  C CG  . ARG A 1 104 ? -2.724  -7.545  4.889   1.00 29.72  ? 1082 ARG A CG  1 
ATOM   962  C CD  . ARG A 1 104 ? -2.615  -8.066  6.334   1.00 39.16  ? 1082 ARG A CD  1 
ATOM   963  N NE  . ARG A 1 104 ? -3.648  -9.147  6.459   1.00 50.45  ? 1082 ARG A NE  1 
ATOM   964  C CZ  . ARG A 1 104 ? -4.188  -9.636  7.579   1.00 49.66  ? 1082 ARG A CZ  1 
ATOM   965  N NH1 . ARG A 1 104 ? -5.091  -10.594 7.494   1.00 50.92  ? 1082 ARG A NH1 1 
ATOM   966  N NH2 . ARG A 1 104 ? -3.823  -9.197  8.778   1.00 53.33  ? 1082 ARG A NH2 1 
ATOM   967  N N   . ASP A 1 105 ? -5.379  -8.959  2.742   1.00 21.21  ? 1083 ASP A N   1 
ATOM   968  C CA  . ASP A 1 105 ? -5.469  -10.264 2.058   1.00 22.92  ? 1083 ASP A CA  1 
ATOM   969  C C   . ASP A 1 105 ? -5.722  -10.128 0.541   1.00 19.71  ? 1083 ASP A C   1 
ATOM   970  O O   . ASP A 1 105 ? -5.087  -10.958 -0.242  1.00 21.11  ? 1083 ASP A O   1 
ATOM   971  C CB  . ASP A 1 105 ? -6.531  -11.141 2.696   1.00 24.60  ? 1083 ASP A CB  1 
ATOM   972  C CG  . ASP A 1 105 ? -6.261  -11.533 4.159   1.00 35.00  ? 1083 ASP A CG  1 
ATOM   973  O OD1 . ASP A 1 105 ? -5.140  -11.270 4.710   1.00 33.99  ? 1083 ASP A OD1 1 
ATOM   974  O OD2 . ASP A 1 105 ? -7.222  -12.038 4.769   1.00 36.42  ? 1083 ASP A OD2 1 
ATOM   975  N N   . THR A 1 106 ? -6.541  -9.173  0.112   1.00 19.83  ? 1084 THR A N   1 
ATOM   976  C CA  . THR A 1 106 ? -6.847  -8.923  -1.303  1.00 19.51  ? 1084 THR A CA  1 
ATOM   977  C C   . THR A 1 106 ? -5.559  -8.436  -2.027  1.00 18.53  ? 1084 THR A C   1 
ATOM   978  O O   . THR A 1 106 ? -5.224  -8.964  -3.130  1.00 19.80  ? 1084 THR A O   1 
ATOM   979  C CB  . THR A 1 106 ? -8.021  -7.957  -1.473  1.00 22.22  ? 1084 THR A CB  1 
ATOM   980  O OG1 . THR A 1 106 ? -9.221  -8.486  -0.900  1.00 22.10  ? 1084 THR A OG1 1 
ATOM   981  C CG2 . THR A 1 106 ? -8.288  -7.706  -2.947  1.00 23.70  ? 1084 THR A CG2 1 
ATOM   982  N N   . ALA A 1 107 ? -4.829  -7.483  -1.466  1.00 18.95  ? 1085 ALA A N   1 
ATOM   983  C CA  . ALA A 1 107 ? -3.571  -6.973  -2.069  1.00 19.07  ? 1085 ALA A CA  1 
ATOM   984  C C   . ALA A 1 107 ? -2.561  -8.127  -2.223  1.00 20.15  ? 1085 ALA A C   1 
ATOM   985  O O   . ALA A 1 107 ? -1.980  -8.346  -3.336  1.00 19.32  ? 1085 ALA A O   1 
ATOM   986  C CB  . ALA A 1 107 ? -2.995  -5.875  -1.190  1.00 19.16  ? 1085 ALA A CB  1 
ATOM   987  N N   . TYR A 1 108 ? -2.325  -8.903  -1.164  1.00 19.13  ? 1086 TYR A N   1 
ATOM   988  C CA  . TYR A 1 108 ? -1.419  -10.081 -1.224  1.00 21.46  ? 1086 TYR A CA  1 
ATOM   989  C C   . TYR A 1 108 ? -1.891  -11.094 -2.274  1.00 20.10  ? 1086 TYR A C   1 
ATOM   990  O O   . TYR A 1 108 ? -0.982  -11.652 -2.992  1.00 20.82  ? 1086 TYR A O   1 
ATOM   991  C CB  . TYR A 1 108 ? -1.172  -10.700 0.160   1.00 21.84  ? 1086 TYR A CB  1 
ATOM   992  C CG  . TYR A 1 108 ? -0.137  -9.998  1.017   1.00 23.93  ? 1086 TYR A CG  1 
ATOM   993  C CD1 . TYR A 1 108 ? -0.457  -8.885  1.784   1.00 26.48  ? 1086 TYR A CD1 1 
ATOM   994  C CD2 . TYR A 1 108 ? 1.194   -10.405 1.048   1.00 27.44  ? 1086 TYR A CD2 1 
ATOM   995  C CE1 . TYR A 1 108 ? 0.465   -8.261  2.634   1.00 26.28  ? 1086 TYR A CE1 1 
ATOM   996  C CE2 . TYR A 1 108 ? 2.123   -9.815  1.904   1.00 27.25  ? 1086 TYR A CE2 1 
ATOM   997  C CZ  . TYR A 1 108 ? 1.769   -8.722  2.691   1.00 27.01  ? 1086 TYR A CZ  1 
ATOM   998  O OH  . TYR A 1 108 ? 2.685   -8.069  3.497   1.00 28.22  ? 1086 TYR A OH  1 
ATOM   999  N N   . ALA A 1 109 ? -3.181  -11.376 -2.398  1.00 21.04  ? 1087 ALA A N   1 
ATOM   1000 C CA  . ALA A 1 109 ? -3.683  -12.382 -3.378  1.00 22.12  ? 1087 ALA A CA  1 
ATOM   1001 C C   . ALA A 1 109 ? -3.513  -11.904 -4.833  1.00 21.79  ? 1087 ALA A C   1 
ATOM   1002 O O   . ALA A 1 109 ? -3.141  -12.752 -5.705  1.00 22.10  ? 1087 ALA A O   1 
ATOM   1003 C CB  . ALA A 1 109 ? -5.132  -12.694 -3.115  1.00 26.33  ? 1087 ALA A CB  1 
ATOM   1004 N N   . ILE A 1 110 ? -3.745  -10.634 -5.121  1.00 21.05  ? 1088 ILE A N   1 
ATOM   1005 C CA  . ILE A 1 110 ? -3.548  -10.065 -6.498  1.00 20.92  ? 1088 ILE A CA  1 
ATOM   1006 C C   . ILE A 1 110 ? -2.069  -10.194 -6.842  1.00 21.19  ? 1088 ILE A C   1 
ATOM   1007 O O   . ILE A 1 110 ? -1.755  -10.661 -7.954  1.00 20.55  ? 1088 ILE A O   1 
ATOM   1008 C CB  . ILE A 1 110 ? -4.053  -8.612  -6.604  1.00 21.06  ? 1088 ILE A CB  1 
ATOM   1009 C CG1 . ILE A 1 110 ? -5.564  -8.516  -6.468  1.00 24.36  ? 1088 ILE A CG1 1 
ATOM   1010 C CG2 . ILE A 1 110 ? -3.568  -7.914  -7.894  1.00 21.84  ? 1088 ILE A CG2 1 
ATOM   1011 C CD1 . ILE A 1 110 ? -6.087  -7.079  -6.375  1.00 23.82  ? 1088 ILE A CD1 1 
ATOM   1012 N N   . ILE A 1 111 ? -1.171  -9.795  -5.942  1.00 20.71  ? 1089 ILE A N   1 
ATOM   1013 C CA  . ILE A 1 111 ? 0.290   -9.847  -6.167  1.00 22.51  ? 1089 ILE A CA  1 
ATOM   1014 C C   . ILE A 1 111 ? 0.729   -11.314 -6.322  1.00 26.34  ? 1089 ILE A C   1 
ATOM   1015 O O   . ILE A 1 111 ? 1.503   -11.629 -7.227  1.00 24.10  ? 1089 ILE A O   1 
ATOM   1016 C CB  . ILE A 1 111 ? 1.026   -9.042  -5.088  1.00 24.20  ? 1089 ILE A CB  1 
ATOM   1017 C CG1 . ILE A 1 111 ? 0.815   -7.539  -5.366  1.00 24.53  ? 1089 ILE A CG1 1 
ATOM   1018 C CG2 . ILE A 1 111 ? 2.476   -9.471  -4.988  1.00 27.86  ? 1089 ILE A CG2 1 
ATOM   1019 C CD1 . ILE A 1 111 ? 1.075   -6.646  -4.195  1.00 34.57  ? 1089 ILE A CD1 1 
ATOM   1020 N N   . LYS A 1 112 ? 0.217   -12.216 -5.513  1.00 23.24  ? 1090 LYS A N   1 
ATOM   1021 C CA  . LYS A 1 112 ? 0.607   -13.638 -5.691  1.00 25.40  ? 1090 LYS A CA  1 
ATOM   1022 C C   . LYS A 1 112 ? 0.252   -14.173 -7.094  1.00 25.80  ? 1090 LYS A C   1 
ATOM   1023 O O   . LYS A 1 112 ? 1.033   -14.907 -7.668  1.00 28.24  ? 1090 LYS A O   1 
ATOM   1024 C CB  . LYS A 1 112 ? -0.002  -14.499 -4.581  1.00 29.37  ? 1090 LYS A CB  1 
ATOM   1025 C CG  . LYS A 1 112 ? 0.532   -15.931 -4.602  1.00 38.80  ? 1090 LYS A CG  1 
ATOM   1026 C CD  . LYS A 1 112 ? -0.108  -16.841 -3.595  1.00 51.03  ? 1090 LYS A CD  1 
ATOM   1027 C CE  . LYS A 1 112 ? 0.659   -18.154 -3.463  1.00 59.05  ? 1090 LYS A CE  1 
ATOM   1028 N NZ  . LYS A 1 112 ? -0.149  -19.142 -2.721  1.00 71.57  ? 1090 LYS A NZ  1 
ATOM   1029 N N   . GLU A 1 113 ? -0.886  -13.756 -7.643  0.34 24.64  ? 1091 GLU A N   1 
ATOM   1030 C CA  . GLU A 1 113 ? -1.436  -14.301 -8.914  0.34 24.80  ? 1091 GLU A CA  1 
ATOM   1031 C C   . GLU A 1 113 ? -0.914  -13.519 -10.132 0.34 23.59  ? 1091 GLU A C   1 
ATOM   1032 O O   . GLU A 1 113 ? -0.998  -14.077 -11.254 0.34 22.69  ? 1091 GLU A O   1 
ATOM   1033 C CB  . GLU A 1 113 ? -2.963  -14.290 -8.840  0.34 27.49  ? 1091 GLU A CB  1 
ATOM   1034 C CG  . GLU A 1 113 ? -3.656  -14.438 -10.181 0.34 30.33  ? 1091 GLU A CG  1 
ATOM   1035 C CD  . GLU A 1 113 ? -5.158  -14.651 -10.098 0.34 34.62  ? 1091 GLU A CD  1 
ATOM   1036 O OE1 . GLU A 1 113 ? -5.884  -14.006 -10.883 0.34 39.95  ? 1091 GLU A OE1 1 
ATOM   1037 O OE2 . GLU A 1 113 ? -5.602  -15.467 -9.261  0.34 41.54  ? 1091 GLU A OE2 1 
ATOM   1038 N N   . GLU A 1 114 ? -0.457  -12.272 -9.956  1.00 20.47  ? 1092 GLU A N   1 
ATOM   1039 C CA  . GLU A 1 114 ? -0.100  -11.405 -11.120 1.00 22.52  ? 1092 GLU A CA  1 
ATOM   1040 C C   . GLU A 1 114 ? 1.335   -10.882 -11.232 1.00 22.34  ? 1092 GLU A C   1 
ATOM   1041 O O   . GLU A 1 114 ? 1.707   -10.383 -12.301 1.00 22.69  ? 1092 GLU A O   1 
ATOM   1042 C CB  . GLU A 1 114 ? -1.061  -10.215 -11.231 1.00 21.75  ? 1092 GLU A CB  1 
ATOM   1043 C CG  . GLU A 1 114 ? -2.525  -10.657 -11.365 1.00 23.57  ? 1092 GLU A CG  1 
ATOM   1044 C CD  . GLU A 1 114 ? -3.583  -9.571  -11.388 1.00 27.72  ? 1092 GLU A CD  1 
ATOM   1045 O OE1 . GLU A 1 114 ? -3.258  -8.406  -11.778 1.00 26.69  ? 1092 GLU A OE1 1 
ATOM   1046 O OE2 . GLU A 1 114 ? -4.773  -9.879  -11.047 1.00 25.44  ? 1092 GLU A OE2 1 
ATOM   1047 N N   . LEU A 1 115 ? 2.150   -11.039 -10.196 0.34 23.19  ? 1093 LEU A N   1 
ATOM   1048 C CA  . LEU A 1 115 ? 3.581   -10.641 -10.245 0.34 24.37  ? 1093 LEU A CA  1 
ATOM   1049 C C   . LEU A 1 115 ? 4.432   -11.889 -10.507 0.34 25.23  ? 1093 LEU A C   1 
ATOM   1050 O O   . LEU A 1 115 ? 4.239   -12.888 -9.794  0.34 25.24  ? 1093 LEU A O   1 
ATOM   1051 C CB  . LEU A 1 115 ? 3.923   -9.967  -8.914  0.34 25.52  ? 1093 LEU A CB  1 
ATOM   1052 C CG  . LEU A 1 115 ? 5.386   -9.584  -8.705  0.34 27.14  ? 1093 LEU A CG  1 
ATOM   1053 C CD1 . LEU A 1 115 ? 5.661   -8.187  -9.230  0.34 27.44  ? 1093 LEU A CD1 1 
ATOM   1054 C CD2 . LEU A 1 115 ? 5.752   -9.692  -7.229  0.34 27.89  ? 1093 LEU A CD2 1 
ATOM   1055 N N   . ASP A 1 116 ? 5.316   -11.870 -11.508 0.34 25.38  ? 1094 ASP A N   1 
ATOM   1056 C CA  . ASP A 1 116 ? 6.306   -12.968 -11.681 0.34 25.89  ? 1094 ASP A CA  1 
ATOM   1057 C C   . ASP A 1 116 ? 7.401   -12.763 -10.635 0.34 25.23  ? 1094 ASP A C   1 
ATOM   1058 O O   . ASP A 1 116 ? 7.831   -11.610 -10.447 0.34 24.49  ? 1094 ASP A O   1 
ATOM   1059 C CB  . ASP A 1 116 ? 6.878   -13.063 -13.097 0.34 26.86  ? 1094 ASP A CB  1 
ATOM   1060 C CG  . ASP A 1 116 ? 7.564   -14.398 -13.357 0.34 27.37  ? 1094 ASP A CG  1 
ATOM   1061 O OD1 . ASP A 1 116 ? 8.515   -14.730 -12.619 0.34 28.79  ? 1094 ASP A OD1 1 
ATOM   1062 O OD2 . ASP A 1 116 ? 7.127   -15.109 -14.274 0.34 29.28  ? 1094 ASP A OD2 1 
ATOM   1063 N N   A GLU A 1 117 ? 7.837   -13.839 -9.983  0.09 25.99  ? 1095 GLU A N   1 
ATOM   1064 N N   B GLU A 1 117 ? 7.806   -13.889 -10.015 0.16 24.52  ? 1095 GLU A N   1 
ATOM   1065 N N   C GLU A 1 117 ? 7.837   -13.839 -9.983  0.09 25.99  ? 1095 GLU A N   1 
ATOM   1066 C CA  A GLU A 1 117 ? 8.847   -13.775 -8.895  0.09 27.16  ? 1095 GLU A CA  1 
ATOM   1067 C CA  B GLU A 1 117 ? 8.851   -13.977 -8.953  0.16 25.48  ? 1095 GLU A CA  1 
ATOM   1068 C CA  C GLU A 1 117 ? 8.847   -13.775 -8.895  0.09 27.16  ? 1095 GLU A CA  1 
ATOM   1069 C C   A GLU A 1 117 ? 10.187  -13.298 -9.470  0.09 24.67  ? 1095 GLU A C   1 
ATOM   1070 C C   B GLU A 1 117 ? 10.166  -13.369 -9.469  0.16 23.40  ? 1095 GLU A C   1 
ATOM   1071 C C   C GLU A 1 117 ? 10.187  -13.298 -9.470  0.09 24.67  ? 1095 GLU A C   1 
ATOM   1072 O O   A GLU A 1 117 ? 10.981  -12.729 -8.693  0.09 23.50  ? 1095 GLU A O   1 
ATOM   1073 O O   B GLU A 1 117 ? 10.913  -12.798 -8.653  0.16 21.95  ? 1095 GLU A O   1 
ATOM   1074 O O   C GLU A 1 117 ? 10.981  -12.729 -8.693  0.09 23.50  ? 1095 GLU A O   1 
ATOM   1075 C CB  A GLU A 1 117 ? 8.978   -15.130 -8.200  0.09 30.04  ? 1095 GLU A CB  1 
ATOM   1076 C CB  B GLU A 1 117 ? 9.063   -15.428 -8.477  0.16 26.85  ? 1095 GLU A CB  1 
ATOM   1077 C CB  C GLU A 1 117 ? 8.978   -15.130 -8.199  0.09 30.04  ? 1095 GLU A CB  1 
ATOM   1078 C CG  A GLU A 1 117 ? 7.757   -15.502 -7.375  0.09 32.88  ? 1095 GLU A CG  1 
ATOM   1079 C CG  B GLU A 1 117 ? 8.461   -16.499 -9.380  0.16 28.32  ? 1095 GLU A CG  1 
ATOM   1080 C CG  C GLU A 1 117 ? 7.757   -15.502 -7.375  0.09 32.88  ? 1095 GLU A CG  1 
ATOM   1081 C CD  A GLU A 1 117 ? 7.853   -16.836 -6.652  0.09 35.30  ? 1095 GLU A CD  1 
ATOM   1082 C CD  B GLU A 1 117 ? 8.985   -17.924 -9.245  0.16 29.66  ? 1095 GLU A CD  1 
ATOM   1083 C CD  C GLU A 1 117 ? 7.853   -16.836 -6.652  0.09 35.30  ? 1095 GLU A CD  1 
ATOM   1084 O OE1 A GLU A 1 117 ? 8.987   -17.246 -6.311  0.09 36.16  ? 1095 GLU A OE1 1 
ATOM   1085 O OE1 B GLU A 1 117 ? 8.872   -18.510 -8.147  0.16 30.69  ? 1095 GLU A OE1 1 
ATOM   1086 O OE1 C GLU A 1 117 ? 8.987   -17.246 -6.311  0.09 36.16  ? 1095 GLU A OE1 1 
ATOM   1087 O OE2 A GLU A 1 117 ? 6.794   -17.468 -6.437  0.09 38.66  ? 1095 GLU A OE2 1 
ATOM   1088 O OE2 B GLU A 1 117 ? 9.495   -18.453 -10.254 0.16 29.81  ? 1095 GLU A OE2 1 
ATOM   1089 O OE2 C GLU A 1 117 ? 6.794   -17.468 -6.437  0.09 38.66  ? 1095 GLU A OE2 1 
ATOM   1090 N N   . ASP A 1 118 ? 10.430  -13.501 -10.772 1.00 22.76  ? 1096 ASP A N   1 
ATOM   1091 C CA  . ASP A 1 118 ? 11.712  -13.042 -11.395 1.00 22.84  ? 1096 ASP A CA  1 
ATOM   1092 C C   . ASP A 1 118 ? 11.707  -11.511 -11.621 1.00 21.41  ? 1096 ASP A C   1 
ATOM   1093 O O   . ASP A 1 118 ? 12.788  -10.887 -11.601 1.00 20.49  ? 1096 ASP A O   1 
ATOM   1094 C CB  . ASP A 1 118 ? 12.029  -13.868 -12.647 1.00 24.32  ? 1096 ASP A CB  1 
ATOM   1095 C CG  . ASP A 1 118 ? 12.398  -15.328 -12.339 1.00 29.23  ? 1096 ASP A CG  1 
ATOM   1096 O OD1 . ASP A 1 118 ? 12.851  -15.627 -11.228 1.00 31.12  ? 1096 ASP A OD1 1 
ATOM   1097 O OD2 . ASP A 1 118 ? 12.150  -16.126 -13.186 1.00 34.37  ? 1096 ASP A OD2 1 
ATOM   1098 N N   . PHE A 1 119 ? 10.547  -10.875 -11.872 1.00 18.93  ? 1097 PHE A N   1 
ATOM   1099 C CA  . PHE A 1 119 ? 10.438  -9.407  -12.010 1.00 20.10  ? 1097 PHE A CA  1 
ATOM   1100 C C   . PHE A 1 119 ? 10.753  -8.795  -10.628 1.00 20.24  ? 1097 PHE A C   1 
ATOM   1101 O O   . PHE A 1 119 ? 11.558  -7.840  -10.550 1.00 20.33  ? 1097 PHE A O   1 
ATOM   1102 C CB  . PHE A 1 119 ? 9.076   -9.044  -12.632 1.00 21.33  ? 1097 PHE A CB  1 
ATOM   1103 C CG  . PHE A 1 119 ? 8.907   -7.549  -12.806 1.00 19.58  ? 1097 PHE A CG  1 
ATOM   1104 C CD1 . PHE A 1 119 ? 9.383   -6.929  -13.947 1.00 21.54  ? 1097 PHE A CD1 1 
ATOM   1105 C CD2 . PHE A 1 119 ? 8.483   -6.756  -11.753 1.00 21.10  ? 1097 PHE A CD2 1 
ATOM   1106 C CE1 . PHE A 1 119 ? 9.348   -5.550  -14.078 1.00 22.87  ? 1097 PHE A CE1 1 
ATOM   1107 C CE2 . PHE A 1 119 ? 8.364   -5.388  -11.907 1.00 21.67  ? 1097 PHE A CE2 1 
ATOM   1108 C CZ  . PHE A 1 119 ? 8.849   -4.790  -13.047 1.00 20.16  ? 1097 PHE A CZ  1 
ATOM   1109 N N   . GLU A 1 120 ? 10.148  -9.284  -9.569  1.00 18.91  ? 1098 GLU A N   1 
ATOM   1110 C CA  . GLU A 1 120 ? 10.433  -8.734  -8.218  1.00 21.89  ? 1098 GLU A CA  1 
ATOM   1111 C C   . GLU A 1 120 ? 11.921  -8.939  -7.864  1.00 24.07  ? 1098 GLU A C   1 
ATOM   1112 O O   . GLU A 1 120 ? 12.491  -8.021  -7.294  1.00 22.99  ? 1098 GLU A O   1 
ATOM   1113 C CB  . GLU A 1 120 ? 9.542   -9.418  -7.188  1.00 24.44  ? 1098 GLU A CB  1 
ATOM   1114 C CG  . GLU A 1 120 ? 9.794   -8.996  -5.744  1.00 24.73  ? 1098 GLU A CG  1 
ATOM   1115 C CD  . GLU A 1 120 ? 9.689   -7.515  -5.325  1.00 30.72  ? 1098 GLU A CD  1 
ATOM   1116 O OE1 . GLU A 1 120 ? 9.273   -6.715  -6.169  1.00 32.98  ? 1098 GLU A OE1 1 
ATOM   1117 O OE2 . GLU A 1 120 ? 10.029  -7.140  -4.092  1.00 29.41  ? 1098 GLU A OE2 1 
ATOM   1118 N N   . GLN A 1 121 ? 12.517  -10.114 -8.158  1.00 21.84  ? 1099 GLN A N   1 
ATOM   1119 C CA  . GLN A 1 121 ? 13.966  -10.364 -7.855  1.00 21.01  ? 1099 GLN A CA  1 
ATOM   1120 C C   . GLN A 1 121 ? 14.835  -9.355  -8.604  1.00 20.38  ? 1099 GLN A C   1 
ATOM   1121 O O   . GLN A 1 121 ? 15.753  -8.802  -7.988  1.00 22.26  ? 1099 GLN A O   1 
ATOM   1122 C CB  . GLN A 1 121 ? 14.322  -11.834 -8.173  1.00 23.51  ? 1099 GLN A CB  1 
ATOM   1123 C CG  . GLN A 1 121 ? 15.766  -12.162 -7.788  1.00 27.48  ? 1099 GLN A CG  1 
ATOM   1124 C CD  . GLN A 1 121 ? 15.909  -12.137 -6.294  1.00 34.48  ? 1099 GLN A CD  1 
ATOM   1125 O OE1 . GLN A 1 121 ? 14.967  -12.474 -5.604  1.00 36.49  ? 1099 GLN A OE1 1 
ATOM   1126 N NE2 . GLN A 1 121 ? 17.055  -11.679 -5.797  1.00 31.35  ? 1099 GLN A NE2 1 
ATOM   1127 N N   . LEU A 1 122 ? 14.531  -9.029  -9.884  1.00 20.70  ? 1100 LEU A N   1 
ATOM   1128 C CA  . LEU A 1 122 ? 15.238  -7.989  -10.661 1.00 21.20  ? 1100 LEU A CA  1 
ATOM   1129 C C   . LEU A 1 122 ? 15.143  -6.613  -9.992  1.00 26.11  ? 1100 LEU A C   1 
ATOM   1130 O O   . LEU A 1 122 ? 16.208  -5.953  -9.809  1.00 21.20  ? 1100 LEU A O   1 
ATOM   1131 C CB  . LEU A 1 122 ? 14.718  -7.916  -12.105 1.00 21.04  ? 1100 LEU A CB  1 
ATOM   1132 C CG  . LEU A 1 122 ? 15.399  -6.890  -12.988 1.00 22.09  ? 1100 LEU A CG  1 
ATOM   1133 C CD1 . LEU A 1 122 ? 16.929  -7.054  -13.031 1.00 27.05  ? 1100 LEU A CD1 1 
ATOM   1134 C CD2 . LEU A 1 122 ? 14.792  -6.916  -14.394 1.00 25.96  ? 1100 LEU A CD2 1 
ATOM   1135 N N   . CYS A 1 123 ? 13.945  -6.192  -9.539  1.00 21.40  ? 1101 CYS A N   1 
ATOM   1136 C CA  . CYS A 1 123 ? 13.788  -4.874  -8.840  1.00 20.84  ? 1101 CYS A CA  1 
ATOM   1137 C C   . CYS A 1 123 ? 14.676  -4.871  -7.577  1.00 20.20  ? 1101 CYS A C   1 
ATOM   1138 O O   . CYS A 1 123 ? 15.324  -3.811  -7.348  1.00 21.76  ? 1101 CYS A O   1 
ATOM   1139 C CB  . CYS A 1 123 ? 12.327  -4.603  -8.458  1.00 20.86  ? 1101 CYS A CB  1 
ATOM   1140 S SG  . CYS A 1 123 ? 11.290  -4.343  -9.925  1.00 23.16  ? 1101 CYS A SG  1 
ATOM   1141 N N   . GLU A 1 124 ? 14.703  -5.954  -6.812  1.00 21.83  ? 1102 GLU A N   1 
ATOM   1142 C CA  . GLU A 1 124 ? 15.452  -5.996  -5.534  1.00 24.56  ? 1102 GLU A CA  1 
ATOM   1143 C C   . GLU A 1 124 ? 16.975  -5.891  -5.840  1.00 28.99  ? 1102 GLU A C   1 
ATOM   1144 O O   . GLU A 1 124 ? 17.716  -5.197  -5.083  1.00 26.49  ? 1102 GLU A O   1 
ATOM   1145 C CB  . GLU A 1 124 ? 15.101  -7.257  -4.752  1.00 26.17  ? 1102 GLU A CB  1 
ATOM   1146 C CG  . GLU A 1 124 ? 13.674  -7.261  -4.177  1.00 36.66  ? 1102 GLU A CG  1 
ATOM   1147 C CD  . GLU A 1 124 ? 13.235  -8.488  -3.366  1.00 46.74  ? 1102 GLU A CD  1 
ATOM   1148 O OE1 . GLU A 1 124 ? 14.131  -9.218  -2.949  1.00 53.60  ? 1102 GLU A OE1 1 
ATOM   1149 O OE2 . GLU A 1 124 ? 11.955  -8.708  -3.121  1.00 46.15  ? 1102 GLU A OE2 1 
ATOM   1150 N N   . GLU A 1 125 ? 17.465  -6.503  -6.931  1.00 25.74  ? 1103 GLU A N   1 
ATOM   1151 C CA  . GLU A 1 125 ? 18.912  -6.504  -7.336  1.00 26.60  ? 1103 GLU A CA  1 
ATOM   1152 C C   . GLU A 1 125 ? 19.325  -5.128  -7.848  1.00 30.59  ? 1103 GLU A C   1 
ATOM   1153 O O   . GLU A 1 125 ? 20.406  -4.662  -7.393  1.00 34.53  ? 1103 GLU A O   1 
ATOM   1154 C CB  . GLU A 1 125 ? 19.233  -7.701  -8.268  1.00 24.51  ? 1103 GLU A CB  1 
ATOM   1155 C CG  . GLU A 1 125 ? 19.199  -9.019  -7.503  1.00 26.25  ? 1103 GLU A CG  1 
ATOM   1156 C CD  . GLU A 1 125 ? 19.570  -10.356 -8.186  1.00 27.67  ? 1103 GLU A CD  1 
ATOM   1157 O OE1 . GLU A 1 125 ? 20.033  -10.285 -9.332  1.00 30.22  ? 1103 GLU A OE1 1 
ATOM   1158 O OE2 . GLU A 1 125 ? 19.325  -11.449 -7.578  1.00 30.50  ? 1103 GLU A OE2 1 
ATOM   1159 N N   . ILE A 1 126 ? 18.492  -4.403  -8.620  1.00 25.69  ? 1104 ILE A N   1 
ATOM   1160 C CA  . ILE A 1 126 ? 18.798  -3.029  -9.036  1.00 27.49  ? 1104 ILE A CA  1 
ATOM   1161 C C   . ILE A 1 126 ? 18.821  -2.158  -7.760  1.00 34.44  ? 1104 ILE A C   1 
ATOM   1162 O O   . ILE A 1 126 ? 19.776  -1.388  -7.602  1.00 33.73  ? 1104 ILE A O   1 
ATOM   1163 C CB  . ILE A 1 126 ? 17.807  -2.499  -10.070 1.00 28.13  ? 1104 ILE A CB  1 
ATOM   1164 C CG1 . ILE A 1 126 ? 17.711  -3.400  -11.302 1.00 27.88  ? 1104 ILE A CG1 1 
ATOM   1165 C CG2 . ILE A 1 126 ? 18.141  -1.063  -10.446 1.00 29.39  ? 1104 ILE A CG2 1 
ATOM   1166 C CD1 . ILE A 1 126 ? 16.528  -3.065  -12.162 1.00 28.51  ? 1104 ILE A CD1 1 
ATOM   1167 N N   . GLN A 1 127 ? 17.817  -2.270  -6.876  1.00 33.09  ? 1105 GLN A N   1 
ATOM   1168 C CA  . GLN A 1 127 ? 17.718  -1.470  -5.598  1.00 37.57  ? 1105 GLN A CA  1 
ATOM   1169 C C   . GLN A 1 127 ? 19.019  -1.629  -4.760  1.00 39.99  ? 1105 GLN A C   1 
ATOM   1170 O O   . GLN A 1 127 ? 19.626  -0.603  -4.369  1.00 39.89  ? 1105 GLN A O   1 
ATOM   1171 C CB  . GLN A 1 127 ? 16.481  -1.831  -4.755  1.00 36.98  ? 1105 GLN A CB  1 
ATOM   1172 C CG  . GLN A 1 127 ? 16.368  -1.023  -3.446  1.00 42.25  ? 1105 GLN A CG  1 
ATOM   1173 C CD  . GLN A 1 127 ? 15.256  -1.518  -2.543  1.00 49.28  ? 1105 GLN A CD  1 
ATOM   1174 O OE1 . GLN A 1 127 ? 15.202  -2.700  -2.210  1.00 50.72  ? 1105 GLN A OE1 1 
ATOM   1175 N NE2 . GLN A 1 127 ? 14.349  -0.632  -2.137  1.00 48.02  ? 1105 GLN A NE2 1 
ATOM   1176 N N   A GLU A 1 128 ? 19.414  -2.876  -4.484  0.15 41.73  ? 1106 GLU A N   1 
ATOM   1177 N N   B GLU A 1 128 ? 19.438  -2.876  -4.524  0.20 39.31  ? 1106 GLU A N   1 
ATOM   1178 N N   C GLU A 1 128 ? 19.414  -2.876  -4.484  0.15 41.73  ? 1106 GLU A N   1 
ATOM   1179 C CA  A GLU A 1 128 ? 20.641  -3.233  -3.716  0.15 44.57  ? 1106 GLU A CA  1 
ATOM   1180 C CA  B GLU A 1 128 ? 20.633  -3.240  -3.710  0.20 40.77  ? 1106 GLU A CA  1 
ATOM   1181 C CA  C GLU A 1 128 ? 20.641  -3.233  -3.716  0.15 44.57  ? 1106 GLU A CA  1 
ATOM   1182 C C   A GLU A 1 128 ? 21.876  -2.598  -4.371  0.15 47.69  ? 1106 GLU A C   1 
ATOM   1183 C C   B GLU A 1 128 ? 21.929  -2.752  -4.376  0.20 46.20  ? 1106 GLU A C   1 
ATOM   1184 C C   C GLU A 1 128 ? 21.876  -2.598  -4.371  0.15 47.69  ? 1106 GLU A C   1 
ATOM   1185 O O   A GLU A 1 128 ? 22.753  -2.096  -3.630  0.15 48.21  ? 1106 GLU A O   1 
ATOM   1186 O O   B GLU A 1 128 ? 22.932  -2.577  -3.641  0.20 47.64  ? 1106 GLU A O   1 
ATOM   1187 O O   C GLU A 1 128 ? 22.753  -2.096  -3.630  0.15 48.21  ? 1106 GLU A O   1 
ATOM   1188 C CB  A GLU A 1 128 ? 20.783  -4.754  -3.629  0.15 47.25  ? 1106 GLU A CB  1 
ATOM   1189 C CB  B GLU A 1 128 ? 20.698  -4.751  -3.492  0.20 40.73  ? 1106 GLU A CB  1 
ATOM   1190 C CB  C GLU A 1 128 ? 20.783  -4.754  -3.629  0.15 47.25  ? 1106 GLU A CB  1 
ATOM   1191 C CG  A GLU A 1 128 ? 20.210  -5.336  -2.350  0.15 50.94  ? 1106 GLU A CG  1 
ATOM   1192 C CG  B GLU A 1 128 ? 21.978  -5.203  -2.809  0.20 42.71  ? 1106 GLU A CG  1 
ATOM   1193 C CG  C GLU A 1 128 ? 20.210  -5.336  -2.350  0.15 50.94  ? 1106 GLU A CG  1 
ATOM   1194 C CD  A GLU A 1 128 ? 19.434  -6.631  -2.528  0.15 55.67  ? 1106 GLU A CD  1 
ATOM   1195 C CD  B GLU A 1 128 ? 22.202  -4.614  -1.427  0.20 42.92  ? 1106 GLU A CD  1 
ATOM   1196 C CD  C GLU A 1 128 ? 19.434  -6.631  -2.528  0.15 55.67  ? 1106 GLU A CD  1 
ATOM   1197 O OE1 A GLU A 1 128 ? 19.755  -7.393  -3.467  0.15 57.81  ? 1106 GLU A OE1 1 
ATOM   1198 O OE1 B GLU A 1 128 ? 23.376  -4.500  -1.016  0.20 46.17  ? 1106 GLU A OE1 1 
ATOM   1199 O OE1 C GLU A 1 128 ? 19.755  -7.393  -3.467  0.15 57.81  ? 1106 GLU A OE1 1 
ATOM   1200 O OE2 A GLU A 1 128 ? 18.498  -6.867  -1.736  0.15 57.21  ? 1106 GLU A OE2 1 
ATOM   1201 O OE2 B GLU A 1 128 ? 21.206  -4.283  -0.760  0.20 39.92  ? 1106 GLU A OE2 1 
ATOM   1202 O OE2 C GLU A 1 128 ? 18.498  -6.867  -1.736  0.15 57.21  ? 1106 GLU A OE2 1 
ATOM   1203 N N   . SER A 1 129 ? 21.929  -2.591  -5.705  1.00 46.84  ? 1107 SER A N   1 
ATOM   1204 C CA  . SER A 1 129 ? 23.077  -2.042  -6.479  1.00 50.91  ? 1107 SER A CA  1 
ATOM   1205 C C   . SER A 1 129 ? 23.184  -0.516  -6.356  1.00 56.49  ? 1107 SER A C   1 
ATOM   1206 O O   . SER A 1 129 ? 24.182  -0.006  -6.840  1.00 55.04  ? 1107 SER A O   1 
ATOM   1207 C CB  . SER A 1 129 ? 22.972  -2.401  -7.947  1.00 46.20  ? 1107 SER A CB  1 
ATOM   1208 O OG  . SER A 1 129 ? 22.227  -1.390  -8.627  1.00 46.36  ? 1107 SER A OG  1 
ATOM   1209 N N   . ARG A 1 130 ? 22.177  0.203   -5.850  1.00 58.00  ? 1108 ARG A N   1 
ATOM   1210 C CA  . ARG A 1 130 ? 22.213  1.690   -5.765  1.00 71.76  ? 1108 ARG A CA  1 
ATOM   1211 C C   . ARG A 1 130 ? 22.783  2.089   -4.394  1.00 84.60  ? 1108 ARG A C   1 
ATOM   1212 O O   . ARG A 1 130 ? 22.740  1.341   -3.398  1.00 91.48  ? 1108 ARG A O   1 
ATOM   1213 C CB  . ARG A 1 130 ? 20.831  2.296   -6.044  1.00 68.61  ? 1108 ARG A CB  1 
ATOM   1214 C CG  . ARG A 1 130 ? 20.210  1.767   -7.329  1.00 71.67  ? 1108 ARG A CG  1 
ATOM   1215 C CD  . ARG A 1 130 ? 19.407  2.760   -8.146  1.00 73.74  ? 1108 ARG A CD  1 
ATOM   1216 N NE  . ARG A 1 130 ? 19.492  2.466   -9.584  1.00 68.48  ? 1108 ARG A NE  1 
ATOM   1217 C CZ  . ARG A 1 130 ? 18.674  2.955   -10.522 1.00 67.26  ? 1108 ARG A CZ  1 
ATOM   1218 N NH1 . ARG A 1 130 ? 17.698  3.790   -10.184 1.00 83.04  ? 1108 ARG A NH1 1 
ATOM   1219 N NH2 . ARG A 1 130 ? 18.844  2.623   -11.797 1.00 58.58  ? 1108 ARG A NH2 1 
ATOM   1220 O OXT . ARG A 1 130 ? 23.319  3.198   -4.286  1.00 100.23 ? 1108 ARG A OXT 1 
HETATM 1221 N N1  . RKJ B 2 .   ? 2.689   -14.111 -14.313 0.34 26.74  ? 1201 RKJ A N1  1 
HETATM 1222 N N3  . RKJ B 2 .   ? -1.384  -12.124 -14.558 0.34 23.85  ? 1201 RKJ A N3  1 
HETATM 1223 C C4  . RKJ B 2 .   ? 2.122   -15.021 -16.386 0.34 28.19  ? 1201 RKJ A C4  1 
HETATM 1224 C C5  . RKJ B 2 .   ? 3.172   -16.025 -16.865 0.34 28.57  ? 1201 RKJ A C5  1 
HETATM 1225 C C6  . RKJ B 2 .   ? 2.724   -16.591 -14.608 0.34 28.67  ? 1201 RKJ A C6  1 
HETATM 1226 C C7  . RKJ B 2 .   ? 1.968   -15.280 -14.857 0.34 27.00  ? 1201 RKJ A C7  1 
HETATM 1227 C C8  . RKJ B 2 .   ? 0.496   -15.304 -14.347 0.34 26.38  ? 1201 RKJ A C8  1 
HETATM 1228 C C10 . RKJ B 2 .   ? 0.715   -12.863 -14.842 0.34 24.65  ? 1201 RKJ A C10 1 
HETATM 1229 C C13 . RKJ B 2 .   ? 4.498   -17.813 -15.820 0.34 31.76  ? 1201 RKJ A C13 1 
HETATM 1230 C C1  . RKJ B 2 .   ? 2.791   -13.862 -12.870 0.34 26.50  ? 1201 RKJ A C1  1 
HETATM 1231 C C11 . RKJ B 2 .   ? -1.391  -13.408 -14.324 0.34 24.94  ? 1201 RKJ A C11 1 
HETATM 1232 C C12 . RKJ B 2 .   ? -2.636  -14.138 -13.947 0.34 24.00  ? 1201 RKJ A C12 1 
HETATM 1233 C C14 . RKJ B 2 .   ? 4.596   -18.690 -14.588 0.34 32.77  ? 1201 RKJ A C14 1 
HETATM 1234 C C2  . RKJ B 2 .   ? 2.193   -12.982 -15.118 0.34 26.60  ? 1201 RKJ A C2  1 
HETATM 1235 C C3  . RKJ B 2 .   ? 2.554   -13.537 -16.499 0.34 27.34  ? 1201 RKJ A C3  1 
HETATM 1236 C C9  . RKJ B 2 .   ? -0.086  -13.923 -14.500 0.34 24.40  ? 1201 RKJ A C9  1 
HETATM 1237 N N2  . RKJ B 2 .   ? 3.774   -16.562 -15.633 0.34 29.92  ? 1201 RKJ A N2  1 
HETATM 1238 O O1  . RKJ B 2 .   ? -0.217  -16.312 -15.068 0.34 26.39  ? 1201 RKJ A O1  1 
HETATM 1239 O O2  . RKJ B 2 .   ? -0.046  -11.747 -14.902 0.34 25.37  ? 1201 RKJ A O2  1 
HETATM 1240 N N1  . RKJ C 2 .   ? -12.717 6.984   12.192  0.39 42.33  ? 1202 RKJ A N1  1 
HETATM 1241 N N3  . RKJ C 2 .   ? -9.539  4.440   10.233  0.39 39.91  ? 1202 RKJ A N3  1 
HETATM 1242 C C4  . RKJ C 2 .   ? -14.279 5.508   11.270  0.39 41.93  ? 1202 RKJ A C4  1 
HETATM 1243 C C5  . RKJ C 2 .   ? -15.708 5.982   11.531  0.39 43.15  ? 1202 RKJ A C5  1 
HETATM 1244 C C6  . RKJ C 2 .   ? -14.513 7.884   10.708  0.39 42.93  ? 1202 RKJ A C6  1 
HETATM 1245 C C7  . RKJ C 2 .   ? -13.460 6.791   10.938  0.39 42.44  ? 1202 RKJ A C7  1 
HETATM 1246 C C8  . RKJ C 2 .   ? -12.461 6.643   9.755   0.39 41.64  ? 1202 RKJ A C8  1 
HETATM 1247 C C10 . RKJ C 2 .   ? -11.240 5.270   11.441  0.39 39.80  ? 1202 RKJ A C10 1 
HETATM 1248 C C13 . RKJ C 2 .   ? -16.907 8.101   11.221  0.39 43.59  ? 1202 RKJ A C13 1 
HETATM 1249 C C1  . RKJ C 2 .   ? -11.714 8.045   12.323  0.39 42.05  ? 1202 RKJ A C1  1 
HETATM 1250 C C11 . RKJ C 2 .   ? -10.248 5.190   9.435   0.39 39.45  ? 1202 RKJ A C11 1 
HETATM 1251 C C12 . RKJ C 2 .   ? -9.900  5.391   8.000   0.39 37.48  ? 1202 RKJ A C12 1 
HETATM 1252 C C14 . RKJ C 2 .   ? -16.791 9.562   10.857  0.39 43.33  ? 1202 RKJ A C14 1 
HETATM 1253 C C2  . RKJ C 2 .   ? -12.227 5.635   12.523  0.39 40.72  ? 1202 RKJ A C2  1 
HETATM 1254 C C3  . RKJ C 2 .   ? -13.566 4.889   12.498  0.39 41.69  ? 1202 RKJ A C3  1 
HETATM 1255 C C9  . RKJ C 2 .   ? -11.338 5.729   10.153  0.39 40.15  ? 1202 RKJ A C9  1 
HETATM 1256 N N2  . RKJ C 2 .   ? -15.640 7.455   11.543  0.39 43.03  ? 1202 RKJ A N2  1 
HETATM 1257 O O1  . RKJ C 2 .   ? -13.162 6.117   8.640   0.39 45.97  ? 1202 RKJ A O1  1 
HETATM 1258 O O2  . RKJ C 2 .   ? -10.147 4.482   11.529  0.39 38.75  ? 1202 RKJ A O2  1 
HETATM 1259 S S   . SO4 D 3 .   ? -18.084 -10.723 23.228  1.00 36.92  ? 1203 SO4 A S   1 
HETATM 1260 O O1  . SO4 D 3 .   ? -18.929 -10.584 24.352  1.00 38.39  ? 1203 SO4 A O1  1 
HETATM 1261 O O2  . SO4 D 3 .   ? -17.455 -9.448  23.011  1.00 34.68  ? 1203 SO4 A O2  1 
HETATM 1262 O O3  . SO4 D 3 .   ? -17.179 -11.754 23.453  1.00 30.27  ? 1203 SO4 A O3  1 
HETATM 1263 O O4  . SO4 D 3 .   ? -18.809 -11.002 21.990  1.00 49.23  ? 1203 SO4 A O4  1 
HETATM 1264 S S   . SO4 E 3 .   ? 8.398   9.320   3.485   0.30 136.22 ? 1204 SO4 A S   1 
HETATM 1265 O O1  . SO4 E 3 .   ? 9.728   9.772   3.795   0.30 137.70 ? 1204 SO4 A O1  1 
HETATM 1266 O O2  . SO4 E 3 .   ? 7.603   9.325   4.682   0.30 135.11 ? 1204 SO4 A O2  1 
HETATM 1267 O O3  . SO4 E 3 .   ? 8.457   7.985   2.953   0.30 137.37 ? 1204 SO4 A O3  1 
HETATM 1268 O O4  . SO4 E 3 .   ? 7.807   10.195  2.507   0.30 136.07 ? 1204 SO4 A O4  1 
HETATM 1269 C C1  . EDO F 4 .   ? 4.599   -7.903  -12.876 1.00 44.19  ? 1205 EDO A C1  1 
HETATM 1270 O O1  . EDO F 4 .   ? 5.144   -9.142  -13.327 1.00 38.12  ? 1205 EDO A O1  1 
HETATM 1271 C C2  . EDO F 4 .   ? 5.158   -6.645  -13.506 1.00 36.19  ? 1205 EDO A C2  1 
HETATM 1272 O O2  . EDO F 4 .   ? 4.550   -6.431  -14.791 1.00 34.00  ? 1205 EDO A O2  1 
HETATM 1273 C C1  . EDO G 4 .   ? 2.292   11.453  -0.278  1.00 49.01  ? 1206 EDO A C1  1 
HETATM 1274 O O1  . EDO G 4 .   ? 2.558   11.001  1.014   1.00 51.44  ? 1206 EDO A O1  1 
HETATM 1275 C C2  . EDO G 4 .   ? 3.223   12.550  -0.704  1.00 51.56  ? 1206 EDO A C2  1 
HETATM 1276 O O2  . EDO G 4 .   ? 2.728   13.811  -0.345  1.00 56.72  ? 1206 EDO A O2  1 
HETATM 1277 O O   . HOH H 5 .   ? -6.648  -1.130  -12.689 1.00 104.34 ? 1301 HOH A O   1 
HETATM 1278 O O   . HOH H 5 .   ? -8.316  7.837   20.982  1.00 51.72  ? 1302 HOH A O   1 
HETATM 1279 O O   . HOH H 5 .   ? -10.837 -2.542  23.765  1.00 62.11  ? 1303 HOH A O   1 
HETATM 1280 O O   . HOH H 5 .   ? 5.131   -5.534  5.198   1.00 52.87  ? 1304 HOH A O   1 
HETATM 1281 O O   . HOH H 5 .   ? -20.594 -11.607 23.300  1.00 55.74  ? 1305 HOH A O   1 
HETATM 1282 O O   . HOH H 5 .   ? 13.027  5.328   -12.284 1.00 47.03  ? 1306 HOH A O   1 
HETATM 1283 O O   . HOH H 5 .   ? -5.906  -11.793 -10.397 1.00 47.94  ? 1307 HOH A O   1 
HETATM 1284 O O   . HOH H 5 .   ? 7.784   11.927  3.972   1.00 34.60  ? 1308 HOH A O   1 
HETATM 1285 O O   . HOH H 5 .   ? 5.639   3.539   10.712  1.00 38.70  ? 1309 HOH A O   1 
HETATM 1286 O O   . HOH H 5 .   ? 22.202  -2.287  -11.257 1.00 46.98  ? 1310 HOH A O   1 
HETATM 1287 O O   . HOH H 5 .   ? 21.117  -2.270  -17.243 1.00 69.09  ? 1311 HOH A O   1 
HETATM 1288 O O   . HOH H 5 .   ? 6.664   10.441  6.626   1.00 45.36  ? 1312 HOH A O   1 
HETATM 1289 O O   . HOH H 5 .   ? 2.581   5.984   -20.813 1.00 45.61  ? 1313 HOH A O   1 
HETATM 1290 O O   . HOH H 5 .   ? -1.175  9.175   -11.039 1.00 48.27  ? 1314 HOH A O   1 
HETATM 1291 O O   . HOH H 5 .   ? 4.821   8.483   5.994   1.00 36.55  ? 1315 HOH A O   1 
HETATM 1292 O O   . HOH H 5 .   ? 0.219   0.739   12.980  1.00 30.64  ? 1316 HOH A O   1 
HETATM 1293 O O   . HOH H 5 .   ? -6.899  3.788   10.696  1.00 33.73  ? 1317 HOH A O   1 
HETATM 1294 O O   . HOH H 5 .   ? 16.834  -4.619  -2.420  1.00 53.84  ? 1318 HOH A O   1 
HETATM 1295 O O   . HOH H 5 .   ? -5.123  -0.402  20.312  1.00 44.94  ? 1319 HOH A O   1 
HETATM 1296 O O   . HOH H 5 .   ? 13.812  -15.340 -8.886  1.00 42.05  ? 1320 HOH A O   1 
HETATM 1297 O O   . HOH H 5 .   ? -3.229  9.096   5.498   1.00 33.40  ? 1321 HOH A O   1 
HETATM 1298 O O   . HOH H 5 .   ? 22.549  -6.016  -6.979  1.00 37.08  ? 1322 HOH A O   1 
HETATM 1299 O O   . HOH H 5 .   ? 10.845  6.794   -16.277 1.00 58.74  ? 1323 HOH A O   1 
HETATM 1300 O O   . HOH H 5 .   ? -20.455 0.156   17.229  1.00 50.20  ? 1324 HOH A O   1 
HETATM 1301 O O   . HOH H 5 .   ? 4.182   -1.778  7.700   1.00 25.83  ? 1325 HOH A O   1 
HETATM 1302 O O   . HOH H 5 .   ? -4.095  -13.219 0.689   1.00 29.33  ? 1326 HOH A O   1 
HETATM 1303 O O   . HOH H 5 .   ? -9.225  -8.306  -9.032  1.00 48.41  ? 1327 HOH A O   1 
HETATM 1304 O O   . HOH H 5 .   ? 12.648  -4.190  -0.857  1.00 44.04  ? 1328 HOH A O   1 
HETATM 1305 O O   . HOH H 5 .   ? -1.615  -4.884  -12.370 1.00 39.82  ? 1329 HOH A O   1 
HETATM 1306 O O   . HOH H 5 .   ? -11.304 -9.432  -2.239  1.00 35.77  ? 1330 HOH A O   1 
HETATM 1307 O O   . HOH H 5 .   ? -12.734 8.122   -2.075  1.00 62.83  ? 1331 HOH A O   1 
HETATM 1308 O O   . HOH H 5 .   ? -17.134 -4.802  -2.767  1.00 60.23  ? 1332 HOH A O   1 
HETATM 1309 O O   . HOH H 5 .   ? 7.458   1.442   2.239   1.00 41.49  ? 1333 HOH A O   1 
HETATM 1310 O O   . HOH H 5 .   ? 21.857  -8.011  -4.977  1.00 44.62  ? 1334 HOH A O   1 
HETATM 1311 O O   . HOH H 5 .   ? 6.917   8.266   -20.105 1.00 54.79  ? 1335 HOH A O   1 
HETATM 1312 O O   . HOH H 5 .   ? 5.601   4.825   4.798   1.00 38.21  ? 1336 HOH A O   1 
HETATM 1313 O O   . HOH H 5 .   ? -20.927 -4.143  22.031  1.00 34.33  ? 1337 HOH A O   1 
HETATM 1314 O O   . HOH H 5 .   ? 10.771  11.374  -4.520  1.00 59.71  ? 1338 HOH A O   1 
HETATM 1315 O O   . HOH H 5 .   ? -19.808 -5.452  13.015  1.00 32.10  ? 1339 HOH A O   1 
HETATM 1316 O O   . HOH H 5 .   ? -9.599  13.493  4.235   1.00 58.52  ? 1340 HOH A O   1 
HETATM 1317 O O   . HOH H 5 .   ? -7.953  -12.172 7.366   1.00 72.18  ? 1341 HOH A O   1 
HETATM 1318 O O   . HOH H 5 .   ? -1.412  1.419   -14.275 1.00 17.97  ? 1342 HOH A O   1 
HETATM 1319 O O   . HOH H 5 .   ? 0.366   11.437  13.492  1.00 50.36  ? 1343 HOH A O   1 
HETATM 1320 O O   . HOH H 5 .   ? 20.729  -12.592 -5.557  1.00 45.28  ? 1344 HOH A O   1 
HETATM 1321 O O   . HOH H 5 .   ? -9.839  -11.324 4.592   1.00 63.99  ? 1345 HOH A O   1 
HETATM 1322 O O   . HOH H 5 .   ? 10.895  -12.764 -5.921  1.00 47.38  ? 1346 HOH A O   1 
HETATM 1323 O O   . HOH H 5 .   ? -3.460  -15.403 -5.120  1.00 37.52  ? 1347 HOH A O   1 
HETATM 1324 O O   . HOH H 5 .   ? -3.948  5.471   8.619   1.00 27.02  ? 1348 HOH A O   1 
HETATM 1325 O O   . HOH H 5 .   ? 7.396   -8.234  -17.214 1.00 30.90  ? 1349 HOH A O   1 
HETATM 1326 O O   . HOH H 5 .   ? 14.581  2.098   -2.071  1.00 64.17  ? 1350 HOH A O   1 
HETATM 1327 O O   . HOH H 5 .   ? -11.949 -3.837  -7.693  1.00 37.61  ? 1351 HOH A O   1 
HETATM 1328 O O   . HOH H 5 .   ? 21.617  0.961   -10.442 1.00 57.64  ? 1352 HOH A O   1 
HETATM 1329 O O   . HOH H 5 .   ? 2.261   9.488   7.070   1.00 37.72  ? 1353 HOH A O   1 
HETATM 1330 O O   . HOH H 5 .   ? -1.622  12.466  -1.488  1.00 46.43  ? 1354 HOH A O   1 
HETATM 1331 O O   . HOH H 5 .   ? -11.539 -10.043 6.625   1.00 32.43  ? 1355 HOH A O   1 
HETATM 1332 O O   . HOH H 5 .   ? 11.800  5.782   -1.250  1.00 56.73  ? 1356 HOH A O   1 
HETATM 1333 O O   . HOH H 5 .   ? 19.443  4.633   -14.654 1.00 60.85  ? 1357 HOH A O   1 
HETATM 1334 O O   . HOH H 5 .   ? 0.362   12.016  -8.092  1.00 41.45  ? 1358 HOH A O   1 
HETATM 1335 O O   . HOH H 5 .   ? -6.121  13.684  13.862  1.00 45.54  ? 1359 HOH A O   1 
HETATM 1336 O O   . HOH H 5 .   ? -11.512 7.620   6.182   0.39 33.45  ? 1360 HOH A O   1 
HETATM 1337 O O   . HOH H 5 .   ? -1.965  -3.293  14.764  1.00 48.36  ? 1361 HOH A O   1 
HETATM 1338 O O   . HOH H 5 .   ? -6.382  4.468   5.997   1.00 27.42  ? 1362 HOH A O   1 
HETATM 1339 O O   . HOH H 5 .   ? 1.803   -6.317  -15.148 1.00 22.22  ? 1363 HOH A O   1 
HETATM 1340 O O   . HOH H 5 .   ? 8.427   4.981   1.732   1.00 50.62  ? 1364 HOH A O   1 
HETATM 1341 O O   . HOH H 5 .   ? 3.723   -8.375  6.785   1.00 62.16  ? 1365 HOH A O   1 
HETATM 1342 O O   . HOH H 5 .   ? -8.727  -5.937  19.173  1.00 54.19  ? 1366 HOH A O   1 
HETATM 1343 O O   . HOH H 5 .   ? 1.294   4.340   12.745  1.00 23.82  ? 1367 HOH A O   1 
HETATM 1344 O O   . HOH H 5 .   ? -0.054  5.899   20.296  1.00 54.21  ? 1368 HOH A O   1 
HETATM 1345 O O   . HOH H 5 .   ? -13.973 2.463   -2.350  1.00 29.14  ? 1369 HOH A O   1 
HETATM 1346 O O   . HOH H 5 .   ? 1.815   11.950  16.954  1.00 80.26  ? 1370 HOH A O   1 
HETATM 1347 O O   . HOH H 5 .   ? 8.509   2.278   -20.308 0.50 39.37  ? 1371 HOH A O   1 
HETATM 1348 O O   . HOH H 5 .   ? 0.730   -8.849  -14.428 1.00 31.25  ? 1372 HOH A O   1 
HETATM 1349 O O   . HOH H 5 .   ? 11.908  4.909   -14.233 1.00 32.34  ? 1373 HOH A O   1 
HETATM 1350 O O   . HOH H 5 .   ? 3.546   11.404  14.253  1.00 39.34  ? 1374 HOH A O   1 
HETATM 1351 O O   . HOH H 5 .   ? -3.493  12.010  -0.049  1.00 51.19  ? 1375 HOH A O   1 
HETATM 1352 O O   . HOH H 5 .   ? 13.516  6.966   -6.377  1.00 65.42  ? 1376 HOH A O   1 
HETATM 1353 O O   . HOH H 5 .   ? 8.407   4.533   8.432   1.00 72.65  ? 1377 HOH A O   1 
HETATM 1354 O O   . HOH H 5 .   ? 6.679   -5.965  2.854   1.00 41.78  ? 1378 HOH A O   1 
HETATM 1355 O O   . HOH H 5 .   ? 21.680  -8.635  -10.921 1.00 28.91  ? 1379 HOH A O   1 
HETATM 1356 O O   . HOH H 5 .   ? -6.999  -4.844  17.379  1.00 41.45  ? 1380 HOH A O   1 
HETATM 1357 O O   . HOH H 5 .   ? -15.026 -12.868 21.997  1.00 66.24  ? 1381 HOH A O   1 
HETATM 1358 O O   . HOH H 5 .   ? -7.930  -12.528 -12.179 1.00 62.37  ? 1382 HOH A O   1 
HETATM 1359 O O   . HOH H 5 .   ? -15.345 1.231   3.741   1.00 29.83  ? 1383 HOH A O   1 
HETATM 1360 O O   . HOH H 5 .   ? 5.465   -10.206 -15.943 1.00 59.71  ? 1384 HOH A O   1 
HETATM 1361 O O   . HOH H 5 .   ? 2.571   -2.214  9.784   1.00 32.97  ? 1385 HOH A O   1 
HETATM 1362 O O   . HOH H 5 .   ? -18.825 1.717   1.408   1.00 48.34  ? 1386 HOH A O   1 
HETATM 1363 O O   . HOH H 5 .   ? -5.942  2.908   8.273   1.00 25.00  ? 1387 HOH A O   1 
HETATM 1364 O O   . HOH H 5 .   ? 5.756   1.381   5.712   1.00 44.56  ? 1388 HOH A O   1 
HETATM 1365 O O   . HOH H 5 .   ? 12.365  -5.331  -17.058 1.00 46.07  ? 1389 HOH A O   1 
HETATM 1366 O O   . HOH H 5 .   ? -12.377 5.443   -4.931  1.00 51.13  ? 1390 HOH A O   1 
HETATM 1367 O O   . HOH H 5 .   ? 5.228   11.199  -11.726 1.00 40.80  ? 1391 HOH A O   1 
HETATM 1368 O O   . HOH H 5 .   ? -0.684  -5.457  8.744   1.00 37.99  ? 1392 HOH A O   1 
HETATM 1369 O O   . HOH H 5 .   ? -5.526  8.455   -8.708  1.00 62.96  ? 1393 HOH A O   1 
HETATM 1370 O O   . HOH H 5 .   ? -3.467  10.719  -4.989  1.00 34.41  ? 1394 HOH A O   1 
HETATM 1371 O O   . HOH H 5 .   ? -0.643  13.054  8.915   1.00 54.69  ? 1395 HOH A O   1 
HETATM 1372 O O   . HOH H 5 .   ? 1.686   -12.305 -2.069  1.00 37.62  ? 1396 HOH A O   1 
HETATM 1373 O O   . HOH H 5 .   ? -13.466 -8.009  19.660  1.00 34.44  ? 1397 HOH A O   1 
HETATM 1374 O O   . HOH H 5 .   ? -19.862 -6.735  17.709  1.00 26.76  ? 1398 HOH A O   1 
HETATM 1375 O O   . HOH H 5 .   ? 7.289   4.361   -6.964  1.00 21.62  ? 1399 HOH A O   1 
HETATM 1376 O O   . HOH H 5 .   ? -10.042 -6.153  -9.618  1.00 39.69  ? 1400 HOH A O   1 
HETATM 1377 O O   . HOH H 5 .   ? 4.344   -6.760  -19.001 1.00 20.50  ? 1401 HOH A O   1 
HETATM 1378 O O   . HOH H 5 .   ? -15.229 7.670   7.247   1.00 77.44  ? 1402 HOH A O   1 
HETATM 1379 O O   . HOH H 5 .   ? -16.416 -8.902  25.708  1.00 46.46  ? 1403 HOH A O   1 
HETATM 1380 O O   . HOH H 5 .   ? -6.225  -11.833 9.910   1.00 71.46  ? 1404 HOH A O   1 
HETATM 1381 O O   . HOH H 5 .   ? 12.357  -11.397 -4.726  1.00 59.66  ? 1405 HOH A O   1 
HETATM 1382 O O   . HOH H 5 .   ? 2.230   -2.923  14.242  1.00 69.92  ? 1406 HOH A O   1 
HETATM 1383 O O   . HOH H 5 .   ? 12.027  9.926   -0.854  1.00 69.71  ? 1407 HOH A O   1 
HETATM 1384 O O   . HOH H 5 .   ? -13.563 -8.450  12.768  1.00 40.90  ? 1408 HOH A O   1 
HETATM 1385 O O   . HOH H 5 .   ? 6.357   -16.339 -11.338 0.34 45.45  ? 1409 HOH A O   1 
HETATM 1386 O O   . HOH H 5 .   ? -15.033 -9.119  2.926   1.00 29.65  ? 1410 HOH A O   1 
HETATM 1387 O O   . HOH H 5 .   ? -15.562 0.712   8.219   1.00 38.43  ? 1411 HOH A O   1 
HETATM 1388 O O   . HOH H 5 .   ? -17.413 -2.924  -4.973  1.00 40.76  ? 1412 HOH A O   1 
HETATM 1389 O O   . HOH H 5 .   ? 10.024  4.135   -9.105  1.00 26.09  ? 1413 HOH A O   1 
HETATM 1390 O O   . HOH H 5 .   ? -12.473 -11.199 0.603   1.00 56.49  ? 1414 HOH A O   1 
HETATM 1391 O O   . HOH H 5 .   ? 2.589   12.537  -6.526  1.00 30.41  ? 1415 HOH A O   1 
HETATM 1392 O O   . HOH H 5 .   ? 23.699  -1.257  -14.543 1.00 62.35  ? 1416 HOH A O   1 
HETATM 1393 O O   . HOH H 5 .   ? 16.874  -4.066  -16.011 1.00 35.44  ? 1417 HOH A O   1 
HETATM 1394 O O   . HOH H 5 .   ? 8.732   11.918  -9.522  1.00 54.46  ? 1418 HOH A O   1 
HETATM 1395 O O   . HOH H 5 .   ? -6.203  -15.072 -6.270  1.00 70.38  ? 1419 HOH A O   1 
HETATM 1396 O O   . HOH H 5 .   ? 1.070   4.416   15.538  1.00 30.99  ? 1420 HOH A O   1 
HETATM 1397 O O   . HOH H 5 .   ? -17.055 -1.797  22.604  1.00 60.26  ? 1421 HOH A O   1 
HETATM 1398 O O   . HOH H 5 .   ? -2.545  -12.421 3.424   1.00 60.27  ? 1422 HOH A O   1 
HETATM 1399 O O   . HOH H 5 .   ? -14.161 -11.771 24.287  1.00 68.68  ? 1423 HOH A O   1 
HETATM 1400 O O   . HOH H 5 .   ? -15.008 2.253   14.910  1.00 61.28  ? 1424 HOH A O   1 
HETATM 1401 O O   . HOH H 5 .   ? -12.207 -6.728  21.229  1.00 52.50  ? 1425 HOH A O   1 
HETATM 1402 O O   . HOH H 5 .   ? 12.988  3.628   -23.258 1.00 89.69  ? 1426 HOH A O   1 
HETATM 1403 O O   . HOH H 5 .   ? 9.177   3.301   0.479   1.00 47.98  ? 1427 HOH A O   1 
HETATM 1404 O O   . HOH H 5 .   ? -0.237  14.829  -0.983  1.00 49.65  ? 1428 HOH A O   1 
HETATM 1405 O O   . HOH H 5 .   ? 5.715   -8.113  2.466   1.00 47.80  ? 1429 HOH A O   1 
HETATM 1406 O O   . HOH H 5 .   ? -16.389 2.983   -5.985  1.00 56.40  ? 1430 HOH A O   1 
HETATM 1407 O O   . HOH H 5 .   ? 14.365  -3.968  -18.895 1.00 55.81  ? 1431 HOH A O   1 
HETATM 1408 O O   . HOH H 5 .   ? 15.148  -14.075 -2.819  1.00 77.33  ? 1432 HOH A O   1 
HETATM 1409 O O   . HOH H 5 .   ? -14.202 -3.771  24.266  1.00 27.42  ? 1433 HOH A O   1 
HETATM 1410 O O   . HOH H 5 .   ? 17.723  4.775   -7.098  1.00 55.43  ? 1434 HOH A O   1 
HETATM 1411 O O   . HOH H 5 .   ? 21.693  2.843   -21.042 1.00 69.99  ? 1435 HOH A O   1 
HETATM 1412 O O   . HOH H 5 .   ? -10.613 -5.364  -4.960  1.00 41.53  ? 1436 HOH A O   1 
HETATM 1413 O O   . HOH H 5 .   ? 0.701   -9.253  6.371   1.00 56.12  ? 1437 HOH A O   1 
HETATM 1414 O O   . HOH H 5 .   ? 6.931   2.557   7.570   1.00 75.15  ? 1438 HOH A O   1 
HETATM 1415 O O   . HOH H 5 .   ? -5.145  8.335   7.420   1.00 34.24  ? 1439 HOH A O   1 
HETATM 1416 O O   . HOH H 5 .   ? -3.966  2.215   -13.274 1.00 29.90  ? 1440 HOH A O   1 
HETATM 1417 O O   . HOH H 5 .   ? 4.637   -13.235 -6.538  1.00 62.37  ? 1441 HOH A O   1 
HETATM 1418 O O   . HOH H 5 .   ? 11.947  11.893  1.644   1.00 57.89  ? 1442 HOH A O   1 
HETATM 1419 O O   . HOH H 5 .   ? -10.209 -10.855 1.274   1.00 55.28  ? 1443 HOH A O   1 
HETATM 1420 O O   . HOH H 5 .   ? -20.805 1.188   5.701   1.00 52.70  ? 1444 HOH A O   1 
HETATM 1421 O O   . HOH H 5 .   ? -5.046  -3.678  18.895  1.00 68.77  ? 1445 HOH A O   1 
HETATM 1422 O O   . HOH H 5 .   ? 5.044   11.145  19.290  1.00 55.91  ? 1446 HOH A O   1 
HETATM 1423 O O   . HOH H 5 .   ? -8.833  -8.321  14.042  1.00 45.28  ? 1447 HOH A O   1 
HETATM 1424 O O   . HOH H 5 .   ? -10.042 -9.325  15.892  1.00 78.44  ? 1448 HOH A O   1 
HETATM 1425 O O   . HOH H 5 .   ? 5.406   -4.377  7.428   1.00 40.46  ? 1449 HOH A O   1 
HETATM 1426 O O   . HOH H 5 .   ? -6.312  5.884   -4.904  1.00 49.57  ? 1450 HOH A O   1 
HETATM 1427 O O   . HOH H 5 .   ? 14.115  7.699   -9.165  1.00 68.05  ? 1451 HOH A O   1 
HETATM 1428 O O   . HOH H 5 .   ? 12.689  5.147   -9.744  1.00 34.17  ? 1452 HOH A O   1 
HETATM 1429 O O   . HOH H 5 .   ? -6.537  -12.464 -6.785  1.00 67.46  ? 1453 HOH A O   1 
HETATM 1430 O O   . HOH H 5 .   ? -16.829 5.711   3.950   1.00 54.06  ? 1454 HOH A O   1 
HETATM 1431 O O   . HOH H 5 .   ? -8.435  -12.384 -0.614  1.00 46.27  ? 1455 HOH A O   1 
HETATM 1432 O O   . HOH H 5 .   ? 24.861  -4.813  -5.801  1.00 58.15  ? 1456 HOH A O   1 
HETATM 1433 O O   . HOH H 5 .   ? -21.109 0.341   19.952  1.00 72.60  ? 1457 HOH A O   1 
HETATM 1434 O O   . HOH H 5 .   ? -5.758  9.093   -5.955  1.00 52.41  ? 1458 HOH A O   1 
HETATM 1435 O O   . HOH H 5 .   ? -18.017 2.617   3.679   1.00 49.58  ? 1459 HOH A O   1 
HETATM 1436 O O   . HOH H 5 .   ? -11.223 -9.261  11.595  1.00 54.58  ? 1460 HOH A O   1 
HETATM 1437 O O   . HOH H 5 .   ? -2.241  11.633  -7.087  1.00 51.27  ? 1461 HOH A O   1 
HETATM 1438 O O   . HOH H 5 .   ? 4.246   13.361  -8.568  1.00 32.80  ? 1462 HOH A O   1 
HETATM 1439 O O   . HOH H 5 .   ? -2.240  -14.695 -0.819  1.00 35.04  ? 1463 HOH A O   1 
HETATM 1440 O O   . HOH H 5 .   ? -12.465 10.367  9.386   0.39 47.13  ? 1464 HOH A O   1 
HETATM 1441 O O   . HOH H 5 .   ? 3.882   -0.862  11.743  1.00 53.12  ? 1465 HOH A O   1 
HETATM 1442 O O   . HOH H 5 .   ? 3.629   -13.121 -3.862  1.00 51.52  ? 1466 HOH A O   1 
HETATM 1443 O O   . HOH H 5 .   ? -6.194  -14.604 0.600   1.00 50.85  ? 1467 HOH A O   1 
HETATM 1444 O O   . HOH H 5 .   ? -13.515 -12.207 -0.695  1.00 64.10  ? 1468 HOH A O   1 
HETATM 1445 O O   . HOH H 5 .   ? -2.039  -6.176  10.605  1.00 46.69  ? 1469 HOH A O   1 
HETATM 1446 O O   . HOH H 5 .   ? -2.020  -17.461 -6.689  1.00 50.48  ? 1470 HOH A O   1 
HETATM 1447 O O   . HOH H 5 .   ? 5.748   0.192   8.252   1.00 57.11  ? 1471 HOH A O   1 
HETATM 1448 O O   . HOH H 5 .   ? -20.681 -0.572  1.467   1.00 57.44  ? 1472 HOH A O   1 
HETATM 1449 O O   . HOH H 5 .   ? -8.390  -2.006  24.407  1.00 56.99  ? 1473 HOH A O   1 
HETATM 1450 O O   . HOH H 5 .   ? -11.296 -8.888  -4.928  1.00 62.52  ? 1474 HOH A O   1 
HETATM 1451 O O   . HOH H 5 .   ? -13.472 -11.079 3.562   1.00 40.32  ? 1475 HOH A O   1 
HETATM 1452 O O   . HOH H 5 .   ? -1.905  -2.748  -16.192 1.00 24.81  ? 1476 HOH A O   1 
HETATM 1453 O O   . HOH H 5 .   ? 11.149  8.933   -15.245 1.00 59.84  ? 1477 HOH A O   1 
HETATM 1454 O O   . HOH H 5 .   ? 12.316  6.734   4.734   1.00 68.22  ? 1478 HOH A O   1 
HETATM 1455 O O   . HOH H 5 .   ? 0.628   -14.340 -0.331  1.00 48.19  ? 1479 HOH A O   1 
HETATM 1456 O O   . HOH H 5 .   ? -14.692 -3.726  -7.371  1.00 71.44  ? 1480 HOH A O   1 
HETATM 1457 O O   . HOH H 5 .   ? -10.962 -10.894 9.252   1.00 64.54  ? 1481 HOH A O   1 
HETATM 1458 O O   . HOH H 5 .   ? -6.806  -7.317  15.991  1.00 52.99  ? 1482 HOH A O   1 
HETATM 1459 O O   . HOH H 5 .   ? 2.196   -5.153  10.124  1.00 55.68  ? 1483 HOH A O   1 
HETATM 1460 O O   . HOH H 5 .   ? 21.999  -10.885 -4.022  1.00 58.54  ? 1484 HOH A O   1 
HETATM 1461 O O   . HOH H 5 .   ? 3.870   3.512   12.751  1.00 35.21  ? 1485 HOH A O   1 
HETATM 1462 O O   . HOH H 5 .   ? -16.412 3.151   -3.325  1.00 48.23  ? 1486 HOH A O   1 
HETATM 1463 O O   . HOH H 5 .   ? -3.361  10.840  -9.766  1.00 68.11  ? 1487 HOH A O   1 
HETATM 1464 O O   . HOH H 5 .   ? -16.803 3.740   7.545   0.39 32.81  ? 1488 HOH A O   1 
HETATM 1465 O O   . HOH H 5 .   ? 3.085   0.780   13.078  1.00 43.51  ? 1489 HOH A O   1 
HETATM 1466 O O   . HOH H 5 .   ? -8.745  -12.307 -2.738  1.00 64.76  ? 1490 HOH A O   1 
HETATM 1467 O O   . HOH H 5 .   ? -10.515 7.242   -4.388  1.00 54.87  ? 1491 HOH A O   1 
HETATM 1468 O O   . HOH H 5 .   ? 3.005   4.045   17.078  1.00 74.02  ? 1492 HOH A O   1 
HETATM 1469 O O   . HOH H 5 .   ? 7.907   2.887   12.083  1.00 65.34  ? 1493 HOH A O   1 
HETATM 1470 O O   . HOH H 5 .   ? 5.911   0.981   10.494  1.00 60.36  ? 1494 HOH A O   1 
HETATM 1471 O O   . HOH H 5 .   ? 7.706   -12.568 -5.540  1.00 44.85  ? 1495 HOH A O   1 
HETATM 1472 O O   . HOH H 5 .   ? 6.429   14.670  -8.818  1.00 45.67  ? 1496 HOH A O   1 
HETATM 1473 O O   . HOH H 5 .   ? -19.767 -7.343  15.101  1.00 35.57  ? 1497 HOH A O   1 
HETATM 1474 O O   . HOH H 5 .   ? -3.573  -16.208 -2.566  1.00 40.14  ? 1498 HOH A O   1 
HETATM 1475 O O   . HOH H 5 .   ? -8.327  -11.441 -5.346  1.00 66.03  ? 1499 HOH A O   1 
HETATM 1476 O O   . HOH H 5 .   ? -0.568  -11.962 4.514   1.00 70.84  ? 1500 HOH A O   1 
HETATM 1477 O O   . HOH H 5 .   ? 1.485   -5.306  13.220  1.00 68.62  ? 1501 HOH A O   1 
HETATM 1478 O O   . HOH H 5 .   ? -1.261  -5.427  13.205  1.00 59.36  ? 1502 HOH A O   1 
HETATM 1479 O O   . HOH H 5 .   ? -4.557  8.344   -13.547 1.00 59.14  ? 1503 HOH A O   1 
HETATM 1480 O O   . HOH H 5 .   ? -10.004 -7.303  -6.355  1.00 54.77  ? 1504 HOH A O   1 
HETATM 1481 O O   . HOH H 5 .   ? 18.084  4.128   -4.877  1.00 68.49  ? 1505 HOH A O   1 
HETATM 1482 O O   . HOH H 5 .   ? -6.697  -9.446  13.229  1.00 62.52  ? 1506 HOH A O   1 
HETATM 1483 O O   . HOH H 5 .   ? 5.347   4.059   15.002  1.00 46.79  ? 1507 HOH A O   1 
HETATM 1484 O O   . HOH H 5 .   ? -6.208  -16.163 -1.420  1.00 56.10  ? 1508 HOH A O   1 
HETATM 1485 O O   . HOH H 5 .   ? -7.855  -15.228 -3.208  1.00 66.98  ? 1509 HOH A O   1 
# 
